data_6NVY
#
_entry.id   6NVY
#
_cell.length_a   172.996
_cell.length_b   172.996
_cell.length_c   209.566
_cell.angle_alpha   90.000
_cell.angle_beta   90.000
_cell.angle_gamma   120.000
#
_symmetry.space_group_name_H-M   'H 3'
#
loop_
_entity.id
_entity.type
_entity.pdbx_description
1 polymer 'Penicillin G acylase'
2 polymer 'Penicillin G acylase'
3 non-polymer 'CALCIUM ION'
4 non-polymer GLYCEROL
5 water water
#
loop_
_entity_poly.entity_id
_entity_poly.type
_entity_poly.pdbx_seq_one_letter_code
_entity_poly.pdbx_strand_id
1 'polypeptide(L)'
;KGYEKAGDVTVIRDQYGVPHLYAKNKQDLYKAYGYVMAKDRLFQLEMFRRGNEGTVSEVFGEEYLAKDEQSRRDGYSDEE
IKEMLNDLEDKPRAYIQQFAEGISLYVQEALKNPDEKLSKEFHDYKFLPRKWDATDVVRLYLVSMTYFMDNHQELTNAEI
LAKLEQTYGEEQAEKMFDDLVWKNDPEAPASIQAEDEAEEEKEGDKAVQPLS
;
A,C
2 'polypeptide(L)'
;SNAMIVGEDKSKTGNALLFSGPQVGFVAPGFLYEVGLHAPGFDMEGSGFIGYPFIMFGANKHIALTATAGYGNVTDIFEE
KLHPNDPTQYFYKGEWREMEKRTETFTVRGEDGKPEQVETVFYRTVHGPVISIDEERGVAYSKSWSFRGTEAQSMQAYMK
ANWAKNLKEFEEAASEYTMSLNWYYADKRGNIAYYHAGKQPVRNEEIDERLPTPGTGEYDWQGFQPFEQNPQAVNPDNGY
VVNWNNKPSQEWRNGERSFYWGKDNRVQQFINGMEEREKVDLEDLNEINYTASFAQLRTHYFKPLLIEVLKENQSDNESY
PYLIKQLEQWNNLKEDKNKDGLYDAGVAAFFDKWWSITHDELFAQPLGSVSNLTQEITDHRYGATLAYKILAGEETNYPW
MSKEEAEQIIINSADQALAELHEEKGTKAENWRMPIDTMTFGETSLIGVQHGYGSDTPIIEMNRGSENHYLEMTPSGPKG
FNITPPGQVGFIHKDGTVSEHYEDQVQMFANWEFKPFLFDRKEVREAAVSITDLNVSE
;
B,D
#
loop_
_chem_comp.id
_chem_comp.type
_chem_comp.name
_chem_comp.formula
CA non-polymer 'CALCIUM ION' 'Ca 2'
GOL non-polymer GLYCEROL 'C3 H8 O3'
#
# COMPACT_ATOMS: atom_id res chain seq x y z
N GLY A 7 -48.16 8.45 28.49
CA GLY A 7 -47.77 7.59 27.40
C GLY A 7 -46.66 6.62 27.79
N ASP A 8 -46.94 5.33 27.62
CA ASP A 8 -46.02 4.27 28.04
C ASP A 8 -45.88 3.25 26.92
N VAL A 9 -44.65 2.76 26.74
CA VAL A 9 -44.35 1.81 25.68
C VAL A 9 -43.53 0.66 26.26
N THR A 10 -43.86 -0.56 25.87
CA THR A 10 -43.13 -1.75 26.27
C THR A 10 -42.12 -2.12 25.18
N VAL A 11 -40.90 -2.45 25.61
CA VAL A 11 -39.83 -2.81 24.70
C VAL A 11 -39.38 -4.23 25.02
N ILE A 12 -39.41 -5.10 24.01
CA ILE A 12 -39.00 -6.50 24.15
C ILE A 12 -37.78 -6.71 23.27
N ARG A 13 -36.67 -7.12 23.87
CA ARG A 13 -35.44 -7.42 23.16
C ARG A 13 -35.33 -8.93 22.97
N ASP A 14 -35.06 -9.37 21.74
CA ASP A 14 -34.96 -10.79 21.46
C ASP A 14 -33.52 -11.26 21.63
N GLN A 15 -33.24 -12.51 21.27
CA GLN A 15 -31.92 -13.08 21.50
C GLN A 15 -30.83 -12.35 20.73
N TYR A 16 -31.20 -11.58 19.70
CA TYR A 16 -30.26 -10.81 18.92
C TYR A 16 -30.26 -9.33 19.30
N GLY A 17 -31.01 -8.96 20.33
CA GLY A 17 -31.08 -7.58 20.77
C GLY A 17 -32.01 -6.69 19.98
N VAL A 18 -32.77 -7.25 19.04
CA VAL A 18 -33.69 -6.43 18.25
C VAL A 18 -34.81 -5.93 19.14
N PRO A 19 -35.11 -4.62 19.16
CA PRO A 19 -36.20 -4.13 20.00
C PRO A 19 -37.55 -4.24 19.30
N HIS A 20 -38.53 -4.82 19.98
CA HIS A 20 -39.89 -4.89 19.48
C HIS A 20 -40.75 -3.99 20.36
N LEU A 21 -41.26 -2.91 19.79
CA LEU A 21 -41.98 -1.88 20.55
C LEU A 21 -43.47 -2.19 20.53
N TYR A 22 -44.10 -2.06 21.69
CA TYR A 22 -45.54 -2.22 21.82
C TYR A 22 -46.09 -0.98 22.53
N ALA A 23 -46.76 -0.12 21.77
CA ALA A 23 -47.24 1.17 22.24
C ALA A 23 -48.76 1.21 22.17
N LYS A 24 -49.32 2.23 22.82
CA LYS A 24 -50.76 2.44 22.81
C LYS A 24 -51.21 3.34 21.67
N ASN A 25 -50.29 4.05 21.03
CA ASN A 25 -50.61 4.92 19.91
C ASN A 25 -49.32 5.14 19.12
N LYS A 26 -49.48 5.72 17.92
CA LYS A 26 -48.32 5.94 17.07
C LYS A 26 -47.42 7.04 17.61
N GLN A 27 -48.00 8.04 18.28
CA GLN A 27 -47.20 9.12 18.84
C GLN A 27 -46.17 8.60 19.83
N ASP A 28 -46.59 7.72 20.74
CA ASP A 28 -45.64 7.08 21.65
C ASP A 28 -44.75 6.10 20.91
N LEU A 29 -45.31 5.36 19.95
CA LEU A 29 -44.54 4.38 19.19
C LEU A 29 -43.32 5.02 18.56
N TYR A 30 -43.51 6.13 17.85
CA TYR A 30 -42.40 6.73 17.12
C TYR A 30 -41.39 7.36 18.06
N LYS A 31 -41.82 7.83 19.23
CA LYS A 31 -40.85 8.34 20.19
C LYS A 31 -39.97 7.22 20.72
N ALA A 32 -40.56 6.08 21.06
CA ALA A 32 -39.77 4.91 21.44
C ALA A 32 -38.89 4.46 20.28
N TYR A 33 -39.40 4.59 19.05
CA TYR A 33 -38.61 4.26 17.87
C TYR A 33 -37.28 5.01 17.88
N GLY A 34 -37.33 6.33 17.99
CA GLY A 34 -36.10 7.11 18.02
C GLY A 34 -35.25 6.81 19.24
N TYR A 35 -35.87 6.51 20.37
CA TYR A 35 -35.12 6.28 21.60
C TYR A 35 -34.26 5.03 21.49
N VAL A 36 -34.86 3.91 21.06
CA VAL A 36 -34.11 2.66 20.99
C VAL A 36 -33.04 2.74 19.92
N MET A 37 -33.31 3.46 18.83
CA MET A 37 -32.28 3.63 17.80
C MET A 37 -31.14 4.49 18.31
N ALA A 38 -31.45 5.55 19.04
CA ALA A 38 -30.41 6.35 19.68
C ALA A 38 -29.63 5.52 20.70
N LYS A 39 -30.34 4.74 21.51
CA LYS A 39 -29.67 3.92 22.52
C LYS A 39 -28.72 2.92 21.88
N ASP A 40 -29.04 2.41 20.69
CA ASP A 40 -28.23 1.41 20.02
C ASP A 40 -27.14 2.01 19.14
N ARG A 41 -27.33 3.22 18.61
CA ARG A 41 -26.46 3.74 17.56
C ARG A 41 -26.17 5.23 17.72
N LEU A 42 -26.14 5.74 18.94
CA LEU A 42 -26.06 7.19 19.13
C LEU A 42 -24.89 7.79 18.37
N PHE A 43 -23.68 7.25 18.59
CA PHE A 43 -22.51 7.82 17.94
C PHE A 43 -22.62 7.78 16.42
N GLN A 44 -23.26 6.73 15.89
CA GLN A 44 -23.47 6.64 14.44
C GLN A 44 -24.43 7.73 13.97
N LEU A 45 -25.53 7.93 14.70
CA LEU A 45 -26.47 8.99 14.34
C LEU A 45 -25.80 10.36 14.39
N GLU A 46 -25.00 10.60 15.43
CA GLU A 46 -24.33 11.89 15.56
C GLU A 46 -23.44 12.18 14.35
N MET A 47 -22.65 11.19 13.94
CA MET A 47 -21.73 11.41 12.82
C MET A 47 -22.48 11.55 11.50
N PHE A 48 -23.61 10.83 11.34
CA PHE A 48 -24.41 11.00 10.14
C PHE A 48 -25.00 12.41 10.07
N ARG A 49 -25.48 12.94 11.21
CA ARG A 49 -25.96 14.31 11.23
C ARG A 49 -24.83 15.29 10.96
N ARG A 50 -23.67 15.08 11.60
CA ARG A 50 -22.53 15.95 11.35
C ARG A 50 -22.11 15.90 9.89
N GLY A 51 -22.22 14.73 9.26
CA GLY A 51 -21.92 14.63 7.84
C GLY A 51 -22.79 15.56 7.01
N ASN A 52 -24.11 15.48 7.21
CA ASN A 52 -25.02 16.31 6.44
C ASN A 52 -24.82 17.79 6.73
N GLU A 53 -24.66 18.13 8.01
CA GLU A 53 -24.46 19.53 8.39
C GLU A 53 -23.07 20.05 8.04
N GLY A 54 -22.15 19.18 7.63
CA GLY A 54 -20.80 19.61 7.33
C GLY A 54 -20.04 20.05 8.55
N THR A 55 -20.20 19.35 9.68
CA THR A 55 -19.49 19.66 10.91
C THR A 55 -18.60 18.50 11.37
N VAL A 56 -18.28 17.59 10.45
CA VAL A 56 -17.40 16.48 10.79
C VAL A 56 -16.02 17.00 11.20
N SER A 57 -15.53 18.04 10.52
CA SER A 57 -14.22 18.59 10.83
C SER A 57 -14.13 19.12 12.25
N GLU A 58 -15.28 19.45 12.87
CA GLU A 58 -15.25 19.94 14.25
C GLU A 58 -14.67 18.91 15.20
N VAL A 59 -14.75 17.62 14.85
CA VAL A 59 -14.30 16.56 15.75
C VAL A 59 -13.15 15.77 15.14
N PHE A 60 -13.14 15.62 13.82
CA PHE A 60 -12.13 14.81 13.15
C PHE A 60 -11.05 15.61 12.44
N GLY A 61 -11.16 16.93 12.41
CA GLY A 61 -10.06 17.76 11.93
C GLY A 61 -10.15 18.14 10.48
N GLU A 62 -9.04 18.71 9.98
CA GLU A 62 -9.01 19.33 8.66
C GLU A 62 -9.11 18.33 7.52
N GLU A 63 -8.94 17.03 7.78
CA GLU A 63 -9.06 16.04 6.72
C GLU A 63 -10.46 15.98 6.15
N TYR A 64 -11.46 16.41 6.91
CA TYR A 64 -12.86 16.39 6.48
C TYR A 64 -13.37 17.76 6.04
N LEU A 65 -12.48 18.74 5.88
CA LEU A 65 -12.93 20.08 5.52
C LEU A 65 -13.59 20.09 4.14
N ALA A 66 -12.95 19.47 3.15
CA ALA A 66 -13.53 19.46 1.81
C ALA A 66 -14.86 18.72 1.78
N LYS A 67 -14.96 17.63 2.55
CA LYS A 67 -16.22 16.89 2.64
C LYS A 67 -17.32 17.76 3.23
N ASP A 68 -17.01 18.46 4.34
CA ASP A 68 -17.99 19.34 4.94
C ASP A 68 -18.45 20.42 3.95
N GLU A 69 -17.50 21.02 3.22
CA GLU A 69 -17.86 22.07 2.28
C GLU A 69 -18.79 21.54 1.19
N GLN A 70 -18.53 20.34 0.68
CA GLN A 70 -19.39 19.75 -0.33
C GLN A 70 -20.79 19.50 0.22
N SER A 71 -20.87 19.01 1.47
CA SER A 71 -22.18 18.72 2.06
C SER A 71 -23.02 19.98 2.21
N ARG A 72 -22.40 21.08 2.65
CA ARG A 72 -23.15 22.32 2.79
C ARG A 72 -23.46 22.95 1.43
N ARG A 73 -22.54 22.79 0.47
CA ARG A 73 -22.74 23.37 -0.86
C ARG A 73 -24.08 22.94 -1.45
N ASP A 74 -24.38 21.64 -1.39
CA ASP A 74 -25.54 21.09 -2.06
C ASP A 74 -26.74 20.89 -1.15
N GLY A 75 -26.66 21.32 0.11
CA GLY A 75 -27.66 21.01 1.10
C GLY A 75 -28.69 22.11 1.31
N TYR A 76 -29.53 21.90 2.32
CA TYR A 76 -30.59 22.82 2.67
C TYR A 76 -30.30 23.47 4.02
N SER A 77 -30.74 24.72 4.16
CA SER A 77 -30.63 25.41 5.44
C SER A 77 -31.61 24.82 6.45
N ASP A 78 -31.41 25.16 7.71
CA ASP A 78 -32.35 24.74 8.75
C ASP A 78 -33.75 25.27 8.46
N GLU A 79 -33.84 26.47 7.91
CA GLU A 79 -35.15 27.07 7.66
C GLU A 79 -35.83 26.43 6.45
N GLU A 80 -35.05 26.05 5.43
CA GLU A 80 -35.63 25.39 4.27
C GLU A 80 -36.23 24.04 4.65
N ILE A 81 -35.57 23.32 5.57
CA ILE A 81 -36.12 22.04 6.02
C ILE A 81 -37.39 22.26 6.83
N LYS A 82 -37.45 23.37 7.58
CA LYS A 82 -38.69 23.70 8.30
C LYS A 82 -39.85 23.87 7.33
N GLU A 83 -39.63 24.54 6.21
CA GLU A 83 -40.68 24.70 5.21
C GLU A 83 -41.12 23.34 4.66
N MET A 84 -40.16 22.43 4.43
CA MET A 84 -40.50 21.10 3.98
C MET A 84 -41.38 20.38 5.01
N LEU A 85 -41.06 20.55 6.29
CA LEU A 85 -41.85 19.91 7.34
C LEU A 85 -43.24 20.52 7.43
N ASN A 86 -43.34 21.85 7.34
CA ASN A 86 -44.63 22.50 7.43
C ASN A 86 -45.59 22.01 6.35
N ASP A 87 -45.07 21.65 5.18
CA ASP A 87 -45.91 21.21 4.08
C ASP A 87 -46.33 19.75 4.19
N LEU A 88 -45.90 19.04 5.23
CA LEU A 88 -46.33 17.67 5.43
C LEU A 88 -47.72 17.63 6.06
N GLU A 89 -48.32 16.44 6.06
CA GLU A 89 -49.57 16.23 6.77
C GLU A 89 -49.32 16.20 8.28
N ASP A 90 -50.39 16.44 9.04
CA ASP A 90 -50.25 16.66 10.46
C ASP A 90 -49.65 15.45 11.18
N LYS A 91 -50.23 14.28 10.98
CA LYS A 91 -49.76 13.09 11.68
C LYS A 91 -48.31 12.76 11.36
N PRO A 92 -47.90 12.69 10.09
CA PRO A 92 -46.48 12.40 9.81
C PRO A 92 -45.51 13.40 10.42
N ARG A 93 -45.81 14.70 10.33
CA ARG A 93 -44.94 15.70 10.95
C ARG A 93 -44.79 15.44 12.44
N ALA A 94 -45.91 15.17 13.13
CA ALA A 94 -45.85 14.93 14.56
C ALA A 94 -45.01 13.70 14.89
N TYR A 95 -45.10 12.67 14.05
CA TYR A 95 -44.33 11.45 14.31
C TYR A 95 -42.83 11.70 14.13
N ILE A 96 -42.45 12.46 13.11
CA ILE A 96 -41.05 12.84 12.95
C ILE A 96 -40.58 13.61 14.18
N GLN A 97 -41.43 14.50 14.68
CA GLN A 97 -41.10 15.22 15.91
C GLN A 97 -40.92 14.26 17.08
N GLN A 98 -41.87 13.36 17.29
CA GLN A 98 -41.75 12.37 18.34
C GLN A 98 -40.50 11.52 18.15
N PHE A 99 -40.17 11.17 16.91
CA PHE A 99 -38.95 10.44 16.62
C PHE A 99 -37.73 11.22 17.12
N ALA A 100 -37.69 12.53 16.86
CA ALA A 100 -36.58 13.35 17.31
C ALA A 100 -36.52 13.43 18.83
N GLU A 101 -37.68 13.61 19.47
CA GLU A 101 -37.70 13.70 20.93
C GLU A 101 -37.23 12.39 21.57
N GLY A 102 -37.51 11.26 20.93
CA GLY A 102 -37.02 9.99 21.44
C GLY A 102 -35.51 9.90 21.40
N ILE A 103 -34.90 10.36 20.31
CA ILE A 103 -33.45 10.46 20.23
C ILE A 103 -32.95 11.41 21.31
N SER A 104 -33.51 12.62 21.34
CA SER A 104 -33.11 13.60 22.35
C SER A 104 -33.26 13.04 23.75
N LEU A 105 -34.23 12.14 23.96
CA LEU A 105 -34.44 11.59 25.30
C LEU A 105 -33.24 10.76 25.73
N TYR A 106 -32.78 9.83 24.88
CA TYR A 106 -31.62 9.03 25.25
C TYR A 106 -30.38 9.90 25.42
N VAL A 107 -30.27 10.97 24.63
CA VAL A 107 -29.14 11.89 24.81
C VAL A 107 -29.12 12.43 26.23
N GLN A 108 -30.25 13.03 26.67
CA GLN A 108 -30.36 13.48 28.05
C GLN A 108 -29.96 12.37 29.02
N GLU A 109 -30.55 11.19 28.86
CA GLU A 109 -30.22 10.05 29.71
C GLU A 109 -28.74 9.73 29.66
N ALA A 110 -28.14 9.74 28.46
CA ALA A 110 -26.74 9.37 28.32
C ALA A 110 -25.82 10.42 28.92
N LEU A 111 -26.19 11.70 28.79
CA LEU A 111 -25.34 12.76 29.30
C LEU A 111 -25.20 12.70 30.81
N LYS A 112 -26.25 12.26 31.52
CA LYS A 112 -26.22 12.19 32.97
C LYS A 112 -25.36 11.07 33.49
N ASN A 113 -24.96 10.12 32.64
CA ASN A 113 -24.11 9.01 33.06
C ASN A 113 -23.20 8.62 31.90
N PRO A 114 -22.26 9.50 31.54
CA PRO A 114 -21.51 9.29 30.28
C PRO A 114 -20.71 8.02 30.25
N ASP A 115 -19.98 7.71 31.33
CA ASP A 115 -19.05 6.58 31.29
C ASP A 115 -19.74 5.24 31.19
N GLU A 116 -21.06 5.17 31.38
CA GLU A 116 -21.80 3.92 31.19
C GLU A 116 -22.69 3.93 29.96
N LYS A 117 -23.16 5.09 29.51
CA LYS A 117 -24.16 5.15 28.45
C LYS A 117 -23.67 5.86 27.19
N LEU A 118 -22.41 6.27 27.13
CA LEU A 118 -21.83 6.82 25.91
C LEU A 118 -20.73 5.88 25.42
N SER A 119 -20.82 5.49 24.16
CA SER A 119 -19.88 4.53 23.59
C SER A 119 -18.47 5.10 23.58
N LYS A 120 -17.49 4.19 23.51
CA LYS A 120 -16.10 4.56 23.67
C LYS A 120 -15.67 5.65 22.68
N GLU A 121 -16.28 5.71 21.50
CA GLU A 121 -15.88 6.70 20.50
C GLU A 121 -15.98 8.11 21.05
N PHE A 122 -17.04 8.41 21.79
CA PHE A 122 -17.19 9.75 22.39
C PHE A 122 -16.02 10.05 23.31
N HIS A 123 -15.66 9.10 24.19
CA HIS A 123 -14.56 9.31 25.11
C HIS A 123 -13.25 9.49 24.37
N ASP A 124 -13.01 8.67 23.35
CA ASP A 124 -11.74 8.73 22.63
C ASP A 124 -11.56 10.06 21.91
N TYR A 125 -12.61 10.54 21.25
CA TYR A 125 -12.52 11.77 20.47
C TYR A 125 -12.92 13.01 21.26
N LYS A 126 -13.42 12.85 22.49
CA LYS A 126 -13.57 13.96 23.42
C LYS A 126 -14.62 14.95 22.95
N PHE A 127 -15.82 14.46 22.63
CA PHE A 127 -16.95 15.34 22.36
C PHE A 127 -18.23 14.61 22.76
N LEU A 128 -19.31 15.36 22.82
CA LEU A 128 -20.57 14.89 23.37
C LEU A 128 -21.66 14.87 22.32
N PRO A 129 -22.71 14.06 22.52
CA PRO A 129 -23.91 14.17 21.68
C PRO A 129 -24.70 15.42 22.03
N ARG A 130 -25.67 15.76 21.17
CA ARG A 130 -26.43 16.98 21.33
C ARG A 130 -27.90 16.69 21.06
N LYS A 131 -28.74 17.67 21.41
CA LYS A 131 -30.18 17.56 21.23
C LYS A 131 -30.52 17.42 19.75
N TRP A 132 -31.70 16.86 19.50
CA TRP A 132 -32.19 16.60 18.14
C TRP A 132 -33.56 17.23 17.95
N ASP A 133 -33.79 17.81 16.78
CA ASP A 133 -35.11 18.31 16.40
C ASP A 133 -35.55 17.66 15.10
N ALA A 134 -36.78 17.98 14.67
CA ALA A 134 -37.36 17.30 13.52
C ALA A 134 -36.55 17.54 12.25
N THR A 135 -35.91 18.71 12.13
CA THR A 135 -35.08 18.94 10.94
C THR A 135 -33.88 18.01 10.93
N ASP A 136 -33.29 17.74 12.11
CA ASP A 136 -32.16 16.82 12.18
C ASP A 136 -32.55 15.43 11.68
N VAL A 137 -33.80 15.01 11.93
CA VAL A 137 -34.24 13.72 11.43
C VAL A 137 -34.27 13.70 9.91
N VAL A 138 -34.74 14.80 9.30
CA VAL A 138 -34.71 14.90 7.85
C VAL A 138 -33.27 14.81 7.36
N ARG A 139 -32.33 15.40 8.09
CA ARG A 139 -30.93 15.37 7.68
C ARG A 139 -30.37 13.96 7.66
N LEU A 140 -30.83 13.10 8.58
CA LEU A 140 -30.41 11.70 8.54
C LEU A 140 -30.89 11.02 7.27
N TYR A 141 -31.99 11.50 6.69
CA TYR A 141 -32.50 10.97 5.44
C TYR A 141 -31.76 11.56 4.26
N LEU A 142 -31.55 12.87 4.26
CA LEU A 142 -30.82 13.53 3.19
C LEU A 142 -29.42 12.95 3.03
N VAL A 143 -28.74 12.66 4.14
CA VAL A 143 -27.32 12.33 4.07
C VAL A 143 -27.07 11.03 3.31
N SER A 144 -28.03 10.11 3.33
CA SER A 144 -27.85 8.81 2.71
C SER A 144 -28.67 8.63 1.43
N MET A 145 -29.94 8.98 1.45
CA MET A 145 -30.79 8.69 0.29
C MET A 145 -30.36 9.47 -0.93
N THR A 146 -29.78 10.67 -0.74
CA THR A 146 -29.34 11.47 -1.89
C THR A 146 -28.22 10.78 -2.66
N TYR A 147 -27.44 9.93 -1.98
CA TYR A 147 -26.28 9.30 -2.63
C TYR A 147 -26.70 8.46 -3.82
N PHE A 148 -27.87 7.82 -3.77
CA PHE A 148 -28.33 6.97 -4.86
C PHE A 148 -28.96 7.75 -6.00
N MET A 149 -29.27 9.03 -5.79
CA MET A 149 -29.90 9.86 -6.81
C MET A 149 -28.91 10.77 -7.52
N ASP A 150 -27.87 11.21 -6.82
CA ASP A 150 -27.00 12.28 -7.29
C ASP A 150 -25.90 11.72 -8.19
N ASN A 151 -25.58 12.46 -9.24
CA ASN A 151 -24.48 12.05 -10.11
C ASN A 151 -24.10 13.22 -11.01
N HIS A 152 -22.83 13.24 -11.42
CA HIS A 152 -22.31 14.24 -12.35
C HIS A 152 -21.83 13.58 -13.65
N GLN A 153 -22.41 12.42 -13.98
CA GLN A 153 -21.96 11.68 -15.16
C GLN A 153 -22.15 12.46 -16.45
N GLU A 154 -23.06 13.43 -16.48
CA GLU A 154 -23.17 14.27 -17.68
C GLU A 154 -21.86 14.98 -17.98
N LEU A 155 -21.14 15.40 -16.94
CA LEU A 155 -19.87 16.07 -17.14
C LEU A 155 -18.80 15.09 -17.62
N THR A 156 -18.74 13.92 -16.99
CA THR A 156 -17.77 12.91 -17.42
C THR A 156 -18.00 12.51 -18.87
N ASN A 157 -19.26 12.36 -19.28
CA ASN A 157 -19.57 12.03 -20.67
C ASN A 157 -19.09 13.12 -21.60
N ALA A 158 -19.30 14.39 -21.22
CA ALA A 158 -18.85 15.50 -22.06
C ALA A 158 -17.33 15.48 -22.21
N GLU A 159 -16.60 15.13 -21.15
CA GLU A 159 -15.15 15.01 -21.27
C GLU A 159 -14.76 13.85 -22.17
N ILE A 160 -15.45 12.72 -22.04
CA ILE A 160 -15.19 11.58 -22.91
C ILE A 160 -15.41 11.98 -24.37
N LEU A 161 -16.58 12.53 -24.67
CA LEU A 161 -16.90 12.90 -26.05
C LEU A 161 -15.93 13.96 -26.56
N ALA A 162 -15.61 14.96 -25.73
CA ALA A 162 -14.71 16.02 -26.18
C ALA A 162 -13.35 15.46 -26.58
N LYS A 163 -12.79 14.57 -25.77
CA LYS A 163 -11.48 14.00 -26.08
C LYS A 163 -11.55 13.05 -27.28
N LEU A 164 -12.62 12.25 -27.37
CA LEU A 164 -12.79 11.40 -28.53
C LEU A 164 -12.89 12.22 -29.81
N GLU A 165 -13.61 13.35 -29.76
CA GLU A 165 -13.68 14.23 -30.92
C GLU A 165 -12.30 14.76 -31.29
N GLN A 166 -11.49 15.13 -30.28
CA GLN A 166 -10.15 15.63 -30.55
C GLN A 166 -9.27 14.55 -31.17
N THR A 167 -9.58 13.28 -30.92
CA THR A 167 -8.76 12.18 -31.41
C THR A 167 -9.23 11.65 -32.76
N TYR A 168 -10.54 11.47 -32.92
CA TYR A 168 -11.10 10.75 -34.06
C TYR A 168 -11.95 11.61 -34.98
N GLY A 169 -12.18 12.87 -34.64
CA GLY A 169 -13.10 13.69 -35.40
C GLY A 169 -14.53 13.47 -34.95
N GLU A 170 -15.41 14.36 -35.42
CA GLU A 170 -16.77 14.40 -34.88
C GLU A 170 -17.57 13.17 -35.28
N GLU A 171 -17.48 12.74 -36.53
CA GLU A 171 -18.34 11.65 -36.98
C GLU A 171 -18.05 10.36 -36.23
N GLN A 172 -16.78 9.92 -36.23
CA GLN A 172 -16.45 8.67 -35.56
C GLN A 172 -16.61 8.80 -34.05
N ALA A 173 -16.30 9.99 -33.50
CA ALA A 173 -16.42 10.18 -32.06
C ALA A 173 -17.86 9.98 -31.59
N GLU A 174 -18.83 10.48 -32.36
CA GLU A 174 -20.23 10.28 -31.98
C GLU A 174 -20.62 8.80 -32.04
N LYS A 175 -20.13 8.08 -33.05
CA LYS A 175 -20.41 6.65 -33.14
C LYS A 175 -19.83 5.90 -31.95
N MET A 176 -18.55 6.16 -31.63
CA MET A 176 -17.96 5.54 -30.46
C MET A 176 -18.73 5.92 -29.19
N PHE A 177 -19.10 7.19 -29.06
CA PHE A 177 -19.87 7.63 -27.91
C PHE A 177 -21.21 6.91 -27.84
N ASP A 178 -21.87 6.73 -29.00
CA ASP A 178 -23.12 5.99 -29.02
C ASP A 178 -22.94 4.56 -28.54
N ASP A 179 -21.77 3.97 -28.75
CA ASP A 179 -21.52 2.61 -28.26
C ASP A 179 -21.15 2.59 -26.78
N LEU A 180 -20.54 3.66 -26.27
CA LEU A 180 -20.15 3.72 -24.87
C LEU A 180 -21.32 4.12 -23.98
N VAL A 181 -22.05 5.15 -24.37
CA VAL A 181 -23.18 5.66 -23.62
C VAL A 181 -24.37 5.74 -24.58
N TRP A 182 -25.07 4.62 -24.74
CA TRP A 182 -26.09 4.54 -25.76
C TRP A 182 -27.31 5.38 -25.39
N LYS A 183 -28.02 5.85 -26.41
CA LYS A 183 -29.33 6.44 -26.19
C LYS A 183 -30.30 5.40 -25.65
N ASN A 184 -30.15 4.16 -26.07
CA ASN A 184 -30.98 3.05 -25.61
C ASN A 184 -30.35 1.75 -26.04
N ASP A 185 -30.53 0.72 -25.22
CA ASP A 185 -30.22 -0.66 -25.60
C ASP A 185 -31.50 -1.46 -25.50
N PRO A 186 -32.20 -1.71 -26.62
CA PRO A 186 -33.48 -2.42 -26.55
C PRO A 186 -33.36 -3.87 -26.11
N GLU A 187 -32.14 -4.42 -26.03
CA GLU A 187 -31.93 -5.77 -25.54
C GLU A 187 -31.61 -5.81 -24.05
N ALA A 188 -31.59 -4.67 -23.38
CA ALA A 188 -31.28 -4.64 -21.96
C ALA A 188 -32.38 -5.34 -21.17
N PRO A 189 -32.05 -6.31 -20.31
CA PRO A 189 -33.10 -6.95 -19.51
C PRO A 189 -33.85 -5.93 -18.67
N ALA A 190 -35.18 -6.05 -18.68
CA ALA A 190 -36.06 -5.14 -17.97
C ALA A 190 -36.85 -5.89 -16.90
N SER A 191 -37.15 -5.19 -15.81
CA SER A 191 -37.85 -5.81 -14.70
C SER A 191 -39.29 -6.19 -15.06
N ILE A 192 -39.91 -5.42 -15.95
CA ILE A 192 -41.25 -5.73 -16.44
C ILE A 192 -41.28 -5.62 -17.96
N GLN A 193 -42.33 -6.17 -18.55
CA GLN A 193 -42.54 -6.10 -19.99
C GLN A 193 -44.00 -5.84 -20.26
N ALA A 194 -44.29 -4.83 -21.09
CA ALA A 194 -45.67 -4.48 -21.40
C ALA A 194 -46.45 -5.69 -21.90
N GLU A 195 -45.80 -6.56 -22.68
CA GLU A 195 -46.49 -7.72 -23.24
C GLU A 195 -46.93 -8.70 -22.18
N ASP A 196 -46.38 -8.61 -20.96
CA ASP A 196 -46.78 -9.47 -19.86
C ASP A 196 -48.03 -8.97 -19.14
N GLU A 197 -48.84 -8.12 -19.77
CA GLU A 197 -50.12 -7.71 -19.19
C GLU A 197 -51.19 -7.71 -20.27
N SER B 1 -28.14 -3.21 -5.37
CA SER B 1 -29.25 -3.81 -4.57
C SER B 1 -30.12 -4.71 -5.45
N ASN B 2 -30.53 -5.84 -4.92
CA ASN B 2 -31.40 -6.76 -5.65
C ASN B 2 -32.68 -7.00 -4.86
N ALA B 3 -33.68 -7.49 -5.57
CA ALA B 3 -35.00 -7.72 -5.02
C ALA B 3 -35.72 -8.74 -5.89
N MET B 4 -36.66 -9.45 -5.27
CA MET B 4 -37.52 -10.39 -5.98
C MET B 4 -38.89 -10.36 -5.35
N ILE B 5 -39.92 -10.38 -6.19
CA ILE B 5 -41.29 -10.62 -5.74
C ILE B 5 -41.87 -11.74 -6.59
N VAL B 6 -42.65 -12.60 -5.96
CA VAL B 6 -43.19 -13.80 -6.59
C VAL B 6 -44.67 -13.85 -6.31
N GLY B 7 -45.48 -13.91 -7.36
CA GLY B 7 -46.91 -14.03 -7.20
C GLY B 7 -47.33 -15.45 -6.91
N GLU B 8 -48.62 -15.60 -6.55
CA GLU B 8 -49.10 -16.90 -6.12
C GLU B 8 -48.98 -17.97 -7.20
N ASP B 9 -49.08 -17.57 -8.48
CA ASP B 9 -48.99 -18.55 -9.55
C ASP B 9 -47.58 -19.12 -9.68
N LYS B 10 -46.57 -18.34 -9.28
CA LYS B 10 -45.18 -18.76 -9.36
C LYS B 10 -44.68 -19.36 -8.05
N SER B 11 -45.49 -19.35 -6.99
CA SER B 11 -45.06 -19.75 -5.66
C SER B 11 -45.49 -21.18 -5.37
N LYS B 12 -44.53 -22.01 -4.95
CA LYS B 12 -44.83 -23.41 -4.65
C LYS B 12 -45.98 -23.54 -3.65
N THR B 13 -46.05 -22.64 -2.68
CA THR B 13 -47.07 -22.68 -1.64
C THR B 13 -48.32 -21.90 -2.01
N GLY B 14 -48.35 -21.24 -3.17
CA GLY B 14 -49.47 -20.40 -3.52
C GLY B 14 -49.51 -19.05 -2.83
N ASN B 15 -48.54 -18.75 -1.96
CA ASN B 15 -48.46 -17.46 -1.30
C ASN B 15 -47.41 -16.59 -1.96
N ALA B 16 -47.74 -15.31 -2.11
CA ALA B 16 -46.77 -14.36 -2.66
C ALA B 16 -45.52 -14.33 -1.78
N LEU B 17 -44.38 -14.09 -2.42
CA LEU B 17 -43.09 -14.05 -1.74
C LEU B 17 -42.41 -12.71 -2.02
N LEU B 18 -41.52 -12.32 -1.10
CA LEU B 18 -40.73 -11.11 -1.28
C LEU B 18 -39.33 -11.32 -0.74
N PHE B 19 -38.34 -10.86 -1.49
CA PHE B 19 -36.93 -10.95 -1.13
C PHE B 19 -36.30 -9.56 -1.21
N SER B 20 -35.58 -9.16 -0.15
CA SER B 20 -34.89 -7.89 -0.10
C SER B 20 -33.39 -8.11 -0.06
N GLY B 21 -32.64 -7.16 -0.63
CA GLY B 21 -31.20 -7.24 -0.67
C GLY B 21 -30.54 -5.91 -0.97
N PRO B 22 -30.72 -4.93 -0.09
CA PRO B 22 -30.09 -3.61 -0.31
C PRO B 22 -28.58 -3.70 -0.15
N GLN B 23 -27.86 -3.16 -1.15
CA GLN B 23 -26.40 -3.17 -1.14
C GLN B 23 -25.93 -1.78 -0.74
N VAL B 24 -25.68 -1.62 0.56
CA VAL B 24 -25.28 -0.32 1.11
C VAL B 24 -23.98 -0.50 1.87
N GLY B 25 -23.18 -1.46 1.47
CA GLY B 25 -21.89 -1.69 2.09
C GLY B 25 -22.00 -2.52 3.35
N PHE B 26 -20.83 -2.90 3.87
CA PHE B 26 -20.71 -3.71 5.06
C PHE B 26 -19.86 -2.92 6.06
N VAL B 27 -20.53 -2.37 7.09
CA VAL B 27 -19.89 -1.51 8.06
C VAL B 27 -20.37 -1.90 9.45
N ALA B 28 -19.61 -1.46 10.46
CA ALA B 28 -19.93 -1.72 11.85
C ALA B 28 -19.74 -0.44 12.66
N PRO B 29 -20.81 0.12 13.25
CA PRO B 29 -22.21 -0.33 13.24
C PRO B 29 -22.79 -0.41 11.83
N GLY B 30 -23.84 -1.21 11.65
CA GLY B 30 -24.34 -1.48 10.33
C GLY B 30 -25.14 -0.33 9.75
N PHE B 31 -25.29 -0.36 8.42
CA PHE B 31 -26.05 0.67 7.74
C PHE B 31 -27.55 0.52 7.97
N LEU B 32 -27.97 -0.64 8.45
CA LEU B 32 -29.38 -0.95 8.64
C LEU B 32 -29.73 -0.96 10.11
N TYR B 33 -31.01 -0.71 10.40
CA TYR B 33 -31.52 -0.78 11.76
C TYR B 33 -32.82 -1.58 11.75
N GLU B 34 -32.80 -2.73 12.43
CA GLU B 34 -33.96 -3.61 12.49
C GLU B 34 -34.79 -3.28 13.72
N VAL B 35 -36.11 -3.34 13.55
CA VAL B 35 -37.04 -2.91 14.59
C VAL B 35 -38.37 -3.63 14.43
N GLY B 36 -39.10 -3.75 15.53
CA GLY B 36 -40.48 -4.17 15.49
C GLY B 36 -41.40 -3.06 15.98
N LEU B 37 -42.41 -2.71 15.18
CA LEU B 37 -43.32 -1.62 15.51
C LEU B 37 -44.72 -2.19 15.65
N HIS B 38 -45.34 -1.96 16.80
CA HIS B 38 -46.66 -2.52 17.09
C HIS B 38 -47.47 -1.51 17.89
N ALA B 39 -48.52 -0.98 17.27
CA ALA B 39 -49.48 -0.10 17.93
C ALA B 39 -50.86 -0.47 17.40
N PRO B 40 -51.94 0.03 18.00
CA PRO B 40 -53.27 -0.31 17.50
C PRO B 40 -53.45 -0.02 16.02
N GLY B 41 -53.72 -1.06 15.23
CA GLY B 41 -53.90 -0.90 13.81
C GLY B 41 -52.63 -0.81 13.01
N PHE B 42 -51.50 -1.24 13.57
CA PHE B 42 -50.22 -1.12 12.85
C PHE B 42 -49.22 -2.09 13.49
N ASP B 43 -48.83 -3.11 12.72
CA ASP B 43 -47.81 -4.06 13.14
C ASP B 43 -46.85 -4.25 11.98
N MET B 44 -45.57 -4.00 12.22
CA MET B 44 -44.58 -4.10 11.16
C MET B 44 -43.22 -4.44 11.75
N GLU B 45 -42.50 -5.32 11.06
CA GLU B 45 -41.19 -5.78 11.49
C GLU B 45 -40.26 -5.78 10.30
N GLY B 46 -39.04 -5.29 10.51
CA GLY B 46 -38.05 -5.24 9.45
C GLY B 46 -36.97 -4.23 9.78
N SER B 47 -36.27 -3.79 8.72
CA SER B 47 -35.17 -2.86 8.88
C SER B 47 -35.29 -1.74 7.87
N GLY B 48 -34.70 -0.59 8.22
CA GLY B 48 -34.50 0.51 7.29
C GLY B 48 -33.12 1.08 7.47
N PHE B 49 -32.75 1.96 6.54
CA PHE B 49 -31.47 2.63 6.65
C PHE B 49 -31.38 3.37 7.98
N ILE B 50 -30.17 3.40 8.54
CA ILE B 50 -29.96 4.01 9.85
C ILE B 50 -30.47 5.43 9.85
N GLY B 51 -31.19 5.79 10.92
CA GLY B 51 -31.74 7.13 11.06
C GLY B 51 -33.12 7.32 10.47
N TYR B 52 -33.60 6.40 9.64
CA TYR B 52 -34.91 6.57 9.01
C TYR B 52 -36.01 6.17 9.99
N PRO B 53 -37.08 6.97 10.14
CA PRO B 53 -38.23 6.59 10.98
C PRO B 53 -39.25 5.71 10.25
N PHE B 54 -38.77 4.71 9.52
CA PHE B 54 -39.68 3.79 8.84
C PHE B 54 -38.92 2.55 8.38
N ILE B 55 -39.67 1.48 8.18
CA ILE B 55 -39.12 0.21 7.71
C ILE B 55 -39.16 0.19 6.19
N MET B 56 -38.03 -0.15 5.57
CA MET B 56 -37.94 -0.29 4.12
C MET B 56 -37.86 -1.74 3.66
N PHE B 57 -37.46 -2.65 4.53
CA PHE B 57 -37.24 -4.05 4.18
C PHE B 57 -37.91 -4.88 5.27
N GLY B 58 -39.15 -5.30 5.01
CA GLY B 58 -39.91 -6.02 6.03
C GLY B 58 -41.33 -6.25 5.56
N ALA B 59 -42.24 -6.37 6.53
CA ALA B 59 -43.64 -6.60 6.22
C ALA B 59 -44.49 -6.14 7.40
N ASN B 60 -45.67 -5.63 7.09
CA ASN B 60 -46.68 -5.38 8.09
C ASN B 60 -47.70 -6.53 8.05
N LYS B 61 -48.88 -6.30 8.63
CA LYS B 61 -49.88 -7.36 8.71
C LYS B 61 -50.31 -7.84 7.33
N HIS B 62 -50.32 -6.96 6.35
CA HIS B 62 -50.97 -7.23 5.09
C HIS B 62 -50.03 -7.28 3.89
N ILE B 63 -48.92 -6.57 3.93
CA ILE B 63 -48.04 -6.44 2.77
C ILE B 63 -46.59 -6.54 3.22
N ALA B 64 -45.75 -7.04 2.31
CA ALA B 64 -44.30 -6.94 2.43
C ALA B 64 -43.80 -5.98 1.36
N LEU B 65 -42.70 -5.29 1.68
CA LEU B 65 -42.13 -4.34 0.73
C LEU B 65 -40.61 -4.41 0.79
N THR B 66 -39.99 -3.96 -0.29
CA THR B 66 -38.55 -3.70 -0.34
C THR B 66 -38.30 -2.68 -1.44
N ALA B 67 -37.03 -2.37 -1.67
CA ALA B 67 -36.67 -1.32 -2.61
C ALA B 67 -35.27 -1.55 -3.16
N THR B 68 -35.03 -1.04 -4.37
CA THR B 68 -33.70 -0.94 -4.94
C THR B 68 -33.58 0.43 -5.61
N ALA B 69 -32.37 0.96 -5.62
CA ALA B 69 -32.13 2.25 -6.27
C ALA B 69 -32.54 2.18 -7.73
N GLY B 70 -33.35 3.14 -8.16
CA GLY B 70 -33.90 3.11 -9.50
C GLY B 70 -32.91 3.51 -10.58
N TYR B 71 -32.00 4.41 -10.26
CA TYR B 71 -31.07 4.98 -11.24
C TYR B 71 -31.83 5.65 -12.38
N GLY B 72 -33.02 6.16 -12.08
CA GLY B 72 -33.71 7.02 -13.02
C GLY B 72 -33.02 8.36 -13.16
N ASN B 73 -33.37 9.06 -14.24
CA ASN B 73 -32.69 10.30 -14.61
C ASN B 73 -33.34 11.47 -13.87
N VAL B 74 -32.93 11.64 -12.61
CA VAL B 74 -33.49 12.65 -11.73
C VAL B 74 -32.48 13.74 -11.39
N THR B 75 -31.32 13.75 -12.04
CA THR B 75 -30.33 14.80 -11.87
C THR B 75 -29.86 15.25 -13.24
N ASP B 76 -29.94 16.56 -13.49
CA ASP B 76 -29.40 17.16 -14.70
C ASP B 76 -28.36 18.22 -14.33
N ILE B 77 -27.37 18.37 -15.19
CA ILE B 77 -26.35 19.41 -15.07
C ILE B 77 -26.64 20.48 -16.10
N PHE B 78 -26.70 21.74 -15.66
CA PHE B 78 -26.89 22.87 -16.55
C PHE B 78 -25.58 23.62 -16.70
N GLU B 79 -25.21 23.91 -17.93
CA GLU B 79 -23.99 24.67 -18.23
C GLU B 79 -24.37 26.13 -18.34
N GLU B 80 -24.06 26.90 -17.30
CA GLU B 80 -24.39 28.32 -17.25
C GLU B 80 -23.34 29.13 -17.99
N LYS B 81 -23.80 30.12 -18.76
CA LYS B 81 -22.89 31.01 -19.47
C LYS B 81 -22.53 32.19 -18.56
N LEU B 82 -21.25 32.33 -18.27
CA LEU B 82 -20.79 33.28 -17.28
C LEU B 82 -20.60 34.68 -17.89
N HIS B 83 -20.80 35.68 -17.05
CA HIS B 83 -20.47 37.05 -17.42
C HIS B 83 -18.97 37.15 -17.67
N PRO B 84 -18.53 37.74 -18.78
CA PRO B 84 -17.08 37.76 -19.07
C PRO B 84 -16.25 38.42 -17.97
N ASN B 85 -16.82 39.35 -17.21
CA ASN B 85 -16.08 40.10 -16.19
C ASN B 85 -16.50 39.75 -14.78
N ASP B 86 -17.47 38.86 -14.59
CA ASP B 86 -17.97 38.53 -13.25
C ASP B 86 -18.44 37.08 -13.24
N PRO B 87 -17.62 36.15 -12.73
CA PRO B 87 -18.03 34.74 -12.73
C PRO B 87 -19.18 34.41 -11.78
N THR B 88 -19.71 35.39 -11.04
CA THR B 88 -20.89 35.19 -10.22
C THR B 88 -22.16 35.67 -10.90
N GLN B 89 -22.08 36.02 -12.18
CA GLN B 89 -23.25 36.36 -12.98
C GLN B 89 -23.36 35.39 -14.15
N TYR B 90 -24.61 35.02 -14.48
CA TYR B 90 -24.88 34.10 -15.57
C TYR B 90 -26.05 34.64 -16.36
N PHE B 91 -26.12 34.23 -17.64
CA PHE B 91 -27.14 34.72 -18.55
C PHE B 91 -28.33 33.76 -18.56
N TYR B 92 -29.53 34.30 -18.37
CA TYR B 92 -30.71 33.46 -18.22
C TYR B 92 -31.94 34.25 -18.66
N LYS B 93 -32.66 33.71 -19.65
CA LYS B 93 -33.90 34.31 -20.13
C LYS B 93 -33.70 35.77 -20.52
N GLY B 94 -32.64 36.02 -21.28
CA GLY B 94 -32.41 37.31 -21.89
C GLY B 94 -31.73 38.34 -21.01
N GLU B 95 -31.45 38.03 -19.75
CA GLU B 95 -30.84 38.97 -18.84
C GLU B 95 -29.71 38.31 -18.06
N TRP B 96 -28.70 39.11 -17.73
CA TRP B 96 -27.71 38.67 -16.76
C TRP B 96 -28.36 38.55 -15.38
N ARG B 97 -27.99 37.50 -14.65
CA ARG B 97 -28.53 37.23 -13.33
C ARG B 97 -27.38 37.03 -12.35
N GLU B 98 -27.62 37.41 -11.10
CA GLU B 98 -26.67 37.18 -10.01
C GLU B 98 -26.92 35.81 -9.41
N MET B 99 -25.84 35.04 -9.24
CA MET B 99 -25.94 33.83 -8.44
C MET B 99 -26.33 34.19 -7.01
N GLU B 100 -27.10 33.31 -6.38
CA GLU B 100 -27.38 33.46 -4.95
C GLU B 100 -26.11 33.09 -4.18
N LYS B 101 -25.62 34.03 -3.37
CA LYS B 101 -24.44 33.80 -2.55
C LYS B 101 -24.85 33.53 -1.11
N ARG B 102 -24.01 32.78 -0.41
CA ARG B 102 -24.17 32.65 1.03
C ARG B 102 -22.83 32.19 1.61
N THR B 103 -22.52 32.72 2.79
CA THR B 103 -21.27 32.42 3.46
C THR B 103 -21.50 31.37 4.52
N GLU B 104 -20.54 30.45 4.64
CA GLU B 104 -20.57 29.41 5.66
C GLU B 104 -19.23 29.41 6.39
N THR B 105 -19.29 29.23 7.71
CA THR B 105 -18.09 29.19 8.53
C THR B 105 -17.93 27.76 9.06
N PHE B 106 -16.77 27.17 8.81
CA PHE B 106 -16.46 25.81 9.25
C PHE B 106 -15.46 25.86 10.38
N THR B 107 -15.78 25.22 11.49
CA THR B 107 -14.87 25.09 12.62
C THR B 107 -14.12 23.77 12.49
N VAL B 108 -12.79 23.85 12.53
CA VAL B 108 -11.93 22.70 12.28
C VAL B 108 -11.05 22.48 13.50
N ARG B 109 -11.19 21.31 14.12
CA ARG B 109 -10.33 20.96 15.24
C ARG B 109 -8.88 20.87 14.78
N GLY B 110 -8.01 21.66 15.41
CA GLY B 110 -6.61 21.64 15.06
C GLY B 110 -5.89 20.42 15.63
N GLU B 111 -4.72 20.14 15.06
CA GLU B 111 -3.89 19.05 15.56
C GLU B 111 -3.61 19.19 17.05
N ASP B 112 -3.69 20.41 17.58
CA ASP B 112 -3.50 20.68 19.00
C ASP B 112 -4.82 20.82 19.76
N GLY B 113 -5.93 20.42 19.14
CA GLY B 113 -7.23 20.50 19.77
C GLY B 113 -7.88 21.87 19.74
N LYS B 114 -7.13 22.92 19.43
CA LYS B 114 -7.70 24.26 19.39
C LYS B 114 -8.57 24.40 18.13
N PRO B 115 -9.73 25.06 18.23
CA PRO B 115 -10.63 25.15 17.06
C PRO B 115 -10.25 26.30 16.14
N GLU B 116 -9.94 25.97 14.89
CA GLU B 116 -9.71 26.95 13.85
C GLU B 116 -10.99 27.22 13.09
N GLN B 117 -10.99 28.29 12.28
CA GLN B 117 -12.18 28.67 11.53
C GLN B 117 -11.82 29.01 10.10
N VAL B 118 -12.61 28.47 9.17
CA VAL B 118 -12.48 28.72 7.74
C VAL B 118 -13.82 29.22 7.23
N GLU B 119 -13.79 30.26 6.41
CA GLU B 119 -15.00 30.84 5.84
C GLU B 119 -15.00 30.63 4.32
N THR B 120 -16.16 30.23 3.79
CA THR B 120 -16.29 29.95 2.38
C THR B 120 -17.66 30.42 1.89
N VAL B 121 -17.76 30.63 0.59
CA VAL B 121 -18.98 31.10 -0.05
C VAL B 121 -19.43 30.06 -1.07
N PHE B 122 -20.74 29.79 -1.09
CA PHE B 122 -21.34 28.85 -2.02
C PHE B 122 -22.39 29.56 -2.85
N TYR B 123 -22.67 28.99 -4.02
CA TYR B 123 -23.50 29.64 -5.02
C TYR B 123 -24.60 28.71 -5.52
N ARG B 124 -25.76 29.29 -5.80
CA ARG B 124 -26.84 28.61 -6.50
C ARG B 124 -27.26 29.46 -7.69
N THR B 125 -27.72 28.81 -8.75
CA THR B 125 -28.41 29.47 -9.83
C THR B 125 -29.88 29.08 -9.79
N VAL B 126 -30.64 29.55 -10.79
CA VAL B 126 -32.03 29.15 -10.92
C VAL B 126 -32.15 27.64 -11.08
N HIS B 127 -31.09 26.95 -11.52
CA HIS B 127 -31.15 25.51 -11.73
C HIS B 127 -30.70 24.70 -10.54
N GLY B 128 -30.01 25.31 -9.58
CA GLY B 128 -29.59 24.60 -8.39
C GLY B 128 -28.21 25.02 -7.91
N PRO B 129 -27.63 24.23 -7.01
CA PRO B 129 -26.30 24.57 -6.49
C PRO B 129 -25.26 24.54 -7.60
N VAL B 130 -24.33 25.49 -7.54
CA VAL B 130 -23.20 25.51 -8.46
C VAL B 130 -22.14 24.57 -7.91
N ILE B 131 -21.78 23.56 -8.70
CA ILE B 131 -20.77 22.59 -8.27
C ILE B 131 -19.39 22.91 -8.84
N SER B 132 -19.30 23.78 -9.84
CA SER B 132 -18.02 24.14 -10.41
C SER B 132 -18.17 25.44 -11.20
N ILE B 133 -17.15 26.30 -11.09
CA ILE B 133 -17.06 27.54 -11.86
C ILE B 133 -15.77 27.49 -12.65
N ASP B 134 -15.87 27.53 -13.96
CA ASP B 134 -14.72 27.48 -14.87
C ASP B 134 -14.55 28.87 -15.48
N GLU B 135 -13.70 29.69 -14.85
CA GLU B 135 -13.57 31.07 -15.26
C GLU B 135 -12.89 31.18 -16.62
N GLU B 136 -11.90 30.33 -16.89
CA GLU B 136 -11.20 30.38 -18.17
C GLU B 136 -12.14 30.09 -19.33
N ARG B 137 -13.07 29.16 -19.15
CA ARG B 137 -13.99 28.76 -20.22
C ARG B 137 -15.31 29.53 -20.20
N GLY B 138 -15.50 30.41 -19.23
CA GLY B 138 -16.71 31.21 -19.18
C GLY B 138 -17.98 30.43 -18.92
N VAL B 139 -17.91 29.35 -18.15
CA VAL B 139 -19.09 28.57 -17.82
C VAL B 139 -19.03 28.10 -16.37
N ALA B 140 -20.20 27.87 -15.80
CA ALA B 140 -20.35 27.19 -14.53
C ALA B 140 -21.36 26.06 -14.71
N TYR B 141 -21.32 25.09 -13.80
CA TYR B 141 -22.22 23.95 -13.86
C TYR B 141 -23.06 23.91 -12.59
N SER B 142 -24.38 23.91 -12.77
CA SER B 142 -25.33 23.82 -11.68
C SER B 142 -26.03 22.47 -11.74
N LYS B 143 -26.60 22.07 -10.60
CA LYS B 143 -27.10 20.71 -10.40
C LYS B 143 -28.57 20.78 -10.04
N SER B 144 -29.43 20.28 -10.93
CA SER B 144 -30.88 20.27 -10.72
C SER B 144 -31.32 18.86 -10.33
N TRP B 145 -32.02 18.77 -9.20
CA TRP B 145 -32.65 17.53 -8.76
C TRP B 145 -34.16 17.65 -9.00
N SER B 146 -34.73 16.68 -9.71
CA SER B 146 -36.16 16.68 -9.93
C SER B 146 -36.93 16.57 -8.61
N PHE B 147 -36.25 16.17 -7.53
CA PHE B 147 -36.87 16.01 -6.22
C PHE B 147 -36.48 17.13 -5.26
N ARG B 148 -35.78 18.15 -5.74
CA ARG B 148 -35.33 19.25 -4.89
C ARG B 148 -36.48 19.83 -4.07
N GLY B 149 -36.31 19.84 -2.75
CA GLY B 149 -37.30 20.39 -1.85
C GLY B 149 -38.41 19.44 -1.44
N THR B 150 -38.45 18.23 -2.01
CA THR B 150 -39.51 17.27 -1.72
C THR B 150 -39.03 16.07 -0.93
N GLU B 151 -37.82 16.13 -0.36
CA GLU B 151 -37.30 14.98 0.37
C GLU B 151 -38.16 14.64 1.58
N ALA B 152 -38.68 15.66 2.28
CA ALA B 152 -39.58 15.38 3.39
C ALA B 152 -40.87 14.74 2.88
N GLN B 153 -41.34 15.15 1.70
CA GLN B 153 -42.48 14.48 1.10
CA GLN B 153 -42.48 14.48 1.10
C GLN B 153 -42.19 13.00 0.85
N SER B 154 -40.96 12.69 0.42
CA SER B 154 -40.57 11.31 0.22
C SER B 154 -40.61 10.53 1.54
N MET B 155 -40.11 11.13 2.61
CA MET B 155 -40.17 10.49 3.92
C MET B 155 -41.61 10.16 4.30
N GLN B 156 -42.51 11.12 4.12
CA GLN B 156 -43.93 10.91 4.39
C GLN B 156 -44.48 9.76 3.54
N ALA B 157 -44.08 9.70 2.26
CA ALA B 157 -44.55 8.61 1.41
C ALA B 157 -44.11 7.26 1.94
N TYR B 158 -42.86 7.17 2.41
CA TYR B 158 -42.39 5.91 2.96
C TYR B 158 -43.14 5.54 4.23
N MET B 159 -43.54 6.54 5.01
CA MET B 159 -44.33 6.27 6.21
C MET B 159 -45.72 5.76 5.82
N LYS B 160 -46.33 6.32 4.78
CA LYS B 160 -47.61 5.82 4.31
C LYS B 160 -47.50 4.39 3.79
N ALA B 161 -46.36 4.05 3.17
CA ALA B 161 -46.16 2.69 2.70
C ALA B 161 -46.10 1.72 3.86
N ASN B 162 -45.51 2.14 4.99
CA ASN B 162 -45.55 1.34 6.21
C ASN B 162 -46.98 1.10 6.66
N TRP B 163 -47.82 2.13 6.57
CA TRP B 163 -49.20 2.05 7.04
C TRP B 163 -50.15 1.43 6.01
N ALA B 164 -49.73 1.30 4.76
CA ALA B 164 -50.62 0.79 3.72
C ALA B 164 -51.06 -0.63 4.05
N LYS B 165 -52.28 -0.96 3.62
CA LYS B 165 -52.86 -2.27 3.93
C LYS B 165 -53.45 -3.03 2.76
N ASN B 166 -53.40 -2.51 1.52
CA ASN B 166 -54.10 -3.22 0.45
C ASN B 166 -53.50 -3.16 -0.95
N LEU B 167 -52.81 -2.07 -1.32
CA LEU B 167 -52.22 -1.86 -2.65
C LEU B 167 -52.71 -0.55 -3.22
N LYS B 168 -54.01 -0.28 -3.10
CA LYS B 168 -54.50 1.07 -3.36
C LYS B 168 -53.74 2.07 -2.51
N GLU B 169 -53.59 1.76 -1.22
CA GLU B 169 -52.83 2.64 -0.33
C GLU B 169 -51.34 2.59 -0.63
N PHE B 170 -50.82 1.42 -1.05
CA PHE B 170 -49.40 1.33 -1.38
C PHE B 170 -49.09 2.10 -2.66
N GLU B 171 -49.95 2.01 -3.67
CA GLU B 171 -49.74 2.73 -4.92
C GLU B 171 -49.78 4.24 -4.69
N GLU B 172 -50.70 4.71 -3.85
CA GLU B 172 -50.78 6.14 -3.54
C GLU B 172 -49.46 6.63 -2.94
N ALA B 173 -48.96 5.91 -1.93
CA ALA B 173 -47.67 6.26 -1.34
C ALA B 173 -46.57 6.29 -2.40
N ALA B 174 -46.57 5.30 -3.30
CA ALA B 174 -45.55 5.27 -4.35
C ALA B 174 -45.68 6.47 -5.28
N SER B 175 -46.92 6.87 -5.59
CA SER B 175 -47.12 8.05 -6.41
C SER B 175 -46.61 9.32 -5.75
N GLU B 176 -46.42 9.30 -4.43
CA GLU B 176 -45.93 10.45 -3.69
C GLU B 176 -44.41 10.41 -3.46
N TYR B 177 -43.75 9.29 -3.73
CA TYR B 177 -42.32 9.21 -3.53
C TYR B 177 -41.61 9.84 -4.73
N THR B 178 -40.88 10.93 -4.47
CA THR B 178 -40.36 11.79 -5.53
C THR B 178 -38.95 11.43 -5.98
N MET B 179 -38.23 10.64 -5.20
CA MET B 179 -36.87 10.27 -5.53
C MET B 179 -36.85 8.92 -6.25
N SER B 180 -35.70 8.58 -6.83
CA SER B 180 -35.60 7.45 -7.77
C SER B 180 -35.34 6.17 -7.00
N LEU B 181 -36.42 5.48 -6.64
CA LEU B 181 -36.34 4.14 -6.05
C LEU B 181 -37.34 3.23 -6.73
N ASN B 182 -36.93 1.99 -6.97
CA ASN B 182 -37.87 0.91 -7.28
C ASN B 182 -38.51 0.44 -5.98
N TRP B 183 -39.83 0.24 -6.02
CA TRP B 183 -40.59 -0.27 -4.88
C TRP B 183 -41.25 -1.59 -5.26
N TYR B 184 -41.24 -2.54 -4.32
CA TYR B 184 -41.74 -3.89 -4.56
C TYR B 184 -42.77 -4.25 -3.51
N TYR B 185 -43.83 -4.94 -3.94
CA TYR B 185 -45.01 -5.17 -3.12
C TYR B 185 -45.45 -6.63 -3.23
N ALA B 186 -45.93 -7.16 -2.11
CA ALA B 186 -46.54 -8.49 -2.06
C ALA B 186 -47.50 -8.55 -0.88
N ASP B 187 -48.67 -9.14 -1.09
CA ASP B 187 -49.71 -9.17 -0.06
C ASP B 187 -50.22 -10.60 0.14
N LYS B 188 -51.16 -10.76 1.07
CA LYS B 188 -51.65 -12.07 1.46
C LYS B 188 -52.65 -12.67 0.49
N ARG B 189 -53.14 -11.89 -0.48
CA ARG B 189 -54.01 -12.44 -1.50
C ARG B 189 -53.25 -13.14 -2.61
N GLY B 190 -51.94 -12.93 -2.69
CA GLY B 190 -51.11 -13.47 -3.76
C GLY B 190 -50.66 -12.45 -4.77
N ASN B 191 -51.02 -11.18 -4.58
CA ASN B 191 -50.64 -10.13 -5.52
C ASN B 191 -49.18 -9.72 -5.32
N ILE B 192 -48.55 -9.30 -6.42
CA ILE B 192 -47.28 -8.60 -6.38
C ILE B 192 -47.41 -7.37 -7.26
N ALA B 193 -46.59 -6.35 -6.96
CA ALA B 193 -46.65 -5.10 -7.70
C ALA B 193 -45.27 -4.43 -7.68
N TYR B 194 -45.01 -3.65 -8.73
CA TYR B 194 -43.69 -3.05 -8.94
C TYR B 194 -43.87 -1.62 -9.43
N TYR B 195 -43.13 -0.69 -8.83
CA TYR B 195 -43.21 0.73 -9.18
C TYR B 195 -41.80 1.30 -9.27
N HIS B 196 -41.45 1.84 -10.43
CA HIS B 196 -40.22 2.62 -10.60
C HIS B 196 -40.58 4.07 -10.29
N ALA B 197 -40.40 4.46 -9.04
CA ALA B 197 -40.85 5.76 -8.57
C ALA B 197 -39.81 6.84 -8.84
N GLY B 198 -40.26 8.10 -8.71
CA GLY B 198 -39.40 9.24 -8.91
C GLY B 198 -39.98 10.26 -9.87
N LYS B 199 -39.76 11.54 -9.58
CA LYS B 199 -40.24 12.61 -10.45
C LYS B 199 -39.40 12.68 -11.71
N GLN B 200 -40.04 12.57 -12.88
CA GLN B 200 -39.34 12.62 -14.15
C GLN B 200 -39.56 13.98 -14.80
N PRO B 201 -38.51 14.78 -15.02
CA PRO B 201 -38.70 16.05 -15.71
C PRO B 201 -39.16 15.84 -17.15
N VAL B 202 -39.96 16.77 -17.64
CA VAL B 202 -40.24 16.88 -19.07
C VAL B 202 -39.16 17.77 -19.67
N ARG B 203 -38.27 17.18 -20.46
CA ARG B 203 -37.08 17.85 -20.95
C ARG B 203 -37.31 18.44 -22.34
N ASN B 204 -36.42 19.36 -22.71
CA ASN B 204 -36.46 19.94 -24.05
C ASN B 204 -36.15 18.87 -25.08
N GLU B 205 -36.94 18.83 -26.16
CA GLU B 205 -36.79 17.79 -27.16
C GLU B 205 -35.43 17.83 -27.84
N GLU B 206 -34.81 19.00 -27.92
CA GLU B 206 -33.56 19.17 -28.67
C GLU B 206 -32.32 18.73 -27.89
N ILE B 207 -32.45 18.40 -26.62
CA ILE B 207 -31.30 18.18 -25.77
C ILE B 207 -30.89 16.72 -25.81
N ASP B 208 -29.57 16.50 -25.79
CA ASP B 208 -29.00 15.16 -25.61
C ASP B 208 -28.89 14.92 -24.11
N GLU B 209 -29.72 14.01 -23.59
CA GLU B 209 -29.81 13.81 -22.15
C GLU B 209 -28.58 13.11 -21.57
N ARG B 210 -27.62 12.72 -22.41
CA ARG B 210 -26.35 12.18 -21.93
C ARG B 210 -25.35 13.27 -21.58
N LEU B 211 -25.62 14.51 -21.91
CA LEU B 211 -24.68 15.61 -21.78
C LEU B 211 -25.33 16.78 -21.06
N PRO B 212 -24.52 17.73 -20.56
CA PRO B 212 -25.10 18.87 -19.85
C PRO B 212 -26.01 19.70 -20.73
N THR B 213 -27.03 20.28 -20.10
CA THR B 213 -28.02 21.13 -20.77
C THR B 213 -27.57 22.59 -20.72
N PRO B 214 -27.69 23.35 -21.80
CA PRO B 214 -27.38 24.78 -21.72
C PRO B 214 -28.34 25.48 -20.77
N GLY B 215 -27.81 26.39 -19.97
CA GLY B 215 -28.58 27.02 -18.91
C GLY B 215 -29.14 28.38 -19.24
N THR B 216 -29.09 28.81 -20.50
CA THR B 216 -29.51 30.16 -20.85
C THR B 216 -31.02 30.34 -20.84
N GLY B 217 -31.80 29.28 -20.58
CA GLY B 217 -33.23 29.39 -20.41
C GLY B 217 -34.05 28.73 -21.50
N GLU B 218 -33.50 28.56 -22.70
CA GLU B 218 -34.27 27.97 -23.79
C GLU B 218 -34.47 26.47 -23.62
N TYR B 219 -33.74 25.82 -22.71
CA TYR B 219 -33.77 24.36 -22.60
C TYR B 219 -34.11 23.92 -21.19
N ASP B 220 -34.84 24.74 -20.44
CA ASP B 220 -35.26 24.39 -19.10
C ASP B 220 -36.24 23.22 -19.11
N TRP B 221 -36.33 22.55 -17.97
CA TRP B 221 -37.43 21.62 -17.73
C TRP B 221 -38.75 22.32 -18.00
N GLN B 222 -39.69 21.60 -18.62
CA GLN B 222 -40.99 22.14 -18.97
C GLN B 222 -42.12 21.61 -18.09
N GLY B 223 -41.77 20.89 -17.04
CA GLY B 223 -42.75 20.28 -16.15
C GLY B 223 -42.24 18.94 -15.68
N PHE B 224 -43.17 18.13 -15.18
CA PHE B 224 -42.86 16.77 -14.73
C PHE B 224 -43.90 15.81 -15.29
N GLN B 225 -43.46 14.61 -15.62
CA GLN B 225 -44.36 13.61 -16.14
C GLN B 225 -45.30 13.12 -15.03
N PRO B 226 -46.54 12.77 -15.36
CA PRO B 226 -47.41 12.20 -14.34
C PRO B 226 -46.95 10.80 -13.94
N PHE B 227 -47.17 10.49 -12.66
CA PHE B 227 -46.71 9.20 -12.14
C PHE B 227 -47.29 8.04 -12.93
N GLU B 228 -48.45 8.25 -13.56
CA GLU B 228 -49.07 7.21 -14.37
C GLU B 228 -48.16 6.74 -15.51
N GLN B 229 -47.20 7.57 -15.92
CA GLN B 229 -46.28 7.20 -16.97
C GLN B 229 -45.00 6.56 -16.45
N ASN B 230 -44.78 6.55 -15.14
CA ASN B 230 -43.65 5.82 -14.59
C ASN B 230 -43.83 4.32 -14.79
N PRO B 231 -42.76 3.58 -15.02
CA PRO B 231 -42.90 2.12 -15.16
C PRO B 231 -43.54 1.51 -13.92
N GLN B 232 -44.48 0.61 -14.14
CA GLN B 232 -45.16 -0.05 -13.04
C GLN B 232 -46.01 -1.19 -13.57
N ALA B 233 -46.11 -2.26 -12.79
CA ALA B 233 -46.90 -3.42 -13.17
C ALA B 233 -47.49 -4.07 -11.93
N VAL B 234 -48.71 -4.59 -12.09
CA VAL B 234 -49.39 -5.40 -11.09
C VAL B 234 -49.60 -6.79 -11.66
N ASN B 235 -49.10 -7.81 -10.98
CA ASN B 235 -49.31 -9.20 -11.35
C ASN B 235 -48.96 -9.47 -12.81
N PRO B 236 -47.69 -9.30 -13.20
CA PRO B 236 -47.29 -9.68 -14.56
C PRO B 236 -47.51 -11.17 -14.77
N ASP B 237 -47.92 -11.53 -15.98
CA ASP B 237 -48.33 -12.91 -16.23
C ASP B 237 -47.18 -13.90 -16.19
N ASN B 238 -45.93 -13.44 -16.02
CA ASN B 238 -44.84 -14.35 -15.71
C ASN B 238 -44.72 -14.63 -14.21
N GLY B 239 -45.53 -13.97 -13.39
CA GLY B 239 -45.63 -14.28 -11.98
C GLY B 239 -44.48 -13.81 -11.11
N TYR B 240 -43.60 -12.95 -11.62
CA TYR B 240 -42.51 -12.48 -10.78
C TYR B 240 -41.97 -11.15 -11.31
N VAL B 241 -41.27 -10.44 -10.43
CA VAL B 241 -40.42 -9.30 -10.80
C VAL B 241 -39.11 -9.43 -10.05
N VAL B 242 -37.99 -9.39 -10.77
CA VAL B 242 -36.67 -9.32 -10.16
C VAL B 242 -36.00 -8.03 -10.64
N ASN B 243 -35.03 -7.58 -9.87
CA ASN B 243 -34.32 -6.35 -10.17
C ASN B 243 -32.97 -6.37 -9.48
N TRP B 244 -31.94 -5.92 -10.19
CA TRP B 244 -30.62 -5.72 -9.60
C TRP B 244 -30.08 -4.37 -10.11
N ASN B 245 -30.92 -3.34 -10.00
CA ASN B 245 -30.65 -1.98 -10.46
C ASN B 245 -30.71 -1.85 -11.98
N ASN B 246 -31.37 -2.80 -12.64
CA ASN B 246 -31.43 -2.81 -14.09
C ASN B 246 -32.60 -1.96 -14.60
N LYS B 247 -32.73 -1.93 -15.92
CA LYS B 247 -33.76 -1.14 -16.60
C LYS B 247 -35.15 -1.50 -16.11
N PRO B 248 -36.00 -0.52 -15.76
CA PRO B 248 -37.37 -0.87 -15.33
C PRO B 248 -38.21 -1.50 -16.42
N SER B 249 -38.16 -0.96 -17.63
CA SER B 249 -39.01 -1.43 -18.72
C SER B 249 -38.34 -1.07 -20.04
N GLN B 250 -38.84 -1.66 -21.12
CA GLN B 250 -38.20 -1.50 -22.42
C GLN B 250 -38.31 -0.07 -22.93
N GLU B 251 -39.36 0.66 -22.53
CA GLU B 251 -39.57 2.01 -23.01
C GLU B 251 -38.81 3.06 -22.21
N TRP B 252 -38.20 2.68 -21.08
CA TRP B 252 -37.64 3.65 -20.16
C TRP B 252 -36.20 4.00 -20.53
N ARG B 253 -35.83 5.24 -20.22
CA ARG B 253 -34.49 5.76 -20.49
C ARG B 253 -33.96 6.40 -19.21
N ASN B 254 -32.65 6.62 -19.16
CA ASN B 254 -32.06 7.31 -18.02
C ASN B 254 -30.83 8.11 -18.42
N GLY B 255 -30.73 8.51 -19.68
CA GLY B 255 -29.75 9.51 -20.08
C GLY B 255 -28.30 9.13 -19.86
N GLU B 256 -27.63 9.85 -18.97
CA GLU B 256 -26.17 9.80 -18.86
C GLU B 256 -25.66 8.50 -18.24
N ARG B 257 -26.52 7.74 -17.56
CA ARG B 257 -26.12 6.48 -16.97
C ARG B 257 -26.69 5.29 -17.72
N SER B 258 -27.01 5.47 -19.01
CA SER B 258 -27.58 4.38 -19.79
C SER B 258 -26.68 3.14 -19.79
N PHE B 259 -25.36 3.34 -19.66
CA PHE B 259 -24.45 2.21 -19.73
C PHE B 259 -24.60 1.27 -18.52
N TYR B 260 -25.45 1.64 -17.56
CA TYR B 260 -25.87 0.72 -16.51
C TYR B 260 -26.87 -0.32 -17.03
N TRP B 261 -27.55 -0.02 -18.13
CA TRP B 261 -28.70 -0.80 -18.60
C TRP B 261 -28.41 -1.28 -20.02
N GLY B 262 -27.62 -2.36 -20.12
CA GLY B 262 -27.27 -2.94 -21.39
C GLY B 262 -27.69 -4.40 -21.49
N LYS B 263 -27.60 -4.92 -22.72
CA LYS B 263 -27.93 -6.32 -22.98
C LYS B 263 -27.29 -7.25 -21.94
N ASP B 264 -26.03 -7.01 -21.61
CA ASP B 264 -25.34 -7.76 -20.57
C ASP B 264 -25.55 -7.05 -19.25
N ASN B 265 -26.38 -7.62 -18.38
CA ASN B 265 -26.73 -7.00 -17.12
C ASN B 265 -26.83 -8.06 -16.03
N ARG B 266 -26.32 -7.73 -14.85
CA ARG B 266 -26.17 -8.70 -13.77
C ARG B 266 -27.51 -9.25 -13.28
N VAL B 267 -28.62 -8.55 -13.51
CA VAL B 267 -29.92 -9.08 -13.11
C VAL B 267 -30.17 -10.43 -13.79
N GLN B 268 -29.43 -10.74 -14.85
CA GLN B 268 -29.54 -12.02 -15.52
C GLN B 268 -29.42 -13.18 -14.54
N GLN B 269 -28.63 -13.03 -13.49
CA GLN B 269 -28.50 -14.11 -12.50
C GLN B 269 -29.83 -14.40 -11.83
N PHE B 270 -30.61 -13.36 -11.54
CA PHE B 270 -31.93 -13.56 -10.93
C PHE B 270 -32.95 -14.03 -11.95
N ILE B 271 -32.90 -13.52 -13.17
CA ILE B 271 -33.80 -14.01 -14.22
C ILE B 271 -33.58 -15.50 -14.45
N ASN B 272 -32.32 -15.92 -14.60
CA ASN B 272 -32.02 -17.32 -14.83
C ASN B 272 -32.64 -18.20 -13.75
N GLY B 273 -32.45 -17.83 -12.48
CA GLY B 273 -32.99 -18.63 -11.39
C GLY B 273 -34.48 -18.79 -11.47
N MET B 274 -35.19 -17.73 -11.88
CA MET B 274 -36.64 -17.78 -11.99
C MET B 274 -37.08 -18.59 -13.21
N GLU B 275 -36.37 -18.44 -14.32
CA GLU B 275 -36.78 -19.11 -15.55
C GLU B 275 -36.47 -20.60 -15.51
N GLU B 276 -35.44 -20.99 -14.77
CA GLU B 276 -35.07 -22.40 -14.65
C GLU B 276 -35.91 -23.16 -13.63
N ARG B 277 -36.75 -22.46 -12.85
CA ARG B 277 -37.65 -23.08 -11.90
C ARG B 277 -39.08 -22.70 -12.27
N GLU B 278 -39.95 -23.69 -12.39
CA GLU B 278 -41.35 -23.41 -12.72
C GLU B 278 -42.04 -22.69 -11.56
N LYS B 279 -41.88 -23.19 -10.35
CA LYS B 279 -42.35 -22.51 -9.15
C LYS B 279 -41.24 -22.50 -8.11
N VAL B 280 -41.32 -21.55 -7.19
CA VAL B 280 -40.24 -21.30 -6.24
C VAL B 280 -40.82 -21.18 -4.84
N ASP B 281 -39.98 -21.50 -3.86
CA ASP B 281 -40.24 -21.21 -2.45
C ASP B 281 -39.11 -20.35 -1.91
N LEU B 282 -39.20 -20.01 -0.63
CA LEU B 282 -38.16 -19.17 -0.02
C LEU B 282 -36.79 -19.81 -0.13
N GLU B 283 -36.73 -21.14 -0.04
CA GLU B 283 -35.45 -21.85 -0.19
C GLU B 283 -34.89 -21.67 -1.61
N ASP B 284 -35.76 -21.64 -2.62
CA ASP B 284 -35.30 -21.35 -3.98
C ASP B 284 -34.72 -19.94 -4.07
N LEU B 285 -35.43 -18.96 -3.51
CA LEU B 285 -34.93 -17.57 -3.54
C LEU B 285 -33.55 -17.48 -2.90
N ASN B 286 -33.34 -18.21 -1.81
CA ASN B 286 -32.03 -18.20 -1.16
C ASN B 286 -30.97 -18.84 -2.07
N GLU B 287 -31.33 -19.89 -2.80
CA GLU B 287 -30.42 -20.45 -3.78
C GLU B 287 -30.06 -19.44 -4.85
N ILE B 288 -31.05 -18.65 -5.30
CA ILE B 288 -30.78 -17.64 -6.32
C ILE B 288 -29.88 -16.55 -5.77
N ASN B 289 -30.18 -16.08 -4.55
CA ASN B 289 -29.32 -15.09 -3.91
C ASN B 289 -27.89 -15.61 -3.80
N TYR B 290 -27.73 -16.88 -3.41
CA TYR B 290 -26.41 -17.50 -3.32
C TYR B 290 -25.71 -17.48 -4.66
N THR B 291 -26.40 -17.91 -5.72
CA THR B 291 -25.82 -17.88 -7.05
C THR B 291 -25.35 -16.47 -7.42
N ALA B 292 -26.23 -15.48 -7.25
CA ALA B 292 -25.87 -14.12 -7.61
C ALA B 292 -24.72 -13.59 -6.76
N SER B 293 -24.63 -14.01 -5.50
CA SER B 293 -23.59 -13.50 -4.61
C SER B 293 -22.20 -13.96 -5.02
N PHE B 294 -22.09 -15.16 -5.61
CA PHE B 294 -20.80 -15.74 -5.95
C PHE B 294 -20.57 -15.88 -7.45
N ALA B 295 -21.52 -15.48 -8.28
CA ALA B 295 -21.39 -15.64 -9.72
C ALA B 295 -20.27 -14.76 -10.28
N GLN B 296 -19.48 -15.34 -11.19
CA GLN B 296 -18.63 -14.55 -12.07
C GLN B 296 -19.52 -14.04 -13.20
N LEU B 297 -19.86 -12.74 -13.15
CA LEU B 297 -20.96 -12.22 -13.94
C LEU B 297 -20.69 -12.31 -15.44
N ARG B 298 -19.44 -12.18 -15.86
CA ARG B 298 -19.11 -12.27 -17.27
C ARG B 298 -19.38 -13.65 -17.86
N THR B 299 -19.63 -14.66 -17.03
CA THR B 299 -19.81 -16.02 -17.55
C THR B 299 -21.04 -16.13 -18.45
N HIS B 300 -22.12 -15.40 -18.14
CA HIS B 300 -23.39 -15.68 -18.80
C HIS B 300 -23.28 -15.54 -20.31
N TYR B 301 -22.77 -14.39 -20.78
CA TYR B 301 -22.64 -14.18 -22.22
C TYR B 301 -21.27 -14.54 -22.76
N PHE B 302 -20.21 -14.38 -21.98
CA PHE B 302 -18.86 -14.55 -22.52
C PHE B 302 -18.35 -15.98 -22.47
N LYS B 303 -18.80 -16.80 -21.52
CA LYS B 303 -18.25 -18.15 -21.44
C LYS B 303 -18.74 -19.00 -22.61
N PRO B 304 -20.03 -18.93 -22.98
CA PRO B 304 -20.46 -19.68 -24.17
C PRO B 304 -19.75 -19.23 -25.43
N LEU B 305 -19.49 -17.93 -25.56
CA LEU B 305 -18.74 -17.44 -26.72
C LEU B 305 -17.30 -17.95 -26.69
N LEU B 306 -16.68 -17.95 -25.51
CA LEU B 306 -15.32 -18.47 -25.38
C LEU B 306 -15.27 -19.95 -25.73
N ILE B 307 -16.21 -20.73 -25.18
CA ILE B 307 -16.22 -22.18 -25.42
C ILE B 307 -16.36 -22.47 -26.92
N GLU B 308 -17.25 -21.75 -27.59
CA GLU B 308 -17.45 -21.99 -29.02
C GLU B 308 -16.19 -21.67 -29.81
N VAL B 309 -15.54 -20.55 -29.50
CA VAL B 309 -14.34 -20.17 -30.24
C VAL B 309 -13.23 -21.20 -30.00
N LEU B 310 -13.11 -21.69 -28.76
CA LEU B 310 -12.09 -22.71 -28.49
C LEU B 310 -12.36 -23.99 -29.26
N LYS B 311 -13.63 -24.41 -29.33
CA LYS B 311 -13.96 -25.62 -30.08
C LYS B 311 -13.64 -25.46 -31.56
N GLU B 312 -13.86 -24.27 -32.12
CA GLU B 312 -13.62 -24.06 -33.55
C GLU B 312 -12.14 -24.00 -33.88
N ASN B 313 -11.28 -23.70 -32.90
CA ASN B 313 -9.83 -23.71 -33.08
C ASN B 313 -9.19 -24.80 -32.22
N GLN B 314 -9.97 -25.84 -31.91
CA GLN B 314 -9.53 -26.87 -30.96
C GLN B 314 -8.26 -27.56 -31.44
N SER B 315 -8.19 -27.90 -32.74
CA SER B 315 -7.01 -28.59 -33.25
C SER B 315 -5.78 -27.70 -33.34
N ASP B 316 -5.92 -26.39 -33.09
CA ASP B 316 -4.79 -25.48 -33.17
C ASP B 316 -3.97 -25.44 -31.88
N ASN B 317 -4.54 -25.86 -30.75
CA ASN B 317 -3.85 -25.79 -29.47
C ASN B 317 -4.19 -27.04 -28.66
N GLU B 318 -3.17 -27.66 -28.07
CA GLU B 318 -3.33 -28.95 -27.41
C GLU B 318 -4.03 -28.85 -26.06
N SER B 319 -4.01 -27.68 -25.42
CA SER B 319 -4.64 -27.52 -24.12
C SER B 319 -6.12 -27.21 -24.19
N TYR B 320 -6.66 -26.95 -25.37
CA TYR B 320 -8.03 -26.47 -25.51
C TYR B 320 -9.04 -27.54 -25.11
N PRO B 321 -8.89 -28.80 -25.53
CA PRO B 321 -9.87 -29.83 -25.11
C PRO B 321 -10.06 -29.88 -23.59
N TYR B 322 -8.97 -29.92 -22.83
CA TYR B 322 -9.08 -29.88 -21.38
C TYR B 322 -9.71 -28.57 -20.92
N LEU B 323 -9.29 -27.45 -21.52
CA LEU B 323 -9.84 -26.16 -21.16
C LEU B 323 -11.33 -26.08 -21.46
N ILE B 324 -11.73 -26.56 -22.63
CA ILE B 324 -13.15 -26.56 -22.99
C ILE B 324 -13.96 -27.34 -21.96
N LYS B 325 -13.47 -28.51 -21.56
CA LYS B 325 -14.24 -29.34 -20.64
C LYS B 325 -14.32 -28.73 -19.25
N GLN B 326 -13.25 -28.08 -18.79
CA GLN B 326 -13.28 -27.46 -17.47
C GLN B 326 -14.29 -26.30 -17.45
N LEU B 327 -14.34 -25.51 -18.52
CA LEU B 327 -15.31 -24.43 -18.59
C LEU B 327 -16.74 -24.97 -18.61
N GLU B 328 -16.97 -26.05 -19.35
CA GLU B 328 -18.33 -26.59 -19.47
C GLU B 328 -18.82 -27.15 -18.15
N GLN B 329 -17.96 -27.83 -17.40
CA GLN B 329 -18.35 -28.40 -16.12
C GLN B 329 -18.44 -27.35 -15.02
N TRP B 330 -17.85 -26.18 -15.24
CA TRP B 330 -17.82 -25.14 -14.21
C TRP B 330 -19.20 -24.52 -14.05
N ASN B 331 -19.66 -24.39 -12.80
CA ASN B 331 -20.96 -23.83 -12.52
C ASN B 331 -20.97 -22.30 -12.48
N ASN B 332 -19.92 -21.66 -12.99
CA ASN B 332 -19.81 -20.21 -13.15
C ASN B 332 -19.68 -19.45 -11.84
N LEU B 333 -19.52 -20.14 -10.72
CA LEU B 333 -19.42 -19.48 -9.43
C LEU B 333 -17.97 -19.41 -8.96
N LYS B 334 -17.70 -18.42 -8.12
CA LYS B 334 -16.48 -18.37 -7.32
C LYS B 334 -16.93 -18.52 -5.87
N GLU B 335 -16.96 -19.77 -5.41
CA GLU B 335 -17.54 -20.16 -4.12
C GLU B 335 -16.52 -20.99 -3.36
N ASP B 336 -16.82 -21.25 -2.07
CA ASP B 336 -15.96 -22.05 -1.20
C ASP B 336 -16.86 -22.96 -0.35
N LYS B 337 -17.44 -23.97 -1.00
CA LYS B 337 -18.38 -24.86 -0.32
C LYS B 337 -17.73 -25.62 0.82
N ASN B 338 -16.49 -26.06 0.63
CA ASN B 338 -15.80 -26.84 1.66
C ASN B 338 -15.03 -25.98 2.65
N LYS B 339 -15.05 -24.65 2.49
CA LYS B 339 -14.48 -23.73 3.47
C LYS B 339 -13.03 -24.05 3.75
N ASP B 340 -12.25 -24.25 2.69
CA ASP B 340 -10.80 -24.40 2.79
C ASP B 340 -10.07 -23.11 2.43
N GLY B 341 -10.80 -22.03 2.21
CA GLY B 341 -10.17 -20.77 1.83
C GLY B 341 -9.77 -20.69 0.38
N LEU B 342 -10.17 -21.66 -0.43
CA LEU B 342 -9.87 -21.69 -1.86
C LEU B 342 -11.17 -21.70 -2.64
N TYR B 343 -11.23 -20.92 -3.72
CA TYR B 343 -12.36 -21.02 -4.62
C TYR B 343 -12.38 -22.41 -5.24
N ASP B 344 -13.57 -23.01 -5.29
CA ASP B 344 -13.66 -24.45 -5.58
C ASP B 344 -13.24 -24.76 -7.01
N ALA B 345 -13.56 -23.88 -7.95
CA ALA B 345 -13.30 -24.13 -9.37
C ALA B 345 -12.04 -23.37 -9.78
N GLY B 346 -10.98 -24.11 -10.07
CA GLY B 346 -9.76 -23.48 -10.53
C GLY B 346 -9.89 -22.82 -11.88
N VAL B 347 -10.76 -23.34 -12.75
CA VAL B 347 -10.92 -22.76 -14.07
C VAL B 347 -11.46 -21.34 -13.99
N ALA B 348 -12.05 -20.96 -12.85
CA ALA B 348 -12.47 -19.59 -12.67
C ALA B 348 -11.28 -18.64 -12.71
N ALA B 349 -10.12 -19.09 -12.23
CA ALA B 349 -8.91 -18.28 -12.30
C ALA B 349 -8.49 -18.05 -13.76
N PHE B 350 -8.60 -19.09 -14.59
CA PHE B 350 -8.36 -18.90 -16.02
C PHE B 350 -9.33 -17.86 -16.59
N PHE B 351 -10.61 -17.96 -16.22
CA PHE B 351 -11.62 -17.10 -16.81
C PHE B 351 -11.46 -15.65 -16.34
N ASP B 352 -11.12 -15.44 -15.07
CA ASP B 352 -10.80 -14.09 -14.61
C ASP B 352 -9.67 -13.48 -15.45
N LYS B 353 -8.59 -14.23 -15.64
CA LYS B 353 -7.47 -13.73 -16.41
C LYS B 353 -7.87 -13.50 -17.87
N TRP B 354 -8.58 -14.47 -18.46
CA TRP B 354 -8.97 -14.33 -19.86
C TRP B 354 -9.80 -13.07 -20.07
N TRP B 355 -10.77 -12.81 -19.20
CA TRP B 355 -11.58 -11.60 -19.36
C TRP B 355 -10.73 -10.35 -19.22
N SER B 356 -9.89 -10.30 -18.18
CA SER B 356 -9.04 -9.12 -17.98
C SER B 356 -8.19 -8.85 -19.22
N ILE B 357 -7.50 -9.88 -19.74
CA ILE B 357 -6.68 -9.69 -20.92
C ILE B 357 -7.54 -9.27 -22.12
N THR B 358 -8.69 -9.91 -22.30
CA THR B 358 -9.55 -9.62 -23.44
C THR B 358 -10.03 -8.17 -23.40
N HIS B 359 -10.54 -7.73 -22.25
CA HIS B 359 -11.04 -6.37 -22.13
C HIS B 359 -9.96 -5.35 -22.51
N ASP B 360 -8.74 -5.56 -22.03
CA ASP B 360 -7.67 -4.61 -22.34
C ASP B 360 -7.25 -4.68 -23.80
N GLU B 361 -7.31 -5.86 -24.42
CA GLU B 361 -7.00 -5.96 -25.83
C GLU B 361 -8.07 -5.29 -26.69
N LEU B 362 -9.31 -5.27 -26.21
CA LEU B 362 -10.38 -4.59 -26.94
C LEU B 362 -10.19 -3.07 -26.93
N PHE B 363 -9.89 -2.49 -25.75
CA PHE B 363 -10.06 -1.06 -25.57
C PHE B 363 -8.81 -0.27 -25.19
N ALA B 364 -7.71 -0.91 -24.81
CA ALA B 364 -6.56 -0.15 -24.32
C ALA B 364 -6.08 0.86 -25.36
N GLN B 365 -6.01 0.45 -26.63
CA GLN B 365 -5.51 1.33 -27.68
C GLN B 365 -6.58 2.32 -28.13
N PRO B 366 -7.76 1.85 -28.57
CA PRO B 366 -8.75 2.80 -29.11
C PRO B 366 -9.19 3.84 -28.10
N LEU B 367 -9.20 3.52 -26.81
CA LEU B 367 -9.68 4.42 -25.77
C LEU B 367 -8.56 4.85 -24.83
N GLY B 368 -7.29 4.73 -25.25
CA GLY B 368 -6.19 5.13 -24.41
C GLY B 368 -6.28 6.56 -23.93
N SER B 369 -6.88 7.44 -24.73
CA SER B 369 -6.99 8.86 -24.39
C SER B 369 -8.04 9.15 -23.33
N VAL B 370 -8.93 8.20 -23.03
CA VAL B 370 -10.02 8.43 -22.09
C VAL B 370 -10.19 7.22 -21.17
N SER B 371 -9.19 6.34 -21.12
CA SER B 371 -9.37 5.07 -20.42
C SER B 371 -9.68 5.27 -18.95
N ASN B 372 -9.13 6.32 -18.33
CA ASN B 372 -9.42 6.57 -16.93
C ASN B 372 -10.92 6.82 -16.70
N LEU B 373 -11.64 7.24 -17.73
CA LEU B 373 -13.07 7.51 -17.61
C LEU B 373 -13.94 6.43 -18.21
N THR B 374 -13.46 5.71 -19.22
CA THR B 374 -14.28 4.72 -19.91
C THR B 374 -14.16 3.32 -19.33
N GLN B 375 -13.13 3.06 -18.51
CA GLN B 375 -12.95 1.72 -17.97
C GLN B 375 -14.14 1.32 -17.12
N GLU B 376 -14.68 2.25 -16.33
CA GLU B 376 -15.86 1.97 -15.53
C GLU B 376 -17.10 1.73 -16.39
N ILE B 377 -17.04 2.07 -17.67
CA ILE B 377 -18.15 1.84 -18.60
C ILE B 377 -17.99 0.52 -19.34
N THR B 378 -16.81 0.29 -19.93
CA THR B 378 -16.60 -0.90 -20.74
C THR B 378 -16.42 -2.15 -19.89
N ASP B 379 -15.96 -1.99 -18.65
CA ASP B 379 -15.83 -3.10 -17.71
C ASP B 379 -16.70 -2.81 -16.49
N HIS B 380 -18.00 -2.58 -16.72
CA HIS B 380 -18.90 -2.05 -15.70
C HIS B 380 -19.27 -3.12 -14.68
N ARG B 381 -19.60 -2.68 -13.47
CA ARG B 381 -19.98 -3.60 -12.40
C ARG B 381 -21.14 -4.51 -12.80
N TYR B 382 -22.04 -4.02 -13.65
CA TYR B 382 -23.24 -4.76 -14.02
C TYR B 382 -23.07 -5.59 -15.29
N GLY B 383 -22.04 -5.32 -16.09
CA GLY B 383 -21.89 -6.01 -17.36
C GLY B 383 -20.89 -5.31 -18.25
N ALA B 384 -20.68 -5.92 -19.43
CA ALA B 384 -19.75 -5.41 -20.43
C ALA B 384 -20.43 -5.57 -21.80
N THR B 385 -21.49 -4.80 -22.01
CA THR B 385 -22.35 -5.00 -23.18
C THR B 385 -21.61 -4.72 -24.48
N LEU B 386 -20.90 -3.60 -24.56
CA LEU B 386 -20.16 -3.27 -25.78
C LEU B 386 -19.12 -4.34 -26.08
N ALA B 387 -18.36 -4.75 -25.07
CA ALA B 387 -17.35 -5.79 -25.27
C ALA B 387 -17.98 -7.06 -25.83
N TYR B 388 -19.15 -7.45 -25.31
CA TYR B 388 -19.81 -8.64 -25.83
C TYR B 388 -20.20 -8.45 -27.30
N LYS B 389 -20.79 -7.29 -27.63
CA LYS B 389 -21.25 -7.06 -29.00
C LYS B 389 -20.09 -7.13 -29.97
N ILE B 390 -18.94 -6.55 -29.60
CA ILE B 390 -17.77 -6.59 -30.48
C ILE B 390 -17.30 -8.03 -30.64
N LEU B 391 -17.17 -8.76 -29.53
CA LEU B 391 -16.63 -10.12 -29.61
C LEU B 391 -17.61 -11.08 -30.29
N ALA B 392 -18.91 -10.84 -30.15
CA ALA B 392 -19.91 -11.70 -30.77
C ALA B 392 -20.21 -11.33 -32.21
N GLY B 393 -19.62 -10.25 -32.72
CA GLY B 393 -19.91 -9.82 -34.07
C GLY B 393 -21.26 -9.17 -34.25
N GLU B 394 -21.84 -8.64 -33.18
CA GLU B 394 -23.13 -7.98 -33.28
C GLU B 394 -22.94 -6.52 -33.67
N GLU B 395 -24.02 -5.91 -34.13
CA GLU B 395 -23.93 -4.58 -34.73
C GLU B 395 -23.56 -3.54 -33.69
N THR B 396 -22.61 -2.68 -34.03
CA THR B 396 -22.23 -1.54 -33.21
C THR B 396 -22.24 -0.29 -34.09
N ASN B 397 -22.25 0.88 -33.44
CA ASN B 397 -22.26 2.14 -34.19
C ASN B 397 -20.90 2.41 -34.82
N TYR B 398 -19.83 2.14 -34.09
CA TYR B 398 -18.48 2.31 -34.61
C TYR B 398 -17.90 0.95 -34.97
N PRO B 399 -17.24 0.82 -36.12
CA PRO B 399 -16.67 -0.50 -36.49
C PRO B 399 -15.36 -0.81 -35.75
N TRP B 400 -15.50 -1.24 -34.50
CA TRP B 400 -14.33 -1.49 -33.67
C TRP B 400 -13.39 -2.49 -34.34
N MET B 401 -13.91 -3.61 -34.82
CA MET B 401 -13.08 -4.62 -35.47
C MET B 401 -13.98 -5.67 -36.10
N SER B 402 -13.40 -6.43 -37.01
CA SER B 402 -14.15 -7.48 -37.70
C SER B 402 -14.38 -8.67 -36.77
N LYS B 403 -15.28 -9.55 -37.20
CA LYS B 403 -15.51 -10.81 -36.50
C LYS B 403 -14.21 -11.59 -36.36
N GLU B 404 -13.38 -11.60 -37.42
CA GLU B 404 -12.14 -12.36 -37.39
C GLU B 404 -11.16 -11.78 -36.38
N GLU B 405 -11.00 -10.45 -36.37
CA GLU B 405 -10.11 -9.82 -35.40
C GLU B 405 -10.57 -10.12 -33.98
N ALA B 406 -11.88 -10.17 -33.75
CA ALA B 406 -12.39 -10.48 -32.42
C ALA B 406 -12.07 -11.93 -32.04
N GLU B 407 -12.27 -12.87 -32.96
CA GLU B 407 -11.90 -14.25 -32.71
C GLU B 407 -10.44 -14.35 -32.30
N GLN B 408 -9.56 -13.59 -32.97
CA GLN B 408 -8.14 -13.68 -32.69
C GLN B 408 -7.81 -13.14 -31.31
N ILE B 409 -8.52 -12.11 -30.86
CA ILE B 409 -8.32 -11.60 -29.50
C ILE B 409 -8.76 -12.65 -28.49
N ILE B 410 -9.87 -13.33 -28.74
CA ILE B 410 -10.34 -14.37 -27.82
C ILE B 410 -9.30 -15.48 -27.70
N ILE B 411 -8.74 -15.90 -28.85
CA ILE B 411 -7.74 -16.97 -28.85
C ILE B 411 -6.45 -16.48 -28.19
N ASN B 412 -5.97 -15.31 -28.61
CA ASN B 412 -4.75 -14.76 -28.03
C ASN B 412 -4.88 -14.61 -26.52
N SER B 413 -6.00 -14.07 -26.05
CA SER B 413 -6.22 -13.89 -24.62
C SER B 413 -6.26 -15.23 -23.91
N ALA B 414 -6.87 -16.24 -24.53
CA ALA B 414 -6.91 -17.56 -23.93
C ALA B 414 -5.51 -18.15 -23.80
N ASP B 415 -4.73 -18.09 -24.88
CA ASP B 415 -3.36 -18.61 -24.83
C ASP B 415 -2.54 -17.91 -23.76
N GLN B 416 -2.69 -16.58 -23.64
CA GLN B 416 -1.91 -15.85 -22.66
C GLN B 416 -2.32 -16.22 -21.25
N ALA B 417 -3.62 -16.39 -21.01
CA ALA B 417 -4.08 -16.82 -19.70
C ALA B 417 -3.53 -18.20 -19.36
N LEU B 418 -3.60 -19.14 -20.32
CA LEU B 418 -3.04 -20.46 -20.09
C LEU B 418 -1.54 -20.38 -19.83
N ALA B 419 -0.83 -19.62 -20.66
CA ALA B 419 0.62 -19.49 -20.47
C ALA B 419 0.94 -19.01 -19.06
N GLU B 420 0.25 -17.98 -18.60
CA GLU B 420 0.52 -17.43 -17.28
C GLU B 420 0.22 -18.45 -16.19
N LEU B 421 -0.88 -19.19 -16.33
CA LEU B 421 -1.20 -20.22 -15.34
C LEU B 421 -0.18 -21.35 -15.38
N HIS B 422 0.24 -21.78 -16.57
CA HIS B 422 1.26 -22.81 -16.67
C HIS B 422 2.57 -22.35 -16.03
N GLU B 423 2.90 -21.07 -16.19
CA GLU B 423 4.15 -20.55 -15.64
C GLU B 423 4.08 -20.40 -14.13
N GLU B 424 2.89 -20.12 -13.59
CA GLU B 424 2.75 -19.66 -12.22
C GLU B 424 2.10 -20.66 -11.28
N LYS B 425 1.23 -21.55 -11.78
CA LYS B 425 0.39 -22.36 -10.89
C LYS B 425 0.48 -23.85 -11.22
N GLY B 426 0.34 -24.21 -12.47
CA GLY B 426 0.44 -25.60 -12.87
C GLY B 426 -0.35 -25.86 -14.14
N THR B 427 -0.50 -27.15 -14.44
CA THR B 427 -1.20 -27.59 -15.65
C THR B 427 -2.61 -28.06 -15.38
N LYS B 428 -3.02 -28.17 -14.12
CA LYS B 428 -4.33 -28.72 -13.76
C LYS B 428 -5.15 -27.64 -13.06
N ALA B 429 -6.45 -27.62 -13.37
CA ALA B 429 -7.33 -26.60 -12.83
C ALA B 429 -7.20 -26.49 -11.31
N GLU B 430 -6.98 -27.62 -10.64
CA GLU B 430 -6.87 -27.59 -9.19
C GLU B 430 -5.69 -26.75 -8.73
N ASN B 431 -4.63 -26.68 -9.56
CA ASN B 431 -3.50 -25.83 -9.22
C ASN B 431 -3.86 -24.36 -9.32
N TRP B 432 -4.86 -24.01 -10.14
CA TRP B 432 -5.21 -22.63 -10.40
C TRP B 432 -6.12 -22.03 -9.34
N ARG B 433 -6.71 -22.86 -8.47
CA ARG B 433 -7.65 -22.36 -7.48
C ARG B 433 -7.06 -21.20 -6.70
N MET B 434 -7.77 -20.12 -6.66
CA MET B 434 -7.28 -18.90 -6.04
C MET B 434 -7.81 -18.77 -4.61
N PRO B 435 -7.05 -18.14 -3.71
CA PRO B 435 -7.57 -17.87 -2.38
C PRO B 435 -8.80 -16.97 -2.46
N ILE B 436 -9.70 -17.15 -1.49
CA ILE B 436 -10.92 -16.35 -1.49
C ILE B 436 -10.59 -14.90 -1.18
N ASP B 437 -11.32 -13.99 -1.82
CA ASP B 437 -11.34 -12.60 -1.39
C ASP B 437 -12.21 -12.49 -0.15
N THR B 438 -11.73 -11.75 0.84
CA THR B 438 -12.48 -11.55 2.07
C THR B 438 -12.71 -10.07 2.31
N MET B 439 -13.66 -9.78 3.20
CA MET B 439 -14.04 -8.42 3.54
C MET B 439 -14.31 -8.36 5.04
N THR B 440 -14.26 -7.14 5.58
CA THR B 440 -14.64 -6.87 6.95
C THR B 440 -15.69 -5.78 6.95
N PHE B 441 -16.45 -5.71 8.04
CA PHE B 441 -17.39 -4.62 8.24
C PHE B 441 -16.61 -3.40 8.70
N GLY B 442 -16.41 -2.46 7.79
CA GLY B 442 -15.52 -1.34 8.01
C GLY B 442 -16.17 -0.24 8.84
N GLU B 443 -15.44 0.87 8.95
CA GLU B 443 -15.81 1.98 9.82
C GLU B 443 -16.42 3.16 9.07
N THR B 444 -16.39 3.16 7.74
CA THR B 444 -16.85 4.29 6.94
C THR B 444 -17.77 3.78 5.84
N SER B 445 -18.95 4.37 5.73
CA SER B 445 -19.97 3.92 4.80
C SER B 445 -19.94 4.77 3.53
N LEU B 446 -20.95 4.58 2.69
CA LEU B 446 -21.08 5.34 1.45
C LEU B 446 -21.22 6.85 1.68
N ILE B 447 -21.63 7.28 2.88
CA ILE B 447 -21.73 8.72 3.12
C ILE B 447 -20.36 9.36 3.30
N GLY B 448 -19.29 8.56 3.29
CA GLY B 448 -17.94 9.11 3.30
C GLY B 448 -17.55 9.77 4.61
N VAL B 449 -18.13 9.35 5.71
CA VAL B 449 -17.86 9.93 7.03
C VAL B 449 -17.73 8.79 8.03
N GLN B 450 -16.57 8.68 8.67
CA GLN B 450 -16.36 7.65 9.68
C GLN B 450 -17.41 7.79 10.78
N HIS B 451 -18.14 6.71 11.04
CA HIS B 451 -19.22 6.72 12.02
C HIS B 451 -18.99 5.73 13.15
N GLY B 452 -17.83 5.07 13.20
CA GLY B 452 -17.56 4.12 14.25
C GLY B 452 -16.17 3.55 14.11
N TYR B 453 -15.97 2.38 14.70
CA TYR B 453 -14.68 1.71 14.68
C TYR B 453 -14.65 0.46 13.80
N GLY B 454 -15.76 0.11 13.17
CA GLY B 454 -15.77 -1.04 12.29
C GLY B 454 -15.49 -2.33 13.02
N SER B 455 -14.93 -3.28 12.28
CA SER B 455 -14.70 -4.63 12.78
C SER B 455 -13.50 -5.22 12.04
N ASP B 456 -12.83 -6.17 12.70
CA ASP B 456 -11.68 -6.84 12.11
C ASP B 456 -11.97 -8.26 11.63
N THR B 457 -13.16 -8.77 11.91
CA THR B 457 -13.49 -10.16 11.57
C THR B 457 -13.67 -10.30 10.06
N PRO B 458 -12.82 -11.05 9.36
CA PRO B 458 -13.00 -11.22 7.92
C PRO B 458 -13.94 -12.35 7.55
N ILE B 459 -14.68 -12.14 6.47
CA ILE B 459 -15.56 -13.15 5.91
C ILE B 459 -15.41 -13.13 4.39
N ILE B 460 -15.88 -14.20 3.76
CA ILE B 460 -15.78 -14.31 2.32
C ILE B 460 -16.54 -13.16 1.66
N GLU B 461 -15.98 -12.62 0.60
CA GLU B 461 -16.63 -11.53 -0.13
C GLU B 461 -17.84 -12.06 -0.87
N MET B 462 -18.91 -11.26 -0.90
CA MET B 462 -20.17 -11.67 -1.49
C MET B 462 -20.81 -10.49 -2.19
N ASN B 463 -21.25 -10.70 -3.42
CA ASN B 463 -21.95 -9.67 -4.20
C ASN B 463 -23.42 -9.72 -3.79
N ARG B 464 -23.69 -9.16 -2.61
CA ARG B 464 -24.89 -9.51 -1.86
C ARG B 464 -25.38 -8.32 -1.05
N GLY B 465 -26.67 -8.34 -0.72
CA GLY B 465 -27.25 -7.26 0.07
C GLY B 465 -26.62 -7.17 1.44
N SER B 466 -26.61 -5.95 1.99
CA SER B 466 -26.17 -5.73 3.35
C SER B 466 -27.11 -6.36 4.37
N GLU B 467 -28.33 -6.68 3.95
CA GLU B 467 -29.24 -7.50 4.73
C GLU B 467 -30.09 -8.28 3.74
N ASN B 468 -30.74 -9.33 4.23
CA ASN B 468 -31.66 -10.12 3.41
C ASN B 468 -32.89 -10.45 4.22
N HIS B 469 -34.07 -10.19 3.65
CA HIS B 469 -35.32 -10.74 4.14
C HIS B 469 -35.85 -11.75 3.14
N TYR B 470 -36.35 -12.87 3.64
CA TYR B 470 -37.08 -13.85 2.85
C TYR B 470 -38.46 -13.96 3.47
N LEU B 471 -39.47 -13.46 2.77
CA LEU B 471 -40.80 -13.29 3.33
C LEU B 471 -41.83 -14.02 2.48
N GLU B 472 -42.75 -14.70 3.16
CA GLU B 472 -43.88 -15.38 2.54
C GLU B 472 -45.15 -14.87 3.19
N MET B 473 -46.02 -14.26 2.39
CA MET B 473 -47.26 -13.68 2.91
C MET B 473 -48.31 -14.77 2.95
N THR B 474 -48.33 -15.51 4.06
CA THR B 474 -49.36 -16.51 4.27
C THR B 474 -50.67 -15.82 4.62
N PRO B 475 -51.79 -16.53 4.50
CA PRO B 475 -53.08 -15.93 4.92
C PRO B 475 -53.08 -15.45 6.36
N SER B 476 -52.37 -16.14 7.25
CA SER B 476 -52.31 -15.73 8.66
C SER B 476 -51.23 -14.69 8.92
N GLY B 477 -50.51 -14.23 7.90
CA GLY B 477 -49.55 -13.17 8.06
C GLY B 477 -48.17 -13.49 7.53
N PRO B 478 -47.27 -12.52 7.58
CA PRO B 478 -45.92 -12.74 7.03
C PRO B 478 -45.09 -13.67 7.90
N LYS B 479 -44.34 -14.54 7.24
CA LYS B 479 -43.42 -15.45 7.91
C LYS B 479 -42.15 -15.53 7.07
N GLY B 480 -41.07 -15.96 7.70
CA GLY B 480 -39.83 -16.18 6.96
C GLY B 480 -38.62 -16.07 7.87
N PHE B 481 -37.54 -15.55 7.29
CA PHE B 481 -36.25 -15.47 7.96
C PHE B 481 -35.44 -14.37 7.32
N ASN B 482 -34.49 -13.84 8.08
CA ASN B 482 -33.70 -12.71 7.62
C ASN B 482 -32.38 -12.70 8.37
N ILE B 483 -31.51 -11.76 7.99
CA ILE B 483 -30.23 -11.56 8.65
C ILE B 483 -29.84 -10.11 8.45
N THR B 484 -29.32 -9.48 9.49
CA THR B 484 -29.04 -8.04 9.50
C THR B 484 -27.66 -7.80 10.09
N PRO B 485 -26.61 -8.22 9.39
CA PRO B 485 -25.25 -8.07 9.92
C PRO B 485 -24.87 -6.60 10.01
N PRO B 486 -23.87 -6.26 10.84
CA PRO B 486 -23.08 -7.17 11.67
C PRO B 486 -23.77 -7.56 12.97
N GLY B 487 -24.69 -6.70 13.39
CA GLY B 487 -25.38 -6.91 14.65
C GLY B 487 -26.30 -5.73 14.92
N GLN B 488 -27.10 -5.88 15.97
CA GLN B 488 -28.10 -4.87 16.28
C GLN B 488 -27.49 -3.62 16.90
N VAL B 489 -26.52 -3.79 17.80
CA VAL B 489 -26.10 -2.73 18.72
C VAL B 489 -24.68 -2.31 18.38
N GLY B 490 -24.46 -1.00 18.28
CA GLY B 490 -23.15 -0.46 17.99
C GLY B 490 -22.36 0.01 19.20
N PHE B 491 -22.81 -0.28 20.41
CA PHE B 491 -22.18 0.25 21.60
C PHE B 491 -20.85 -0.44 21.87
N ILE B 492 -19.85 0.36 22.23
CA ILE B 492 -18.55 -0.13 22.67
C ILE B 492 -18.32 0.39 24.08
N HIS B 493 -18.02 -0.52 25.00
CA HIS B 493 -17.78 -0.12 26.39
C HIS B 493 -16.45 0.63 26.50
N LYS B 494 -16.38 1.50 27.50
CA LYS B 494 -15.12 2.20 27.78
C LYS B 494 -13.97 1.23 27.92
N ASP B 495 -14.25 0.01 28.40
CA ASP B 495 -13.22 -1.01 28.52
C ASP B 495 -12.58 -1.35 27.19
N GLY B 496 -13.27 -1.09 26.08
CA GLY B 496 -12.84 -1.49 24.77
C GLY B 496 -13.53 -2.71 24.22
N THR B 497 -14.37 -3.36 25.01
CA THR B 497 -15.09 -4.56 24.58
C THR B 497 -16.42 -4.17 23.97
N VAL B 498 -16.72 -4.72 22.80
CA VAL B 498 -17.94 -4.37 22.09
C VAL B 498 -19.14 -5.04 22.73
N SER B 499 -20.32 -4.49 22.45
CA SER B 499 -21.57 -5.11 22.89
C SER B 499 -21.65 -6.55 22.40
N GLU B 500 -22.41 -7.36 23.16
CA GLU B 500 -22.64 -8.74 22.75
C GLU B 500 -23.38 -8.83 21.41
N HIS B 501 -24.10 -7.78 21.02
CA HIS B 501 -24.83 -7.76 19.77
C HIS B 501 -24.20 -6.80 18.75
N TYR B 502 -22.88 -6.57 18.89
CA TYR B 502 -22.16 -5.72 17.95
C TYR B 502 -21.88 -6.45 16.64
N GLU B 503 -21.62 -7.75 16.72
CA GLU B 503 -21.07 -8.50 15.59
C GLU B 503 -21.54 -9.95 15.59
N ASP B 504 -22.59 -10.26 16.34
CA ASP B 504 -23.02 -11.64 16.53
C ASP B 504 -23.87 -12.17 15.38
N GLN B 505 -23.95 -11.43 14.27
CA GLN B 505 -24.59 -11.92 13.06
C GLN B 505 -23.63 -12.02 11.88
N VAL B 506 -22.34 -11.75 12.09
CA VAL B 506 -21.39 -11.72 10.98
C VAL B 506 -21.16 -13.12 10.44
N GLN B 507 -20.96 -14.09 11.33
CA GLN B 507 -20.68 -15.45 10.88
C GLN B 507 -21.92 -16.12 10.30
N MET B 508 -23.10 -15.85 10.88
CA MET B 508 -24.34 -16.31 10.28
C MET B 508 -24.48 -15.79 8.85
N PHE B 509 -24.19 -14.51 8.65
CA PHE B 509 -24.17 -13.94 7.31
C PHE B 509 -23.21 -14.73 6.41
N ALA B 510 -21.96 -14.92 6.87
CA ALA B 510 -20.96 -15.58 6.05
C ALA B 510 -21.31 -17.03 5.78
N ASN B 511 -22.02 -17.69 6.69
CA ASN B 511 -22.33 -19.11 6.58
C ASN B 511 -23.73 -19.36 6.05
N TRP B 512 -24.41 -18.33 5.55
CA TRP B 512 -25.74 -18.49 4.96
C TRP B 512 -26.70 -19.12 5.96
N GLU B 513 -26.63 -18.64 7.19
CA GLU B 513 -27.58 -18.96 8.25
C GLU B 513 -28.44 -17.74 8.51
N PHE B 514 -29.67 -17.99 8.97
CA PHE B 514 -30.64 -16.93 9.14
C PHE B 514 -31.38 -17.12 10.46
N LYS B 515 -31.89 -16.05 10.96
CA LYS B 515 -32.72 -16.05 12.14
C LYS B 515 -34.18 -15.87 11.74
N PRO B 516 -35.12 -16.35 12.55
CA PRO B 516 -36.53 -16.31 12.14
C PRO B 516 -37.09 -14.90 12.15
N PHE B 517 -37.90 -14.61 11.14
CA PHE B 517 -38.69 -13.38 11.12
C PHE B 517 -39.75 -13.46 12.20
N LEU B 518 -39.74 -12.49 13.12
CA LEU B 518 -40.65 -12.45 14.26
C LEU B 518 -41.71 -11.39 14.02
N PHE B 519 -42.98 -11.76 14.23
CA PHE B 519 -44.07 -10.84 13.91
C PHE B 519 -45.19 -10.84 14.93
N ASP B 520 -45.93 -11.95 15.07
CA ASP B 520 -47.01 -11.97 16.04
C ASP B 520 -46.45 -12.08 17.46
N ARG B 521 -47.25 -11.67 18.44
CA ARG B 521 -46.71 -11.51 19.78
C ARG B 521 -46.30 -12.84 20.40
N LYS B 522 -47.00 -13.92 20.08
CA LYS B 522 -46.66 -15.23 20.64
C LYS B 522 -45.20 -15.57 20.35
N GLU B 523 -44.77 -15.42 19.10
CA GLU B 523 -43.39 -15.75 18.74
C GLU B 523 -42.40 -14.68 19.15
N VAL B 524 -42.85 -13.44 19.37
CA VAL B 524 -41.96 -12.42 19.92
C VAL B 524 -41.70 -12.69 21.40
N ARG B 525 -42.72 -13.14 22.13
CA ARG B 525 -42.55 -13.43 23.55
C ARG B 525 -41.60 -14.61 23.75
N GLU B 526 -41.79 -15.69 22.97
CA GLU B 526 -40.91 -16.85 23.08
C GLU B 526 -39.46 -16.46 22.86
N ALA B 527 -39.21 -15.43 22.05
CA ALA B 527 -37.86 -14.97 21.76
C ALA B 527 -37.37 -13.89 22.71
N ALA B 528 -38.16 -13.54 23.72
CA ALA B 528 -37.86 -12.38 24.56
C ALA B 528 -36.72 -12.67 25.51
N VAL B 529 -35.75 -11.75 25.56
CA VAL B 529 -34.66 -11.81 26.52
C VAL B 529 -34.89 -10.82 27.66
N SER B 530 -35.49 -9.66 27.36
CA SER B 530 -35.73 -8.64 28.36
C SER B 530 -36.98 -7.86 27.97
N ILE B 531 -37.74 -7.45 28.99
CA ILE B 531 -38.94 -6.63 28.81
C ILE B 531 -38.77 -5.38 29.64
N THR B 532 -39.20 -4.23 29.12
CA THR B 532 -38.91 -2.94 29.72
C THR B 532 -39.99 -1.93 29.35
N ASP B 533 -40.19 -0.97 30.25
CA ASP B 533 -41.17 0.10 30.06
C ASP B 533 -40.48 1.37 29.56
N LEU B 534 -41.29 2.35 29.18
CA LEU B 534 -40.78 3.59 28.59
C LEU B 534 -41.83 4.67 28.78
N ASN B 535 -41.45 5.92 28.49
CA ASN B 535 -42.29 7.08 28.78
C ASN B 535 -42.26 8.05 27.60
N VAL B 536 -42.91 9.20 27.81
CA VAL B 536 -42.88 10.30 26.86
C VAL B 536 -42.09 11.45 27.48
N GLY C 7 58.83 20.95 -1.66
CA GLY C 7 57.97 20.10 -2.47
C GLY C 7 58.32 18.63 -2.36
N ASP C 8 58.83 18.24 -1.19
CA ASP C 8 59.33 16.89 -0.95
C ASP C 8 58.50 16.24 0.15
N VAL C 9 58.24 14.95 0.00
CA VAL C 9 57.44 14.18 0.97
C VAL C 9 58.20 12.90 1.29
N THR C 10 58.30 12.60 2.58
CA THR C 10 58.93 11.36 3.03
C THR C 10 57.86 10.29 3.19
N VAL C 11 58.11 9.13 2.60
CA VAL C 11 57.20 8.00 2.68
C VAL C 11 57.90 6.89 3.46
N ILE C 12 57.26 6.43 4.53
CA ILE C 12 57.76 5.32 5.34
C ILE C 12 56.79 4.17 5.20
N ARG C 13 57.30 3.03 4.74
CA ARG C 13 56.52 1.81 4.61
C ARG C 13 56.82 0.90 5.79
N ASP C 14 55.78 0.45 6.49
CA ASP C 14 55.97 -0.44 7.63
C ASP C 14 56.02 -1.89 7.14
N GLN C 15 56.15 -2.83 8.09
CA GLN C 15 56.34 -4.23 7.73
C GLN C 15 55.12 -4.82 7.01
N TYR C 16 53.99 -4.12 7.00
CA TYR C 16 52.83 -4.54 6.21
C TYR C 16 52.70 -3.75 4.91
N GLY C 17 53.64 -2.85 4.63
CA GLY C 17 53.60 -2.06 3.42
C GLY C 17 52.73 -0.82 3.49
N VAL C 18 52.13 -0.53 4.63
CA VAL C 18 51.28 0.66 4.75
C VAL C 18 52.16 1.90 4.59
N PRO C 19 51.80 2.86 3.73
CA PRO C 19 52.62 4.07 3.60
C PRO C 19 52.22 5.14 4.61
N HIS C 20 53.20 5.72 5.29
CA HIS C 20 52.98 6.80 6.24
C HIS C 20 53.63 8.06 5.67
N LEU C 21 52.79 9.00 5.25
CA LEU C 21 53.26 10.18 4.52
C LEU C 21 53.60 11.31 5.50
N TYR C 22 54.74 11.95 5.27
CA TYR C 22 55.18 13.08 6.07
C TYR C 22 55.52 14.22 5.13
N ALA C 23 54.64 15.22 5.07
CA ALA C 23 54.79 16.37 4.19
C ALA C 23 54.86 17.64 5.02
N LYS C 24 55.21 18.74 4.34
CA LYS C 24 55.29 20.06 4.97
C LYS C 24 54.05 20.90 4.72
N ASN C 25 53.10 20.40 3.95
CA ASN C 25 51.84 21.09 3.69
C ASN C 25 50.85 20.07 3.17
N LYS C 26 49.57 20.46 3.15
CA LYS C 26 48.54 19.55 2.69
C LYS C 26 48.55 19.38 1.18
N GLN C 27 48.94 20.42 0.44
CA GLN C 27 48.98 20.33 -1.01
C GLN C 27 49.89 19.20 -1.46
N ASP C 28 51.07 19.08 -0.84
CA ASP C 28 51.96 17.97 -1.17
C ASP C 28 51.45 16.66 -0.55
N LEU C 29 50.87 16.73 0.64
CA LEU C 29 50.38 15.52 1.31
C LEU C 29 49.40 14.77 0.42
N TYR C 30 48.39 15.47 -0.10
CA TYR C 30 47.35 14.79 -0.86
C TYR C 30 47.84 14.33 -2.21
N LYS C 31 48.87 14.98 -2.77
CA LYS C 31 49.45 14.47 -4.00
C LYS C 31 50.21 13.17 -3.75
N ALA C 32 50.97 13.11 -2.66
CA ALA C 32 51.58 11.84 -2.27
C ALA C 32 50.53 10.80 -1.96
N TYR C 33 49.45 11.21 -1.29
CA TYR C 33 48.32 10.33 -1.02
C TYR C 33 47.84 9.63 -2.29
N GLY C 34 47.53 10.42 -3.32
CA GLY C 34 47.09 9.83 -4.57
C GLY C 34 48.16 9.00 -5.25
N TYR C 35 49.43 9.36 -5.07
CA TYR C 35 50.51 8.64 -5.75
C TYR C 35 50.70 7.24 -5.16
N VAL C 36 50.74 7.14 -3.83
CA VAL C 36 50.96 5.83 -3.20
C VAL C 36 49.77 4.92 -3.42
N MET C 37 48.56 5.48 -3.39
CA MET C 37 47.37 4.67 -3.67
C MET C 37 47.40 4.15 -5.10
N ALA C 38 47.81 4.99 -6.05
CA ALA C 38 47.96 4.53 -7.42
C ALA C 38 49.03 3.45 -7.52
N LYS C 39 50.18 3.68 -6.89
CA LYS C 39 51.27 2.71 -6.93
C LYS C 39 50.84 1.37 -6.36
N ASP C 40 49.94 1.36 -5.38
CA ASP C 40 49.52 0.12 -4.75
C ASP C 40 48.33 -0.55 -5.44
N ARG C 41 47.48 0.23 -6.11
CA ARG C 41 46.19 -0.27 -6.58
C ARG C 41 45.82 0.28 -7.94
N LEU C 42 46.80 0.54 -8.81
CA LEU C 42 46.53 1.25 -10.05
C LEU C 42 45.43 0.55 -10.85
N PHE C 43 45.58 -0.75 -11.10
CA PHE C 43 44.59 -1.45 -11.92
C PHE C 43 43.20 -1.35 -11.32
N GLN C 44 43.11 -1.43 -9.99
CA GLN C 44 41.81 -1.33 -9.32
C GLN C 44 41.20 0.05 -9.52
N LEU C 45 42.00 1.11 -9.39
CA LEU C 45 41.50 2.45 -9.62
C LEU C 45 41.01 2.62 -11.06
N GLU C 46 41.75 2.07 -12.03
CA GLU C 46 41.36 2.21 -13.42
C GLU C 46 40.03 1.52 -13.69
N MET C 47 39.82 0.34 -13.10
CA MET C 47 38.57 -0.38 -13.33
C MET C 47 37.41 0.26 -12.59
N PHE C 48 37.66 0.82 -11.41
CA PHE C 48 36.60 1.56 -10.73
C PHE C 48 36.17 2.77 -11.54
N ARG C 49 37.14 3.53 -12.06
CA ARG C 49 36.78 4.67 -12.92
C ARG C 49 36.01 4.20 -14.13
N ARG C 50 36.51 3.16 -14.81
CA ARG C 50 35.79 2.62 -15.96
C ARG C 50 34.38 2.18 -15.59
N GLY C 51 34.21 1.68 -14.36
CA GLY C 51 32.87 1.33 -13.90
C GLY C 51 31.94 2.53 -13.89
N ASN C 52 32.39 3.64 -13.30
CA ASN C 52 31.51 4.81 -13.19
C ASN C 52 31.35 5.49 -14.54
N GLU C 53 32.41 5.55 -15.35
CA GLU C 53 32.33 6.15 -16.67
C GLU C 53 31.58 5.27 -17.66
N GLY C 54 31.29 4.02 -17.30
CA GLY C 54 30.61 3.13 -18.23
C GLY C 54 31.48 2.71 -19.40
N THR C 55 32.77 2.46 -19.16
CA THR C 55 33.69 2.06 -20.20
C THR C 55 34.33 0.69 -19.93
N VAL C 56 33.72 -0.10 -19.03
CA VAL C 56 34.26 -1.42 -18.74
C VAL C 56 34.27 -2.28 -20.00
N SER C 57 33.21 -2.18 -20.80
CA SER C 57 33.12 -2.98 -22.01
C SER C 57 34.29 -2.74 -22.95
N GLU C 58 34.95 -1.58 -22.87
CA GLU C 58 36.06 -1.29 -23.77
C GLU C 58 37.19 -2.31 -23.60
N VAL C 59 37.33 -2.91 -22.42
CA VAL C 59 38.45 -3.81 -22.17
C VAL C 59 37.97 -5.24 -21.90
N PHE C 60 36.75 -5.39 -21.37
CA PHE C 60 36.25 -6.71 -21.01
C PHE C 60 35.13 -7.21 -21.93
N GLY C 61 34.71 -6.43 -22.91
CA GLY C 61 33.81 -6.92 -23.93
C GLY C 61 32.34 -6.72 -23.59
N GLU C 62 31.50 -7.39 -24.41
CA GLU C 62 30.07 -7.12 -24.43
C GLU C 62 29.34 -7.60 -23.19
N GLU C 63 29.95 -8.46 -22.36
CA GLU C 63 29.27 -8.93 -21.17
C GLU C 63 29.02 -7.81 -20.17
N TYR C 64 29.76 -6.71 -20.27
CA TYR C 64 29.61 -5.57 -19.37
C TYR C 64 28.82 -4.43 -20.00
N LEU C 65 28.24 -4.62 -21.19
CA LEU C 65 27.54 -3.53 -21.86
C LEU C 65 26.34 -3.06 -21.04
N ALA C 66 25.50 -4.00 -20.58
CA ALA C 66 24.35 -3.62 -19.78
C ALA C 66 24.75 -2.82 -18.55
N LYS C 67 25.83 -3.26 -17.88
CA LYS C 67 26.32 -2.54 -16.71
C LYS C 67 26.77 -1.13 -17.08
N ASP C 68 27.53 -1.00 -18.17
CA ASP C 68 28.01 0.31 -18.59
C ASP C 68 26.83 1.25 -18.88
N GLU C 69 25.77 0.73 -19.48
CA GLU C 69 24.62 1.57 -19.81
C GLU C 69 23.92 2.04 -18.54
N GLN C 70 23.75 1.14 -17.57
CA GLN C 70 23.14 1.53 -16.30
C GLN C 70 23.97 2.61 -15.62
N SER C 71 25.29 2.50 -15.67
CA SER C 71 26.14 3.48 -15.00
C SER C 71 25.99 4.86 -15.62
N ARG C 72 25.95 4.94 -16.95
CA ARG C 72 25.82 6.25 -17.60
C ARG C 72 24.40 6.80 -17.43
N ARG C 73 23.39 5.93 -17.49
CA ARG C 73 22.01 6.37 -17.36
C ARG C 73 21.82 7.24 -16.12
N ASP C 74 22.37 6.83 -14.99
CA ASP C 74 22.13 7.47 -13.71
C ASP C 74 23.24 8.44 -13.30
N GLY C 75 24.31 8.52 -14.06
CA GLY C 75 25.49 9.26 -13.66
C GLY C 75 25.49 10.71 -14.09
N TYR C 76 26.65 11.34 -13.96
CA TYR C 76 26.84 12.74 -14.26
C TYR C 76 27.83 12.90 -15.39
N SER C 77 27.66 13.96 -16.18
CA SER C 77 28.64 14.31 -17.20
C SER C 77 29.85 14.97 -16.56
N ASP C 78 30.95 15.03 -17.32
CA ASP C 78 32.14 15.72 -16.83
C ASP C 78 31.84 17.17 -16.52
N GLU C 79 31.03 17.83 -17.36
CA GLU C 79 30.66 19.21 -17.09
C GLU C 79 29.91 19.34 -15.77
N GLU C 80 28.96 18.44 -15.51
CA GLU C 80 28.21 18.50 -14.27
C GLU C 80 29.12 18.34 -13.06
N ILE C 81 30.10 17.45 -13.15
CA ILE C 81 31.04 17.29 -12.04
C ILE C 81 31.91 18.53 -11.88
N LYS C 82 32.31 19.15 -13.00
CA LYS C 82 33.05 20.41 -12.92
C LYS C 82 32.29 21.43 -12.10
N GLU C 83 30.98 21.56 -12.35
CA GLU C 83 30.17 22.50 -11.57
C GLU C 83 30.16 22.12 -10.09
N MET C 84 30.07 20.82 -9.79
CA MET C 84 30.13 20.39 -8.39
C MET C 84 31.45 20.80 -7.76
N LEU C 85 32.56 20.61 -8.48
CA LEU C 85 33.86 20.99 -7.95
C LEU C 85 33.98 22.49 -7.78
N ASN C 86 33.48 23.26 -8.76
CA ASN C 86 33.57 24.72 -8.67
C ASN C 86 32.86 25.25 -7.43
N ASP C 87 31.83 24.55 -6.96
CA ASP C 87 31.08 24.98 -5.78
C ASP C 87 31.75 24.61 -4.47
N LEU C 88 32.86 23.87 -4.51
CA LEU C 88 33.58 23.56 -3.29
C LEU C 88 34.35 24.78 -2.81
N GLU C 89 34.87 24.68 -1.59
CA GLU C 89 35.79 25.68 -1.09
C GLU C 89 37.16 25.49 -1.76
N ASP C 90 37.96 26.56 -1.73
CA ASP C 90 39.20 26.57 -2.50
C ASP C 90 40.13 25.43 -2.09
N LYS C 91 40.36 25.26 -0.79
CA LYS C 91 41.35 24.28 -0.35
C LYS C 91 40.91 22.86 -0.63
N PRO C 92 39.70 22.42 -0.24
CA PRO C 92 39.29 21.05 -0.59
C PRO C 92 39.34 20.76 -2.08
N ARG C 93 38.85 21.69 -2.91
CA ARG C 93 38.95 21.51 -4.36
C ARG C 93 40.40 21.35 -4.78
N ALA C 94 41.31 22.12 -4.16
CA ALA C 94 42.71 22.05 -4.55
C ALA C 94 43.34 20.73 -4.15
N TYR C 95 42.96 20.20 -2.99
CA TYR C 95 43.54 18.93 -2.54
C TYR C 95 43.05 17.77 -3.40
N ILE C 96 41.79 17.81 -3.83
CA ILE C 96 41.30 16.81 -4.76
C ILE C 96 42.10 16.86 -6.06
N GLN C 97 42.39 18.07 -6.54
CA GLN C 97 43.21 18.22 -7.73
C GLN C 97 44.61 17.66 -7.52
N GLN C 98 45.22 17.98 -6.37
CA GLN C 98 46.53 17.42 -6.05
C GLN C 98 46.47 15.91 -5.95
N PHE C 99 45.40 15.38 -5.34
CA PHE C 99 45.19 13.94 -5.29
C PHE C 99 45.20 13.35 -6.69
N ALA C 100 44.44 13.95 -7.61
CA ALA C 100 44.39 13.46 -8.99
C ALA C 100 45.76 13.54 -9.64
N GLU C 101 46.51 14.61 -9.39
CA GLU C 101 47.85 14.73 -9.97
C GLU C 101 48.77 13.63 -9.45
N GLY C 102 48.63 13.26 -8.19
CA GLY C 102 49.43 12.18 -7.65
C GLY C 102 49.22 10.87 -8.39
N ILE C 103 47.96 10.52 -8.62
CA ILE C 103 47.64 9.33 -9.42
C ILE C 103 48.26 9.46 -10.80
N SER C 104 47.93 10.55 -11.51
CA SER C 104 48.51 10.78 -12.83
C SER C 104 50.02 10.71 -12.79
N LEU C 105 50.64 11.11 -11.67
CA LEU C 105 52.09 11.06 -11.56
C LEU C 105 52.60 9.63 -11.67
N TYR C 106 51.99 8.70 -10.91
CA TYR C 106 52.44 7.32 -10.99
C TYR C 106 52.10 6.71 -12.35
N VAL C 107 50.96 7.10 -12.93
CA VAL C 107 50.62 6.63 -14.27
C VAL C 107 51.74 6.98 -15.24
N GLN C 108 52.17 8.24 -15.23
CA GLN C 108 53.30 8.65 -16.07
C GLN C 108 54.52 7.79 -15.77
N GLU C 109 54.89 7.67 -14.50
CA GLU C 109 56.04 6.86 -14.12
C GLU C 109 55.89 5.43 -14.62
N ALA C 110 54.71 4.83 -14.42
CA ALA C 110 54.51 3.44 -14.78
C ALA C 110 54.55 3.23 -16.29
N LEU C 111 54.07 4.20 -17.07
CA LEU C 111 54.11 4.09 -18.51
C LEU C 111 55.54 4.07 -19.05
N LYS C 112 56.47 4.76 -18.38
CA LYS C 112 57.85 4.79 -18.85
C LYS C 112 58.55 3.44 -18.67
N ASN C 113 58.03 2.57 -17.79
CA ASN C 113 58.63 1.27 -17.52
C ASN C 113 57.52 0.26 -17.25
N PRO C 114 56.78 -0.12 -18.29
CA PRO C 114 55.59 -0.96 -18.06
C PRO C 114 55.89 -2.31 -17.47
N ASP C 115 56.95 -2.98 -17.92
CA ASP C 115 57.20 -4.36 -17.50
C ASP C 115 57.44 -4.46 -16.00
N GLU C 116 57.94 -3.40 -15.38
CA GLU C 116 58.22 -3.41 -13.95
C GLU C 116 57.14 -2.73 -13.10
N LYS C 117 56.43 -1.74 -13.65
CA LYS C 117 55.57 -0.89 -12.85
C LYS C 117 54.09 -0.96 -13.22
N LEU C 118 53.70 -1.81 -14.16
CA LEU C 118 52.29 -2.07 -14.44
C LEU C 118 51.95 -3.49 -14.03
N SER C 119 50.84 -3.64 -13.31
CA SER C 119 50.44 -4.94 -12.80
C SER C 119 50.07 -5.88 -13.95
N LYS C 120 50.15 -7.18 -13.67
CA LYS C 120 49.95 -8.19 -14.70
C LYS C 120 48.63 -8.03 -15.44
N GLU C 121 47.59 -7.56 -14.75
CA GLU C 121 46.28 -7.44 -15.39
C GLU C 121 46.35 -6.57 -16.64
N PHE C 122 47.11 -5.46 -16.58
CA PHE C 122 47.23 -4.60 -17.75
C PHE C 122 47.81 -5.37 -18.94
N HIS C 123 48.82 -6.21 -18.67
CA HIS C 123 49.43 -6.98 -19.76
C HIS C 123 48.47 -8.04 -20.29
N ASP C 124 47.80 -8.77 -19.39
CA ASP C 124 46.94 -9.86 -19.81
C ASP C 124 45.78 -9.37 -20.66
N TYR C 125 45.18 -8.25 -20.28
CA TYR C 125 44.04 -7.69 -21.01
C TYR C 125 44.46 -6.66 -22.05
N LYS C 126 45.74 -6.30 -22.10
CA LYS C 126 46.31 -5.52 -23.20
C LYS C 126 45.66 -4.14 -23.29
N PHE C 127 45.79 -3.38 -22.21
CA PHE C 127 45.45 -1.96 -22.22
C PHE C 127 46.26 -1.29 -21.12
N LEU C 128 46.30 0.03 -21.17
CA LEU C 128 47.15 0.81 -20.29
C LEU C 128 46.32 1.69 -19.36
N PRO C 129 46.91 2.16 -18.27
CA PRO C 129 46.26 3.21 -17.47
C PRO C 129 46.19 4.51 -18.26
N ARG C 130 45.43 5.46 -17.74
CA ARG C 130 45.28 6.76 -18.36
C ARG C 130 45.44 7.85 -17.31
N LYS C 131 45.52 9.09 -17.78
CA LYS C 131 45.71 10.23 -16.90
C LYS C 131 44.44 10.51 -16.10
N TRP C 132 44.61 11.20 -14.97
CA TRP C 132 43.53 11.45 -14.03
C TRP C 132 43.38 12.95 -13.77
N ASP C 133 42.15 13.40 -13.66
CA ASP C 133 41.82 14.76 -13.27
C ASP C 133 40.93 14.73 -12.03
N ALA C 134 40.55 15.92 -11.55
CA ALA C 134 39.74 16.01 -10.34
C ALA C 134 38.38 15.37 -10.52
N THR C 135 37.79 15.47 -11.73
CA THR C 135 36.49 14.84 -11.94
C THR C 135 36.59 13.33 -11.84
N ASP C 136 37.73 12.76 -12.26
CA ASP C 136 37.93 11.32 -12.12
C ASP C 136 37.96 10.90 -10.67
N VAL C 137 38.51 11.75 -9.79
CA VAL C 137 38.52 11.44 -8.37
C VAL C 137 37.10 11.37 -7.83
N VAL C 138 36.28 12.37 -8.17
CA VAL C 138 34.87 12.33 -7.79
C VAL C 138 34.23 11.05 -8.28
N ARG C 139 34.58 10.61 -9.49
CA ARG C 139 33.98 9.39 -10.02
C ARG C 139 34.34 8.17 -9.18
N LEU C 140 35.53 8.15 -8.58
CA LEU C 140 35.88 7.05 -7.69
C LEU C 140 34.97 7.02 -6.47
N TYR C 141 34.48 8.19 -6.05
CA TYR C 141 33.55 8.27 -4.93
C TYR C 141 32.13 7.89 -5.36
N LEU C 142 31.68 8.38 -6.52
CA LEU C 142 30.33 8.08 -6.97
C LEU C 142 30.12 6.57 -7.14
N VAL C 143 31.15 5.87 -7.64
CA VAL C 143 30.97 4.49 -8.07
C VAL C 143 30.61 3.58 -6.90
N SER C 144 31.13 3.86 -5.71
CA SER C 144 30.93 3.00 -4.56
C SER C 144 29.93 3.56 -3.55
N MET C 145 30.03 4.84 -3.20
CA MET C 145 29.20 5.38 -2.13
C MET C 145 27.72 5.39 -2.52
N THR C 146 27.42 5.57 -3.81
CA THR C 146 26.03 5.57 -4.25
C THR C 146 25.36 4.23 -4.02
N TYR C 147 26.14 3.15 -3.97
CA TYR C 147 25.59 1.82 -3.81
C TYR C 147 24.76 1.69 -2.53
N PHE C 148 25.21 2.34 -1.46
CA PHE C 148 24.53 2.24 -0.17
C PHE C 148 23.32 3.15 -0.06
N MET C 149 23.15 4.10 -0.99
CA MET C 149 22.04 5.05 -0.95
C MET C 149 20.94 4.71 -1.94
N ASP C 150 21.31 4.11 -3.08
CA ASP C 150 20.41 3.92 -4.20
C ASP C 150 19.62 2.64 -4.05
N ASN C 151 18.33 2.68 -4.37
CA ASN C 151 17.52 1.48 -4.35
C ASN C 151 16.23 1.74 -5.12
N HIS C 152 15.58 0.65 -5.52
CA HIS C 152 14.30 0.70 -6.22
C HIS C 152 13.25 -0.14 -5.49
N GLN C 153 13.40 -0.29 -4.17
CA GLN C 153 12.48 -1.13 -3.40
C GLN C 153 11.04 -0.63 -3.49
N GLU C 154 10.82 0.65 -3.81
CA GLU C 154 9.46 1.13 -4.00
C GLU C 154 8.77 0.39 -5.15
N LEU C 155 9.50 0.13 -6.24
CA LEU C 155 8.94 -0.64 -7.34
C LEU C 155 8.68 -2.07 -6.92
N THR C 156 9.66 -2.71 -6.28
CA THR C 156 9.47 -4.07 -5.78
C THR C 156 8.28 -4.13 -4.84
N ASN C 157 8.16 -3.16 -3.93
CA ASN C 157 7.01 -3.11 -3.05
C ASN C 157 5.72 -2.99 -3.85
N ALA C 158 5.72 -2.14 -4.87
CA ALA C 158 4.53 -1.98 -5.71
C ALA C 158 4.17 -3.29 -6.39
N GLU C 159 5.18 -4.03 -6.85
CA GLU C 159 4.94 -5.31 -7.50
C GLU C 159 4.38 -6.33 -6.50
N ILE C 160 4.87 -6.30 -5.25
CA ILE C 160 4.36 -7.21 -4.23
C ILE C 160 2.91 -6.90 -3.91
N LEU C 161 2.62 -5.63 -3.60
CA LEU C 161 1.25 -5.24 -3.27
C LEU C 161 0.28 -5.59 -4.40
N ALA C 162 0.71 -5.38 -5.65
CA ALA C 162 -0.18 -5.62 -6.78
C ALA C 162 -0.53 -7.11 -6.89
N LYS C 163 0.45 -7.99 -6.71
CA LYS C 163 0.18 -9.42 -6.82
C LYS C 163 -0.65 -9.90 -5.65
N LEU C 164 -0.38 -9.39 -4.44
CA LEU C 164 -1.20 -9.75 -3.30
C LEU C 164 -2.64 -9.32 -3.49
N GLU C 165 -2.86 -8.11 -4.03
CA GLU C 165 -4.21 -7.65 -4.31
C GLU C 165 -4.89 -8.54 -5.35
N GLN C 166 -4.15 -8.94 -6.39
CA GLN C 166 -4.70 -9.86 -7.37
C GLN C 166 -5.06 -11.20 -6.73
N THR C 167 -4.35 -11.60 -5.69
CA THR C 167 -4.52 -12.92 -5.09
C THR C 167 -5.53 -12.92 -3.95
N TYR C 168 -5.50 -11.90 -3.08
CA TYR C 168 -6.30 -11.88 -1.87
C TYR C 168 -7.36 -10.77 -1.85
N GLY C 169 -7.40 -9.92 -2.87
CA GLY C 169 -8.23 -8.75 -2.81
C GLY C 169 -7.56 -7.62 -2.06
N GLU C 170 -8.12 -6.42 -2.23
CA GLU C 170 -7.44 -5.22 -1.76
C GLU C 170 -7.32 -5.18 -0.25
N GLU C 171 -8.39 -5.55 0.47
CA GLU C 171 -8.42 -5.34 1.91
C GLU C 171 -7.34 -6.17 2.62
N GLN C 172 -7.30 -7.47 2.37
CA GLN C 172 -6.33 -8.32 3.06
C GLN C 172 -4.92 -8.14 2.51
N ALA C 173 -4.79 -7.88 1.20
CA ALA C 173 -3.48 -7.61 0.64
C ALA C 173 -2.81 -6.44 1.35
N GLU C 174 -3.59 -5.39 1.66
CA GLU C 174 -3.02 -4.24 2.37
C GLU C 174 -2.57 -4.62 3.78
N LYS C 175 -3.29 -5.53 4.44
CA LYS C 175 -2.89 -5.96 5.78
C LYS C 175 -1.63 -6.82 5.72
N MET C 176 -1.54 -7.69 4.72
CA MET C 176 -0.31 -8.46 4.53
C MET C 176 0.85 -7.54 4.20
N PHE C 177 0.61 -6.53 3.36
CA PHE C 177 1.65 -5.57 3.02
C PHE C 177 2.13 -4.82 4.25
N ASP C 178 1.19 -4.36 5.10
CA ASP C 178 1.57 -3.70 6.34
C ASP C 178 2.43 -4.60 7.22
N ASP C 179 2.25 -5.91 7.13
CA ASP C 179 3.09 -6.83 7.90
C ASP C 179 4.43 -7.08 7.24
N LEU C 180 4.48 -7.05 5.90
CA LEU C 180 5.74 -7.25 5.18
C LEU C 180 6.59 -5.99 5.21
N VAL C 181 6.01 -4.86 4.85
CA VAL C 181 6.73 -3.58 4.78
C VAL C 181 5.98 -2.59 5.68
N TRP C 182 6.29 -2.62 6.97
CA TRP C 182 5.51 -1.85 7.92
C TRP C 182 5.78 -0.36 7.77
N LYS C 183 4.77 0.44 8.14
CA LYS C 183 4.97 1.89 8.23
C LYS C 183 5.95 2.22 9.33
N ASN C 184 5.96 1.44 10.39
CA ASN C 184 6.87 1.62 11.52
C ASN C 184 6.78 0.38 12.39
N ASP C 185 7.89 0.03 13.03
CA ASP C 185 7.92 -0.99 14.06
C ASP C 185 8.47 -0.35 15.33
N PRO C 186 7.62 0.06 16.28
CA PRO C 186 8.11 0.78 17.47
C PRO C 186 8.98 -0.07 18.38
N GLU C 187 9.03 -1.38 18.19
CA GLU C 187 9.92 -2.24 18.97
C GLU C 187 11.26 -2.46 18.31
N ALA C 188 11.51 -1.85 17.15
CA ALA C 188 12.78 -2.05 16.48
C ALA C 188 13.91 -1.44 17.31
N PRO C 189 14.98 -2.20 17.60
CA PRO C 189 16.10 -1.61 18.33
C PRO C 189 16.65 -0.38 17.63
N ALA C 190 16.91 0.66 18.42
CA ALA C 190 17.42 1.92 17.90
C ALA C 190 18.78 2.21 18.51
N SER C 191 19.62 2.91 17.74
CA SER C 191 20.97 3.20 18.22
C SER C 191 20.98 4.23 19.32
N ILE C 192 20.00 5.14 19.35
CA ILE C 192 19.86 6.10 20.43
C ILE C 192 18.40 6.15 20.87
N GLN C 193 18.20 6.69 22.07
CA GLN C 193 16.87 6.87 22.64
C GLN C 193 16.79 8.27 23.24
N ALA C 194 15.70 8.97 22.93
CA ALA C 194 15.48 10.28 23.54
C ALA C 194 15.56 10.20 25.07
N GLU C 195 15.19 9.05 25.63
CA GLU C 195 15.27 8.84 27.08
C GLU C 195 16.63 9.22 27.63
N ASP C 196 17.70 8.95 26.88
CA ASP C 196 19.06 9.07 27.41
C ASP C 196 19.63 10.47 27.30
N GLU C 197 18.81 11.48 27.03
CA GLU C 197 19.20 12.89 26.96
C GLU C 197 20.68 13.17 27.24
N SER D 1 27.45 -3.30 7.92
CA SER D 1 28.53 -2.58 8.63
C SER D 1 28.13 -2.36 10.07
N ASN D 2 29.06 -2.55 10.99
CA ASN D 2 28.78 -2.35 12.40
C ASN D 2 29.79 -1.35 12.98
N ALA D 3 29.43 -0.81 14.14
CA ALA D 3 30.21 0.22 14.78
C ALA D 3 29.86 0.25 16.26
N MET D 4 30.84 0.64 17.07
CA MET D 4 30.63 0.85 18.50
C MET D 4 31.43 2.07 18.92
N ILE D 5 30.83 2.91 19.75
CA ILE D 5 31.55 3.98 20.44
C ILE D 5 31.19 3.88 21.92
N VAL D 6 32.18 4.15 22.77
CA VAL D 6 32.05 3.94 24.21
C VAL D 6 32.57 5.19 24.91
N GLY D 7 31.70 5.84 25.68
CA GLY D 7 32.10 6.99 26.46
C GLY D 7 32.89 6.59 27.68
N GLU D 8 33.52 7.60 28.30
CA GLU D 8 34.43 7.34 29.41
C GLU D 8 33.73 6.66 30.58
N ASP D 9 32.45 6.97 30.84
CA ASP D 9 31.77 6.32 31.97
C ASP D 9 31.61 4.82 31.74
N LYS D 10 31.54 4.40 30.49
CA LYS D 10 31.37 2.99 30.14
C LYS D 10 32.69 2.28 29.89
N SER D 11 33.81 3.00 29.90
CA SER D 11 35.11 2.43 29.54
C SER D 11 35.91 2.08 30.78
N LYS D 12 36.50 0.87 30.79
CA LYS D 12 37.26 0.41 31.94
C LYS D 12 38.42 1.36 32.25
N THR D 13 39.08 1.88 31.23
CA THR D 13 40.23 2.76 31.38
C THR D 13 39.83 4.22 31.52
N GLY D 14 38.55 4.55 31.47
CA GLY D 14 38.12 5.92 31.46
C GLY D 14 38.34 6.66 30.16
N ASN D 15 38.82 5.99 29.12
CA ASN D 15 39.04 6.61 27.82
C ASN D 15 37.96 6.17 26.84
N ALA D 16 37.49 7.12 26.05
CA ALA D 16 36.51 6.80 25.02
C ALA D 16 37.10 5.80 24.03
N LEU D 17 36.25 4.91 23.54
CA LEU D 17 36.64 3.85 22.62
C LEU D 17 35.83 3.95 21.34
N LEU D 18 36.42 3.46 20.25
CA LEU D 18 35.71 3.41 18.97
C LEU D 18 36.09 2.13 18.24
N PHE D 19 35.09 1.51 17.63
CA PHE D 19 35.26 0.28 16.87
C PHE D 19 34.65 0.47 15.49
N SER D 20 35.38 0.08 14.46
CA SER D 20 34.92 0.19 13.08
C SER D 20 34.80 -1.20 12.48
N GLY D 21 33.78 -1.39 11.63
CA GLY D 21 33.56 -2.64 10.97
C GLY D 21 32.75 -2.50 9.70
N PRO D 22 33.30 -1.80 8.70
CA PRO D 22 32.57 -1.64 7.43
C PRO D 22 32.49 -2.96 6.68
N GLN D 23 31.27 -3.30 6.24
CA GLN D 23 31.02 -4.56 5.53
C GLN D 23 30.86 -4.22 4.04
N VAL D 24 31.96 -4.32 3.31
CA VAL D 24 31.96 -3.97 1.89
C VAL D 24 32.50 -5.15 1.10
N GLY D 25 32.30 -6.35 1.61
CA GLY D 25 32.75 -7.55 0.94
C GLY D 25 34.22 -7.83 1.16
N PHE D 26 34.65 -9.01 0.71
CA PHE D 26 36.02 -9.47 0.84
C PHE D 26 36.55 -9.75 -0.56
N VAL D 27 37.41 -8.85 -1.05
CA VAL D 27 37.95 -8.95 -2.41
C VAL D 27 39.45 -8.67 -2.35
N ALA D 28 40.13 -9.04 -3.44
CA ALA D 28 41.57 -8.83 -3.58
C ALA D 28 41.85 -8.24 -4.95
N PRO D 29 42.43 -7.03 -5.05
CA PRO D 29 42.82 -6.14 -3.96
C PRO D 29 41.64 -5.70 -3.12
N GLY D 30 41.89 -5.35 -1.86
CA GLY D 30 40.81 -5.09 -0.94
C GLY D 30 40.07 -3.81 -1.25
N PHE D 31 38.87 -3.72 -0.70
CA PHE D 31 38.03 -2.54 -0.89
C PHE D 31 38.50 -1.34 -0.08
N LEU D 32 39.43 -1.54 0.86
CA LEU D 32 39.91 -0.46 1.71
C LEU D 32 41.37 -0.14 1.39
N TYR D 33 41.76 1.08 1.71
CA TYR D 33 43.13 1.53 1.55
C TYR D 33 43.59 2.20 2.84
N GLU D 34 44.61 1.63 3.46
CA GLU D 34 45.15 2.12 4.72
C GLU D 34 46.34 3.04 4.43
N VAL D 35 46.44 4.13 5.20
CA VAL D 35 47.42 5.17 4.93
C VAL D 35 47.66 5.94 6.21
N GLY D 36 48.82 6.58 6.30
CA GLY D 36 49.10 7.54 7.35
C GLY D 36 49.34 8.91 6.76
N LEU D 37 48.63 9.92 7.26
CA LEU D 37 48.73 11.28 6.75
C LEU D 37 49.26 12.17 7.87
N HIS D 38 50.36 12.88 7.59
CA HIS D 38 51.03 13.68 8.61
C HIS D 38 51.58 14.94 7.96
N ALA D 39 50.99 16.07 8.32
CA ALA D 39 51.47 17.39 7.90
C ALA D 39 51.35 18.32 9.10
N PRO D 40 51.89 19.53 9.05
CA PRO D 40 51.77 20.45 10.20
C PRO D 40 50.31 20.68 10.56
N GLY D 41 49.95 20.29 11.78
CA GLY D 41 48.60 20.47 12.26
C GLY D 41 47.61 19.41 11.82
N PHE D 42 48.07 18.30 11.25
CA PHE D 42 47.16 17.27 10.78
C PHE D 42 47.89 15.93 10.80
N ASP D 43 47.45 15.03 11.67
CA ASP D 43 48.01 13.69 11.78
C ASP D 43 46.86 12.70 11.86
N MET D 44 46.80 11.77 10.92
CA MET D 44 45.67 10.86 10.87
C MET D 44 46.10 9.53 10.25
N GLU D 45 45.66 8.45 10.87
CA GLU D 45 45.98 7.09 10.42
C GLU D 45 44.70 6.28 10.39
N GLY D 46 44.52 5.49 9.34
CA GLY D 46 43.32 4.69 9.19
C GLY D 46 43.14 4.31 7.73
N SER D 47 41.91 3.95 7.39
CA SER D 47 41.60 3.51 6.05
C SER D 47 40.31 4.16 5.56
N GLY D 48 40.19 4.23 4.24
CA GLY D 48 38.95 4.60 3.61
C GLY D 48 38.70 3.72 2.39
N PHE D 49 37.48 3.81 1.86
CA PHE D 49 37.18 3.06 0.65
C PHE D 49 38.16 3.45 -0.45
N ILE D 50 38.52 2.46 -1.27
CA ILE D 50 39.51 2.67 -2.32
C ILE D 50 39.12 3.87 -3.16
N GLY D 51 40.11 4.70 -3.49
CA GLY D 51 39.91 5.87 -4.31
C GLY D 51 39.50 7.13 -3.56
N TYR D 52 39.18 7.02 -2.28
CA TYR D 52 38.72 8.18 -1.51
C TYR D 52 39.92 8.97 -0.98
N PRO D 53 39.98 10.30 -1.18
CA PRO D 53 41.05 11.11 -0.60
C PRO D 53 40.81 11.49 0.86
N PHE D 54 40.38 10.52 1.66
CA PHE D 54 40.16 10.78 3.07
C PHE D 54 40.00 9.46 3.82
N ILE D 55 40.28 9.51 5.11
CA ILE D 55 40.16 8.36 5.99
C ILE D 55 38.75 8.33 6.57
N MET D 56 38.15 7.14 6.56
CA MET D 56 36.82 6.94 7.14
C MET D 56 36.85 6.09 8.39
N PHE D 57 37.90 5.30 8.60
CA PHE D 57 37.99 4.36 9.71
C PHE D 57 39.39 4.53 10.30
N GLY D 58 39.49 5.27 11.40
CA GLY D 58 40.78 5.59 11.98
C GLY D 58 40.64 6.70 12.99
N ALA D 59 41.74 7.41 13.21
CA ALA D 59 41.75 8.48 14.19
C ALA D 59 42.81 9.50 13.82
N ASN D 60 42.55 10.75 14.18
CA ASN D 60 43.56 11.79 14.12
C ASN D 60 44.00 12.10 15.56
N LYS D 61 44.70 13.23 15.73
CA LYS D 61 45.27 13.54 17.02
C LYS D 61 44.21 13.64 18.11
N HIS D 62 43.00 14.09 17.76
CA HIS D 62 42.01 14.48 18.74
C HIS D 62 40.76 13.62 18.77
N ILE D 63 40.42 12.94 17.66
CA ILE D 63 39.16 12.24 17.54
C ILE D 63 39.36 10.96 16.74
N ALA D 64 38.55 9.97 17.04
CA ALA D 64 38.38 8.79 16.19
C ALA D 64 37.02 8.87 15.52
N LEU D 65 36.92 8.29 14.32
CA LEU D 65 35.64 8.26 13.62
C LEU D 65 35.49 6.95 12.87
N THR D 66 34.23 6.59 12.61
CA THR D 66 33.88 5.51 11.70
C THR D 66 32.49 5.80 11.16
N ALA D 67 31.96 4.86 10.37
CA ALA D 67 30.68 5.08 9.73
C ALA D 67 30.04 3.74 9.37
N THR D 68 28.71 3.77 9.25
CA THR D 68 27.93 2.66 8.71
C THR D 68 26.83 3.22 7.83
N ALA D 69 26.45 2.46 6.80
CA ALA D 69 25.38 2.89 5.92
C ALA D 69 24.12 3.16 6.72
N GLY D 70 23.51 4.33 6.47
CA GLY D 70 22.36 4.73 7.26
C GLY D 70 21.07 4.05 6.85
N TYR D 71 20.92 3.73 5.56
CA TYR D 71 19.67 3.23 5.01
C TYR D 71 18.53 4.21 5.28
N GLY D 72 18.84 5.49 5.31
CA GLY D 72 17.81 6.51 5.31
C GLY D 72 17.09 6.58 3.98
N ASN D 73 15.93 7.23 4.02
CA ASN D 73 15.06 7.35 2.84
C ASN D 73 15.52 8.55 2.01
N VAL D 74 16.55 8.32 1.20
CA VAL D 74 17.14 9.36 0.37
C VAL D 74 16.97 9.08 -1.12
N THR D 75 16.20 8.05 -1.48
CA THR D 75 15.86 7.77 -2.86
C THR D 75 14.35 7.56 -2.96
N ASP D 76 13.71 8.30 -3.86
CA ASP D 76 12.31 8.11 -4.16
C ASP D 76 12.15 7.80 -5.65
N ILE D 77 11.15 6.98 -5.96
CA ILE D 77 10.76 6.69 -7.33
C ILE D 77 9.49 7.47 -7.63
N PHE D 78 9.44 8.12 -8.79
CA PHE D 78 8.26 8.85 -9.22
C PHE D 78 7.63 8.14 -10.41
N GLU D 79 6.33 7.89 -10.33
CA GLU D 79 5.58 7.28 -11.42
C GLU D 79 5.09 8.39 -12.33
N GLU D 80 5.66 8.47 -13.53
CA GLU D 80 5.35 9.52 -14.47
C GLU D 80 4.22 9.08 -15.40
N LYS D 81 3.24 9.95 -15.59
CA LYS D 81 2.14 9.67 -16.50
C LYS D 81 2.59 9.97 -17.93
N LEU D 82 2.54 8.96 -18.79
CA LEU D 82 3.06 9.07 -20.14
C LEU D 82 1.99 9.55 -21.11
N HIS D 83 2.46 10.19 -22.19
CA HIS D 83 1.57 10.56 -23.28
C HIS D 83 1.13 9.29 -24.00
N PRO D 84 -0.17 9.10 -24.24
CA PRO D 84 -0.61 7.83 -24.84
C PRO D 84 -0.04 7.58 -26.23
N ASN D 85 0.44 8.61 -26.92
CA ASN D 85 1.02 8.46 -28.25
C ASN D 85 2.52 8.74 -28.28
N ASP D 86 3.13 9.11 -27.16
CA ASP D 86 4.55 9.47 -27.13
C ASP D 86 5.11 9.12 -25.76
N PRO D 87 5.83 8.01 -25.64
CA PRO D 87 6.38 7.62 -24.32
C PRO D 87 7.54 8.49 -23.86
N THR D 88 7.99 9.46 -24.65
CA THR D 88 9.00 10.40 -24.22
C THR D 88 8.40 11.70 -23.68
N GLN D 89 7.08 11.76 -23.55
CA GLN D 89 6.40 12.91 -22.95
C GLN D 89 5.63 12.46 -21.72
N TYR D 90 5.66 13.28 -20.68
CA TYR D 90 4.98 12.97 -19.44
C TYR D 90 4.25 14.23 -18.97
N PHE D 91 3.23 14.02 -18.13
CA PHE D 91 2.40 15.11 -17.65
C PHE D 91 2.92 15.60 -16.30
N TYR D 92 3.13 16.91 -16.20
CA TYR D 92 3.72 17.50 -15.01
C TYR D 92 3.23 18.92 -14.85
N LYS D 93 2.57 19.20 -13.72
CA LYS D 93 2.07 20.53 -13.39
C LYS D 93 1.23 21.11 -14.53
N GLY D 94 0.22 20.34 -14.93
CA GLY D 94 -0.80 20.82 -15.84
C GLY D 94 -0.45 20.78 -17.30
N GLU D 95 0.79 20.42 -17.66
CA GLU D 95 1.20 20.42 -19.06
C GLU D 95 2.00 19.16 -19.36
N TRP D 96 1.95 18.74 -20.62
CA TRP D 96 2.87 17.73 -21.11
C TRP D 96 4.28 18.31 -21.20
N ARG D 97 5.27 17.52 -20.78
CA ARG D 97 6.67 17.91 -20.84
C ARG D 97 7.44 16.87 -21.63
N GLU D 98 8.55 17.30 -22.22
CA GLU D 98 9.46 16.39 -22.90
C GLU D 98 10.53 15.90 -21.93
N MET D 99 10.78 14.59 -21.95
CA MET D 99 11.94 14.06 -21.23
C MET D 99 13.22 14.65 -21.83
N GLU D 100 14.19 14.92 -20.97
CA GLU D 100 15.51 15.29 -21.44
C GLU D 100 16.14 14.08 -22.13
N LYS D 101 16.46 14.23 -23.40
CA LYS D 101 17.04 13.15 -24.21
C LYS D 101 18.54 13.39 -24.36
N ARG D 102 19.31 12.30 -24.36
CA ARG D 102 20.72 12.40 -24.64
C ARG D 102 21.22 11.05 -25.13
N THR D 103 22.13 11.09 -26.09
CA THR D 103 22.67 9.89 -26.72
C THR D 103 24.05 9.58 -26.16
N GLU D 104 24.30 8.31 -25.90
CA GLU D 104 25.60 7.84 -25.44
C GLU D 104 26.10 6.76 -26.39
N THR D 105 27.38 6.80 -26.70
CA THR D 105 28.02 5.81 -27.56
C THR D 105 28.97 4.97 -26.74
N PHE D 106 28.82 3.66 -26.82
CA PHE D 106 29.61 2.72 -26.06
C PHE D 106 30.51 1.93 -26.99
N THR D 107 31.80 1.89 -26.67
CA THR D 107 32.77 1.10 -27.41
C THR D 107 32.94 -0.25 -26.72
N VAL D 108 32.77 -1.32 -27.48
CA VAL D 108 32.77 -2.68 -26.95
C VAL D 108 33.87 -3.46 -27.64
N ARG D 109 34.82 -3.97 -26.85
CA ARG D 109 35.88 -4.81 -27.39
C ARG D 109 35.27 -6.11 -27.91
N GLY D 110 35.46 -6.38 -29.21
CA GLY D 110 35.01 -7.62 -29.78
C GLY D 110 35.95 -8.77 -29.48
N GLU D 111 35.45 -9.99 -29.69
CA GLU D 111 36.25 -11.18 -29.43
C GLU D 111 37.57 -11.18 -30.20
N ASP D 112 37.63 -10.46 -31.32
CA ASP D 112 38.84 -10.35 -32.12
C ASP D 112 39.64 -9.10 -31.81
N GLY D 113 39.29 -8.38 -30.73
CA GLY D 113 39.97 -7.16 -30.37
C GLY D 113 39.49 -5.92 -31.09
N LYS D 114 38.68 -6.07 -32.14
CA LYS D 114 38.20 -4.90 -32.88
C LYS D 114 37.14 -4.18 -32.06
N PRO D 115 37.18 -2.85 -31.96
CA PRO D 115 36.19 -2.14 -31.13
C PRO D 115 34.88 -1.95 -31.88
N GLU D 116 33.81 -2.53 -31.35
CA GLU D 116 32.46 -2.29 -31.85
C GLU D 116 31.87 -1.07 -31.15
N GLN D 117 30.78 -0.56 -31.70
CA GLN D 117 30.11 0.60 -31.12
C GLN D 117 28.61 0.37 -31.07
N VAL D 118 28.02 0.74 -29.94
CA VAL D 118 26.58 0.68 -29.72
C VAL D 118 26.10 2.05 -29.30
N GLU D 119 24.96 2.46 -29.83
CA GLU D 119 24.37 3.77 -29.53
C GLU D 119 23.08 3.57 -28.76
N THR D 120 22.94 4.30 -27.65
CA THR D 120 21.77 4.21 -26.79
C THR D 120 21.36 5.61 -26.37
N VAL D 121 20.07 5.76 -26.05
CA VAL D 121 19.51 7.02 -25.60
C VAL D 121 19.03 6.86 -24.17
N PHE D 122 19.29 7.87 -23.35
CA PHE D 122 18.86 7.88 -21.97
C PHE D 122 17.98 9.09 -21.71
N TYR D 123 17.15 9.00 -20.68
CA TYR D 123 16.10 9.97 -20.43
C TYR D 123 16.11 10.39 -18.96
N ARG D 124 15.86 11.68 -18.74
CA ARG D 124 15.61 12.22 -17.42
C ARG D 124 14.28 12.95 -17.44
N THR D 125 13.64 13.04 -16.27
CA THR D 125 12.52 13.94 -16.07
C THR D 125 12.91 14.98 -15.02
N VAL D 126 11.96 15.87 -14.72
CA VAL D 126 12.15 16.85 -13.65
C VAL D 126 12.57 16.16 -12.36
N HIS D 127 12.20 14.89 -12.19
CA HIS D 127 12.49 14.16 -10.95
C HIS D 127 13.81 13.42 -10.97
N GLY D 128 14.40 13.20 -12.15
CA GLY D 128 15.67 12.51 -12.23
C GLY D 128 15.74 11.57 -13.42
N PRO D 129 16.72 10.67 -13.41
CA PRO D 129 16.86 9.73 -14.53
C PRO D 129 15.69 8.76 -14.61
N VAL D 130 15.29 8.46 -15.84
CA VAL D 130 14.26 7.44 -16.07
C VAL D 130 14.92 6.08 -16.04
N ILE D 131 14.48 5.22 -15.12
CA ILE D 131 15.03 3.87 -15.01
C ILE D 131 14.19 2.83 -15.72
N SER D 132 12.92 3.13 -16.02
CA SER D 132 12.05 2.19 -16.69
C SER D 132 10.96 2.96 -17.43
N ILE D 133 10.60 2.47 -18.61
CA ILE D 133 9.47 2.99 -19.37
C ILE D 133 8.55 1.81 -19.67
N ASP D 134 7.31 1.89 -19.20
CA ASP D 134 6.31 0.86 -19.42
C ASP D 134 5.27 1.42 -20.39
N GLU D 135 5.41 1.07 -21.67
CA GLU D 135 4.54 1.61 -22.70
C GLU D 135 3.12 1.08 -22.57
N GLU D 136 2.98 -0.22 -22.27
CA GLU D 136 1.65 -0.83 -22.22
C GLU D 136 0.82 -0.23 -21.09
N ARG D 137 1.43 0.03 -19.94
CA ARG D 137 0.73 0.60 -18.80
C ARG D 137 0.72 2.12 -18.81
N GLY D 138 1.45 2.75 -19.72
CA GLY D 138 1.45 4.21 -19.82
C GLY D 138 2.10 4.92 -18.66
N VAL D 139 3.19 4.36 -18.11
CA VAL D 139 3.94 5.01 -17.05
C VAL D 139 5.43 4.82 -17.28
N ALA D 140 6.20 5.71 -16.66
CA ALA D 140 7.65 5.58 -16.56
C ALA D 140 8.03 5.89 -15.12
N TYR D 141 9.18 5.38 -14.71
CA TYR D 141 9.66 5.56 -13.33
C TYR D 141 10.98 6.30 -13.37
N SER D 142 11.04 7.42 -12.66
CA SER D 142 12.24 8.21 -12.51
C SER D 142 12.71 8.15 -11.06
N LYS D 143 14.00 8.42 -10.87
CA LYS D 143 14.69 8.19 -9.60
C LYS D 143 15.22 9.52 -9.09
N SER D 144 14.72 9.95 -7.94
CA SER D 144 15.16 11.19 -7.30
C SER D 144 16.06 10.85 -6.12
N TRP D 145 17.28 11.39 -6.14
CA TRP D 145 18.19 11.32 -4.99
C TRP D 145 18.15 12.66 -4.27
N SER D 146 17.92 12.62 -2.95
CA SER D 146 17.96 13.85 -2.17
C SER D 146 19.33 14.50 -2.19
N PHE D 147 20.36 13.75 -2.57
CA PHE D 147 21.73 14.23 -2.63
C PHE D 147 22.20 14.51 -4.05
N ARG D 148 21.30 14.43 -5.03
CA ARG D 148 21.66 14.68 -6.43
C ARG D 148 22.41 16.00 -6.55
N GLY D 149 23.63 15.92 -7.08
CA GLY D 149 24.46 17.09 -7.29
C GLY D 149 25.32 17.51 -6.13
N THR D 150 25.16 16.89 -4.95
CA THR D 150 25.90 17.28 -3.76
C THR D 150 26.96 16.26 -3.37
N GLU D 151 27.31 15.33 -4.25
CA GLU D 151 28.27 14.30 -3.89
C GLU D 151 29.65 14.90 -3.60
N ALA D 152 30.07 15.89 -4.39
CA ALA D 152 31.33 16.57 -4.12
C ALA D 152 31.27 17.29 -2.79
N GLN D 153 30.11 17.86 -2.44
CA GLN D 153 29.95 18.50 -1.14
C GLN D 153 30.13 17.49 -0.02
N SER D 154 29.64 16.27 -0.22
CA SER D 154 29.79 15.23 0.79
C SER D 154 31.25 14.78 0.92
N MET D 155 31.99 14.75 -0.20
CA MET D 155 33.41 14.48 -0.13
C MET D 155 34.12 15.55 0.70
N GLN D 156 33.81 16.83 0.43
CA GLN D 156 34.38 17.92 1.20
C GLN D 156 34.05 17.79 2.68
N ALA D 157 32.82 17.36 2.99
CA ALA D 157 32.45 17.16 4.39
C ALA D 157 33.31 16.10 5.05
N TYR D 158 33.56 14.98 4.36
CA TYR D 158 34.40 13.95 4.93
C TYR D 158 35.81 14.46 5.17
N MET D 159 36.33 15.27 4.25
CA MET D 159 37.65 15.87 4.45
C MET D 159 37.66 16.81 5.64
N LYS D 160 36.55 17.53 5.87
CA LYS D 160 36.46 18.37 7.07
C LYS D 160 36.46 17.54 8.34
N ALA D 161 35.81 16.36 8.29
CA ALA D 161 35.83 15.46 9.45
C ALA D 161 37.25 15.00 9.74
N ASN D 162 38.03 14.71 8.70
CA ASN D 162 39.43 14.37 8.89
C ASN D 162 40.17 15.47 9.63
N TRP D 163 39.88 16.72 9.31
CA TRP D 163 40.58 17.85 9.90
C TRP D 163 39.97 18.32 11.22
N ALA D 164 38.81 17.79 11.58
CA ALA D 164 38.14 18.22 12.81
C ALA D 164 38.97 17.84 14.03
N LYS D 165 39.06 18.78 14.98
CA LYS D 165 39.79 18.55 16.22
C LYS D 165 38.89 18.60 17.44
N ASN D 166 37.60 18.82 17.28
CA ASN D 166 36.66 18.87 18.39
C ASN D 166 35.27 18.58 17.87
N LEU D 167 34.32 18.47 18.78
CA LEU D 167 32.97 18.04 18.41
C LEU D 167 32.26 19.11 17.58
N LYS D 168 32.48 20.39 17.91
CA LYS D 168 31.87 21.46 17.12
C LYS D 168 32.25 21.35 15.65
N GLU D 169 33.53 21.12 15.37
CA GLU D 169 33.98 21.01 13.98
C GLU D 169 33.49 19.71 13.34
N PHE D 170 33.40 18.62 14.11
CA PHE D 170 32.91 17.37 13.55
C PHE D 170 31.42 17.45 13.25
N GLU D 171 30.64 18.04 14.16
CA GLU D 171 29.21 18.21 13.93
C GLU D 171 28.95 19.06 12.70
N GLU D 172 29.72 20.14 12.52
CA GLU D 172 29.59 20.96 11.32
C GLU D 172 29.84 20.12 10.07
N ALA D 173 30.91 19.32 10.06
CA ALA D 173 31.16 18.43 8.94
C ALA D 173 29.98 17.49 8.69
N ALA D 174 29.42 16.93 9.77
CA ALA D 174 28.29 16.02 9.62
C ALA D 174 27.08 16.74 9.05
N SER D 175 26.86 18.00 9.45
CA SER D 175 25.74 18.76 8.91
C SER D 175 25.89 19.01 7.42
N GLU D 176 27.10 18.89 6.89
CA GLU D 176 27.36 19.09 5.47
C GLU D 176 27.32 17.80 4.67
N TYR D 177 27.29 16.64 5.33
CA TYR D 177 27.30 15.37 4.62
C TYR D 177 25.88 15.05 4.16
N THR D 178 25.66 15.08 2.83
CA THR D 178 24.32 15.03 2.27
C THR D 178 23.79 13.63 2.03
N MET D 179 24.65 12.61 2.02
CA MET D 179 24.25 11.25 1.73
C MET D 179 24.00 10.51 3.04
N SER D 180 23.41 9.32 2.92
CA SER D 180 22.89 8.60 4.10
C SER D 180 23.96 7.71 4.69
N LEU D 181 24.74 8.27 5.62
CA LEU D 181 25.68 7.52 6.43
C LEU D 181 25.48 7.87 7.90
N ASN D 182 25.58 6.86 8.76
CA ASN D 182 25.79 7.08 10.19
C ASN D 182 27.25 7.44 10.43
N TRP D 183 27.50 8.50 11.20
CA TRP D 183 28.83 8.88 11.62
C TRP D 183 28.98 8.73 13.12
N TYR D 184 30.16 8.28 13.55
CA TYR D 184 30.46 8.00 14.96
C TYR D 184 31.73 8.72 15.36
N TYR D 185 31.76 9.19 16.61
CA TYR D 185 32.79 10.11 17.09
C TYR D 185 33.19 9.73 18.50
N ALA D 186 34.50 9.82 18.78
CA ALA D 186 35.06 9.67 20.11
C ALA D 186 36.28 10.58 20.21
N ASP D 187 36.46 11.23 21.36
CA ASP D 187 37.59 12.14 21.54
C ASP D 187 38.30 11.86 22.86
N LYS D 188 39.38 12.61 23.10
CA LYS D 188 40.28 12.38 24.22
C LYS D 188 39.72 12.88 25.55
N ARG D 189 38.65 13.67 25.53
CA ARG D 189 37.99 14.08 26.76
C ARG D 189 37.06 13.02 27.32
N GLY D 190 36.76 11.98 26.55
CA GLY D 190 35.81 10.96 26.95
C GLY D 190 34.47 11.06 26.26
N ASN D 191 34.28 12.03 25.36
CA ASN D 191 33.00 12.20 24.70
C ASN D 191 32.83 11.21 23.56
N ILE D 192 31.57 10.87 23.29
CA ILE D 192 31.19 10.15 22.08
C ILE D 192 30.00 10.87 21.46
N ALA D 193 29.82 10.69 20.15
CA ALA D 193 28.72 11.33 19.46
C ALA D 193 28.29 10.49 18.27
N TYR D 194 27.01 10.59 17.93
CA TYR D 194 26.40 9.78 16.87
C TYR D 194 25.52 10.68 16.01
N TYR D 195 25.69 10.60 14.69
CA TYR D 195 24.94 11.42 13.75
C TYR D 195 24.44 10.53 12.62
N HIS D 196 23.12 10.51 12.42
CA HIS D 196 22.51 9.87 11.26
C HIS D 196 22.36 10.95 10.18
N ALA D 197 23.36 11.04 9.31
CA ALA D 197 23.44 12.13 8.35
C ALA D 197 22.64 11.82 7.08
N GLY D 198 22.42 12.86 6.29
CA GLY D 198 21.75 12.72 5.00
C GLY D 198 20.62 13.72 4.81
N LYS D 199 20.49 14.24 3.59
CA LYS D 199 19.40 15.15 3.27
C LYS D 199 18.08 14.39 3.26
N GLN D 200 17.14 14.83 4.08
CA GLN D 200 15.84 14.17 4.19
C GLN D 200 14.79 15.01 3.47
N PRO D 201 14.17 14.50 2.40
CA PRO D 201 13.15 15.29 1.71
C PRO D 201 11.95 15.55 2.62
N VAL D 202 11.37 16.75 2.46
CA VAL D 202 10.04 17.02 3.02
C VAL D 202 9.03 16.51 2.01
N ARG D 203 8.35 15.42 2.35
CA ARG D 203 7.47 14.72 1.41
C ARG D 203 6.02 15.17 1.59
N ASN D 204 5.23 14.92 0.56
CA ASN D 204 3.80 15.19 0.62
C ASN D 204 3.15 14.27 1.64
N GLU D 205 2.30 14.85 2.50
CA GLU D 205 1.75 14.08 3.60
C GLU D 205 0.76 13.01 3.16
N GLU D 206 0.25 13.08 1.92
CA GLU D 206 -0.77 12.14 1.48
C GLU D 206 -0.20 10.82 0.96
N ILE D 207 1.06 10.80 0.54
CA ILE D 207 1.58 9.66 -0.20
C ILE D 207 2.12 8.60 0.76
N ASP D 208 2.00 7.35 0.33
CA ASP D 208 2.58 6.21 1.04
C ASP D 208 4.05 6.11 0.65
N GLU D 209 4.94 6.35 1.62
CA GLU D 209 6.37 6.40 1.33
C GLU D 209 6.97 5.04 1.03
N ARG D 210 6.20 3.95 1.12
CA ARG D 210 6.68 2.62 0.77
C ARG D 210 6.53 2.32 -0.72
N LEU D 211 5.85 3.18 -1.47
CA LEU D 211 5.53 2.95 -2.87
C LEU D 211 5.92 4.17 -3.69
N PRO D 212 5.93 4.04 -5.02
CA PRO D 212 6.30 5.19 -5.85
C PRO D 212 5.32 6.34 -5.72
N THR D 213 5.85 7.55 -5.85
CA THR D 213 5.08 8.79 -5.77
C THR D 213 4.57 9.18 -7.15
N PRO D 214 3.30 9.57 -7.30
CA PRO D 214 2.84 10.07 -8.62
C PRO D 214 3.62 11.32 -9.02
N GLY D 215 4.07 11.34 -10.27
CA GLY D 215 4.94 12.39 -10.75
C GLY D 215 4.26 13.56 -11.40
N THR D 216 2.93 13.66 -11.33
CA THR D 216 2.22 14.69 -12.07
C THR D 216 2.43 16.10 -11.49
N GLY D 217 3.05 16.22 -10.31
CA GLY D 217 3.47 17.50 -9.77
C GLY D 217 2.86 17.82 -8.42
N GLU D 218 1.67 17.28 -8.13
CA GLU D 218 0.99 17.63 -6.89
C GLU D 218 1.64 17.02 -5.66
N TYR D 219 2.54 16.05 -5.84
CA TYR D 219 3.13 15.33 -4.72
C TYR D 219 4.66 15.44 -4.69
N ASP D 220 5.22 16.47 -5.33
CA ASP D 220 6.66 16.67 -5.32
C ASP D 220 7.17 16.90 -3.90
N TRP D 221 8.47 16.71 -3.74
CA TRP D 221 9.15 17.15 -2.52
C TRP D 221 8.88 18.63 -2.29
N GLN D 222 8.71 19.01 -1.03
CA GLN D 222 8.42 20.38 -0.66
C GLN D 222 9.62 21.09 -0.06
N GLY D 223 10.77 20.43 -0.04
CA GLY D 223 11.98 20.96 0.55
C GLY D 223 12.75 19.86 1.24
N PHE D 224 13.67 20.26 2.12
CA PHE D 224 14.48 19.32 2.87
C PHE D 224 14.44 19.68 4.34
N GLN D 225 14.38 18.66 5.20
CA GLN D 225 14.36 18.89 6.63
C GLN D 225 15.70 19.46 7.09
N PRO D 226 15.70 20.28 8.13
CA PRO D 226 16.97 20.79 8.65
C PRO D 226 17.73 19.70 9.40
N PHE D 227 19.05 19.77 9.32
CA PHE D 227 19.90 18.75 9.92
C PHE D 227 19.63 18.61 11.42
N GLU D 228 19.16 19.67 12.06
CA GLU D 228 18.85 19.60 13.49
C GLU D 228 17.80 18.55 13.80
N GLN D 229 16.99 18.17 12.81
CA GLN D 229 15.98 17.14 13.01
C GLN D 229 16.49 15.74 12.67
N ASN D 230 17.68 15.61 12.09
CA ASN D 230 18.26 14.31 11.87
C ASN D 230 18.57 13.66 13.22
N PRO D 231 18.45 12.34 13.32
CA PRO D 231 18.82 11.68 14.58
C PRO D 231 20.27 11.92 14.93
N GLN D 232 20.52 12.26 16.19
CA GLN D 232 21.87 12.55 16.66
C GLN D 232 21.85 12.58 18.18
N ALA D 233 23.00 12.28 18.78
CA ALA D 233 23.11 12.25 20.23
C ALA D 233 24.56 12.43 20.64
N VAL D 234 24.76 13.22 21.69
CA VAL D 234 26.06 13.41 22.31
C VAL D 234 25.99 12.83 23.72
N ASN D 235 26.91 11.92 24.03
CA ASN D 235 27.04 11.35 25.37
C ASN D 235 25.73 10.84 25.93
N PRO D 236 25.12 9.83 25.31
CA PRO D 236 23.92 9.24 25.90
C PRO D 236 24.24 8.65 27.27
N ASP D 237 23.26 8.68 28.17
CA ASP D 237 23.52 8.32 29.55
C ASP D 237 23.72 6.82 29.74
N ASN D 238 23.57 6.01 28.69
CA ASN D 238 23.99 4.62 28.75
C ASN D 238 25.47 4.44 28.43
N GLY D 239 26.15 5.51 28.01
CA GLY D 239 27.59 5.48 27.81
C GLY D 239 28.07 4.83 26.54
N TYR D 240 27.18 4.48 25.61
CA TYR D 240 27.64 3.87 24.37
C TYR D 240 26.62 4.08 23.26
N VAL D 241 27.08 3.86 22.03
CA VAL D 241 26.23 3.73 20.86
C VAL D 241 26.77 2.58 20.02
N VAL D 242 25.90 1.64 19.65
CA VAL D 242 26.25 0.60 18.70
C VAL D 242 25.27 0.66 17.55
N ASN D 243 25.69 0.08 16.41
CA ASN D 243 24.87 0.12 15.20
C ASN D 243 25.31 -0.99 14.28
N TRP D 244 24.34 -1.67 13.68
CA TRP D 244 24.58 -2.64 12.62
C TRP D 244 23.58 -2.42 11.49
N ASN D 245 23.49 -1.16 11.05
CA ASN D 245 22.57 -0.69 10.01
C ASN D 245 21.12 -0.66 10.47
N ASN D 246 20.90 -0.54 11.78
CA ASN D 246 19.58 -0.55 12.36
C ASN D 246 19.01 0.86 12.47
N LYS D 247 17.77 0.93 12.96
CA LYS D 247 17.05 2.18 13.12
C LYS D 247 17.85 3.18 13.94
N PRO D 248 17.99 4.45 13.50
CA PRO D 248 18.73 5.43 14.31
C PRO D 248 18.03 5.75 15.62
N SER D 249 16.72 5.99 15.56
CA SER D 249 15.97 6.39 16.73
C SER D 249 14.52 5.96 16.57
N GLN D 250 13.81 5.96 17.69
CA GLN D 250 12.43 5.45 17.71
C GLN D 250 11.51 6.26 16.80
N GLU D 251 11.82 7.54 16.61
CA GLU D 251 10.96 8.42 15.82
C GLU D 251 11.28 8.41 14.33
N TRP D 252 12.35 7.76 13.92
CA TRP D 252 12.80 7.82 12.54
C TRP D 252 12.08 6.76 11.69
N ARG D 253 11.93 7.09 10.41
CA ARG D 253 11.32 6.19 9.43
C ARG D 253 12.22 6.14 8.20
N ASN D 254 12.01 5.12 7.36
CA ASN D 254 12.76 5.03 6.11
C ASN D 254 11.94 4.39 5.00
N GLY D 255 10.62 4.51 5.06
CA GLY D 255 9.76 4.17 3.94
C GLY D 255 9.89 2.77 3.41
N GLU D 256 10.38 2.63 2.17
CA GLU D 256 10.31 1.38 1.43
C GLU D 256 11.22 0.30 2.00
N ARG D 257 12.23 0.66 2.79
CA ARG D 257 13.15 -0.30 3.36
C ARG D 257 12.93 -0.49 4.86
N SER D 258 11.68 -0.31 5.31
CA SER D 258 11.39 -0.43 6.73
C SER D 258 11.65 -1.85 7.24
N PHE D 259 11.51 -2.85 6.38
CA PHE D 259 11.70 -4.23 6.81
C PHE D 259 13.14 -4.52 7.22
N TYR D 260 14.05 -3.56 7.00
CA TYR D 260 15.38 -3.63 7.60
C TYR D 260 15.36 -3.36 9.10
N TRP D 261 14.33 -2.65 9.59
CA TRP D 261 14.32 -2.09 10.94
C TRP D 261 13.12 -2.65 11.69
N GLY D 262 13.24 -3.91 12.14
CA GLY D 262 12.19 -4.58 12.86
C GLY D 262 12.61 -4.94 14.28
N LYS D 263 11.62 -5.36 15.06
CA LYS D 263 11.85 -5.82 16.43
C LYS D 263 13.03 -6.78 16.50
N ASP D 264 13.06 -7.75 15.58
CA ASP D 264 14.19 -8.69 15.48
C ASP D 264 15.24 -8.06 14.58
N ASN D 265 16.35 -7.60 15.16
CA ASN D 265 17.39 -6.94 14.40
C ASN D 265 18.76 -7.38 14.91
N ARG D 266 19.66 -7.63 13.97
CA ARG D 266 20.95 -8.24 14.29
C ARG D 266 21.82 -7.36 15.19
N VAL D 267 21.55 -6.05 15.27
CA VAL D 267 22.29 -5.19 16.19
C VAL D 267 22.13 -5.68 17.62
N GLN D 268 21.14 -6.51 17.88
CA GLN D 268 20.96 -7.09 19.22
C GLN D 268 22.23 -7.76 19.73
N GLN D 269 23.06 -8.29 18.82
CA GLN D 269 24.30 -8.91 19.25
C GLN D 269 25.23 -7.90 19.92
N PHE D 270 25.31 -6.69 19.36
CA PHE D 270 26.14 -5.66 19.97
C PHE D 270 25.47 -5.08 21.20
N ILE D 271 24.13 -4.93 21.17
CA ILE D 271 23.41 -4.49 22.36
C ILE D 271 23.67 -5.46 23.51
N ASN D 272 23.47 -6.75 23.27
CA ASN D 272 23.69 -7.74 24.33
C ASN D 272 25.08 -7.61 24.94
N GLY D 273 26.10 -7.51 24.08
CA GLY D 273 27.46 -7.44 24.59
C GLY D 273 27.69 -6.26 25.52
N MET D 274 27.09 -5.11 25.21
CA MET D 274 27.24 -3.93 26.04
C MET D 274 26.42 -4.02 27.31
N GLU D 275 25.21 -4.58 27.23
CA GLU D 275 24.34 -4.67 28.41
C GLU D 275 24.82 -5.74 29.38
N GLU D 276 25.54 -6.76 28.89
CA GLU D 276 26.06 -7.80 29.75
C GLU D 276 27.36 -7.42 30.45
N ARG D 277 27.95 -6.27 30.08
CA ARG D 277 29.19 -5.80 30.68
C ARG D 277 28.97 -4.39 31.23
N GLU D 278 29.26 -4.20 32.51
CA GLU D 278 29.11 -2.87 33.10
C GLU D 278 30.05 -1.88 32.43
N LYS D 279 31.34 -2.20 32.38
CA LYS D 279 32.32 -1.42 31.64
C LYS D 279 33.07 -2.34 30.69
N VAL D 280 33.63 -1.74 29.64
CA VAL D 280 34.27 -2.49 28.56
C VAL D 280 35.62 -1.88 28.26
N ASP D 281 36.52 -2.72 27.75
CA ASP D 281 37.78 -2.29 27.17
C ASP D 281 37.87 -2.82 25.73
N LEU D 282 38.98 -2.52 25.06
CA LEU D 282 39.12 -2.93 23.67
C LEU D 282 38.99 -4.43 23.50
N GLU D 283 39.52 -5.19 24.47
CA GLU D 283 39.39 -6.65 24.41
C GLU D 283 37.93 -7.08 24.47
N ASP D 284 37.12 -6.39 25.27
CA ASP D 284 35.68 -6.68 25.30
C ASP D 284 35.04 -6.42 23.94
N LEU D 285 35.39 -5.29 23.31
CA LEU D 285 34.82 -4.99 22.01
C LEU D 285 35.17 -6.07 20.98
N ASN D 286 36.39 -6.59 21.08
CA ASN D 286 36.80 -7.69 20.20
C ASN D 286 35.94 -8.92 20.45
N GLU D 287 35.67 -9.22 21.71
CA GLU D 287 34.79 -10.34 22.04
C GLU D 287 33.41 -10.13 21.48
N ILE D 288 32.90 -8.91 21.52
CA ILE D 288 31.58 -8.62 20.97
C ILE D 288 31.59 -8.79 19.46
N ASN D 289 32.62 -8.24 18.80
CA ASN D 289 32.77 -8.44 17.36
C ASN D 289 32.83 -9.93 17.02
N TYR D 290 33.52 -10.72 17.85
CA TYR D 290 33.60 -12.16 17.63
C TYR D 290 32.23 -12.80 17.73
N THR D 291 31.48 -12.47 18.78
CA THR D 291 30.12 -13.00 18.93
C THR D 291 29.26 -12.66 17.72
N ALA D 292 29.24 -11.39 17.32
CA ALA D 292 28.43 -10.98 16.19
C ALA D 292 28.86 -11.66 14.90
N SER D 293 30.17 -11.93 14.76
CA SER D 293 30.67 -12.50 13.51
C SER D 293 30.26 -13.96 13.33
N PHE D 294 30.01 -14.68 14.43
CA PHE D 294 29.67 -16.09 14.37
C PHE D 294 28.28 -16.43 14.90
N ALA D 295 27.51 -15.43 15.33
CA ALA D 295 26.20 -15.69 15.91
C ALA D 295 25.23 -16.22 14.86
N GLN D 296 24.47 -17.24 15.23
CA GLN D 296 23.25 -17.62 14.51
C GLN D 296 22.20 -16.62 14.96
N LEU D 297 21.89 -15.65 14.09
CA LEU D 297 21.16 -14.46 14.51
C LEU D 297 19.73 -14.76 14.93
N ARG D 298 19.12 -15.81 14.35
CA ARG D 298 17.77 -16.19 14.74
C ARG D 298 17.68 -16.68 16.18
N THR D 299 18.81 -16.95 16.84
CA THR D 299 18.74 -17.53 18.19
C THR D 299 18.15 -16.56 19.20
N HIS D 300 18.41 -15.26 19.07
CA HIS D 300 18.09 -14.34 20.16
C HIS D 300 16.62 -14.41 20.51
N TYR D 301 15.74 -14.29 19.51
CA TYR D 301 14.30 -14.33 19.77
C TYR D 301 13.70 -15.71 19.57
N PHE D 302 14.21 -16.51 18.64
CA PHE D 302 13.54 -17.76 18.31
C PHE D 302 13.97 -18.94 19.17
N LYS D 303 15.21 -18.98 19.65
CA LYS D 303 15.62 -20.11 20.49
C LYS D 303 14.83 -20.14 21.79
N PRO D 304 14.69 -19.04 22.54
CA PRO D 304 13.86 -19.10 23.76
C PRO D 304 12.43 -19.51 23.47
N LEU D 305 11.88 -19.07 22.35
CA LEU D 305 10.54 -19.49 21.96
C LEU D 305 10.49 -20.98 21.68
N LEU D 306 11.46 -21.49 20.90
CA LEU D 306 11.52 -22.91 20.62
C LEU D 306 11.67 -23.73 21.90
N ILE D 307 12.58 -23.31 22.78
CA ILE D 307 12.82 -24.06 24.02
C ILE D 307 11.54 -24.14 24.84
N GLU D 308 10.79 -23.05 24.91
CA GLU D 308 9.57 -23.04 25.70
C GLU D 308 8.52 -23.98 25.12
N VAL D 309 8.35 -23.95 23.79
CA VAL D 309 7.39 -24.84 23.16
C VAL D 309 7.80 -26.29 23.36
N LEU D 310 9.10 -26.59 23.26
CA LEU D 310 9.57 -27.96 23.49
C LEU D 310 9.30 -28.39 24.92
N LYS D 311 9.55 -27.50 25.88
CA LYS D 311 9.28 -27.84 27.28
C LYS D 311 7.81 -28.16 27.50
N GLU D 312 6.91 -27.33 26.94
CA GLU D 312 5.49 -27.52 27.15
C GLU D 312 4.96 -28.78 26.49
N ASN D 313 5.63 -29.27 25.44
CA ASN D 313 5.26 -30.51 24.76
C ASN D 313 6.27 -31.61 25.00
N GLN D 314 7.01 -31.53 26.11
CA GLN D 314 8.15 -32.40 26.34
C GLN D 314 7.72 -33.85 26.48
N SER D 315 6.59 -34.12 27.14
CA SER D 315 6.14 -35.49 27.32
C SER D 315 5.70 -36.14 26.01
N ASP D 316 5.51 -35.35 24.96
CA ASP D 316 4.98 -35.85 23.70
C ASP D 316 6.05 -36.42 22.76
N ASN D 317 7.33 -36.21 23.07
CA ASN D 317 8.41 -36.72 22.23
C ASN D 317 9.61 -37.02 23.11
N GLU D 318 10.17 -38.22 22.95
CA GLU D 318 11.24 -38.69 23.82
C GLU D 318 12.55 -37.95 23.61
N SER D 319 12.78 -37.39 22.43
CA SER D 319 14.04 -36.74 22.12
C SER D 319 14.14 -35.32 22.66
N TYR D 320 13.05 -34.76 23.17
CA TYR D 320 13.00 -33.34 23.50
C TYR D 320 13.86 -32.99 24.72
N PRO D 321 13.87 -33.80 25.78
CA PRO D 321 14.74 -33.45 26.93
C PRO D 321 16.20 -33.24 26.52
N TYR D 322 16.76 -34.16 25.73
CA TYR D 322 18.13 -33.98 25.23
C TYR D 322 18.22 -32.76 24.35
N LEU D 323 17.27 -32.60 23.42
CA LEU D 323 17.28 -31.44 22.53
C LEU D 323 17.20 -30.14 23.32
N ILE D 324 16.35 -30.11 24.35
CA ILE D 324 16.23 -28.92 25.18
C ILE D 324 17.55 -28.61 25.87
N LYS D 325 18.21 -29.64 26.42
CA LYS D 325 19.46 -29.41 27.12
C LYS D 325 20.54 -28.88 26.18
N GLN D 326 20.62 -29.44 24.97
CA GLN D 326 21.63 -28.97 24.02
C GLN D 326 21.38 -27.53 23.60
N LEU D 327 20.11 -27.16 23.39
CA LEU D 327 19.79 -25.79 22.99
C LEU D 327 20.15 -24.81 24.09
N GLU D 328 19.90 -25.18 25.35
CA GLU D 328 20.15 -24.27 26.46
C GLU D 328 21.64 -24.07 26.70
N GLN D 329 22.44 -25.13 26.55
CA GLN D 329 23.88 -25.04 26.74
C GLN D 329 24.58 -24.39 25.56
N TRP D 330 23.93 -24.34 24.40
CA TRP D 330 24.53 -23.76 23.21
C TRP D 330 24.68 -22.25 23.37
N ASN D 331 25.90 -21.75 23.11
CA ASN D 331 26.16 -20.33 23.19
C ASN D 331 25.72 -19.55 21.95
N ASN D 332 24.90 -20.16 21.08
CA ASN D 332 24.27 -19.52 19.93
C ASN D 332 25.25 -19.17 18.82
N LEU D 333 26.48 -19.66 18.87
CA LEU D 333 27.46 -19.37 17.84
C LEU D 333 27.65 -20.55 16.91
N LYS D 334 28.06 -20.25 15.68
CA LYS D 334 28.62 -21.21 14.75
C LYS D 334 30.09 -20.82 14.61
N GLU D 335 30.92 -21.39 15.47
CA GLU D 335 32.32 -21.04 15.62
C GLU D 335 33.17 -22.30 15.47
N ASP D 336 34.49 -22.10 15.31
CA ASP D 336 35.45 -23.22 15.21
C ASP D 336 36.65 -22.89 16.11
N LYS D 337 36.48 -23.08 17.42
CA LYS D 337 37.53 -22.72 18.36
C LYS D 337 38.74 -23.64 18.24
N ASN D 338 38.51 -24.94 18.04
CA ASN D 338 39.60 -25.91 17.99
C ASN D 338 40.16 -26.10 16.58
N LYS D 339 39.70 -25.32 15.60
CA LYS D 339 40.32 -25.27 14.28
C LYS D 339 40.32 -26.64 13.60
N ASP D 340 39.24 -27.40 13.77
CA ASP D 340 39.13 -28.71 13.14
C ASP D 340 38.26 -28.69 11.88
N GLY D 341 37.80 -27.52 11.46
CA GLY D 341 36.97 -27.41 10.27
C GLY D 341 35.51 -27.72 10.49
N LEU D 342 35.10 -27.97 11.73
CA LEU D 342 33.70 -28.24 12.06
C LEU D 342 33.20 -27.18 13.04
N TYR D 343 31.94 -26.81 12.90
CA TYR D 343 31.32 -25.96 13.91
C TYR D 343 31.22 -26.71 15.22
N ASP D 344 31.50 -26.01 16.32
CA ASP D 344 31.73 -26.69 17.59
C ASP D 344 30.44 -27.26 18.17
N ALA D 345 29.32 -26.57 17.99
CA ALA D 345 28.04 -26.98 18.56
C ALA D 345 27.21 -27.66 17.46
N GLY D 346 26.99 -28.96 17.62
CA GLY D 346 26.17 -29.69 16.67
C GLY D 346 24.72 -29.26 16.68
N VAL D 347 24.22 -28.79 17.83
CA VAL D 347 22.82 -28.39 17.90
C VAL D 347 22.54 -27.17 17.02
N ALA D 348 23.59 -26.46 16.59
CA ALA D 348 23.40 -25.39 15.62
C ALA D 348 22.89 -25.92 14.28
N ALA D 349 23.31 -27.14 13.91
CA ALA D 349 22.79 -27.76 12.70
C ALA D 349 21.29 -28.02 12.82
N PHE D 350 20.85 -28.52 13.98
CA PHE D 350 19.41 -28.67 14.21
C PHE D 350 18.70 -27.33 14.06
N PHE D 351 19.26 -26.28 14.68
CA PHE D 351 18.59 -24.99 14.69
C PHE D 351 18.51 -24.39 13.29
N ASP D 352 19.60 -24.49 12.53
CA ASP D 352 19.57 -24.07 11.13
C ASP D 352 18.45 -24.76 10.37
N LYS D 353 18.32 -26.08 10.56
CA LYS D 353 17.26 -26.83 9.89
C LYS D 353 15.90 -26.38 10.37
N TRP D 354 15.70 -26.33 11.69
CA TRP D 354 14.41 -25.96 12.23
C TRP D 354 13.95 -24.62 11.69
N TRP D 355 14.85 -23.63 11.67
CA TRP D 355 14.48 -22.32 11.17
C TRP D 355 14.09 -22.38 9.69
N SER D 356 14.89 -23.08 8.89
CA SER D 356 14.62 -23.14 7.46
C SER D 356 13.25 -23.78 7.20
N ILE D 357 12.96 -24.89 7.88
CA ILE D 357 11.67 -25.53 7.75
C ILE D 357 10.56 -24.62 8.27
N THR D 358 10.79 -23.96 9.40
CA THR D 358 9.75 -23.13 10.00
C THR D 358 9.40 -21.96 9.08
N HIS D 359 10.40 -21.28 8.54
CA HIS D 359 10.14 -20.14 7.67
C HIS D 359 9.34 -20.54 6.45
N ASP D 360 9.70 -21.67 5.82
CA ASP D 360 8.98 -22.11 4.63
C ASP D 360 7.56 -22.53 4.99
N GLU D 361 7.37 -23.22 6.12
CA GLU D 361 6.03 -23.62 6.51
CA GLU D 361 6.03 -23.61 6.55
C GLU D 361 5.15 -22.41 6.83
N LEU D 362 5.76 -21.28 7.21
CA LEU D 362 4.98 -20.06 7.48
C LEU D 362 4.53 -19.37 6.20
N PHE D 363 5.41 -19.24 5.20
CA PHE D 363 5.19 -18.32 4.09
C PHE D 363 5.16 -18.95 2.71
N ALA D 364 5.72 -20.15 2.52
CA ALA D 364 5.84 -20.71 1.19
C ALA D 364 4.52 -20.73 0.45
N GLN D 365 3.42 -20.91 1.18
CA GLN D 365 2.11 -21.14 0.58
C GLN D 365 1.32 -19.83 0.55
N PRO D 366 1.25 -19.07 1.64
CA PRO D 366 0.57 -17.76 1.56
C PRO D 366 1.22 -16.80 0.59
N LEU D 367 2.56 -16.81 0.49
CA LEU D 367 3.29 -15.85 -0.33
C LEU D 367 3.91 -16.48 -1.57
N GLY D 368 3.39 -17.64 -2.01
CA GLY D 368 3.97 -18.30 -3.15
C GLY D 368 3.91 -17.47 -4.42
N SER D 369 2.96 -16.55 -4.51
CA SER D 369 2.84 -15.68 -5.68
C SER D 369 3.88 -14.57 -5.70
N VAL D 370 4.58 -14.32 -4.60
CA VAL D 370 5.53 -13.22 -4.51
C VAL D 370 6.80 -13.67 -3.79
N SER D 371 7.00 -14.98 -3.67
CA SER D 371 8.09 -15.48 -2.85
C SER D 371 9.44 -15.01 -3.37
N ASN D 372 9.59 -14.89 -4.70
CA ASN D 372 10.85 -14.41 -5.24
C ASN D 372 11.17 -13.00 -4.76
N LEU D 373 10.16 -12.22 -4.38
CA LEU D 373 10.36 -10.87 -3.90
C LEU D 373 10.28 -10.74 -2.38
N THR D 374 9.56 -11.64 -1.71
CA THR D 374 9.33 -11.50 -0.27
C THR D 374 10.26 -12.34 0.59
N GLN D 375 10.94 -13.34 0.03
CA GLN D 375 11.81 -14.16 0.86
C GLN D 375 12.92 -13.32 1.48
N GLU D 376 13.48 -12.37 0.73
CA GLU D 376 14.48 -11.47 1.29
CA GLU D 376 14.48 -11.47 1.30
C GLU D 376 13.89 -10.57 2.38
N ILE D 377 12.57 -10.48 2.48
CA ILE D 377 11.92 -9.70 3.51
C ILE D 377 11.62 -10.54 4.74
N THR D 378 10.98 -11.70 4.54
CA THR D 378 10.60 -12.54 5.67
C THR D 378 11.78 -13.31 6.25
N ASP D 379 12.82 -13.54 5.46
CA ASP D 379 14.05 -14.17 5.93
C ASP D 379 15.21 -13.21 5.75
N HIS D 380 15.06 -11.98 6.26
CA HIS D 380 15.99 -10.90 5.97
C HIS D 380 17.34 -11.14 6.65
N ARG D 381 18.39 -10.52 6.08
CA ARG D 381 19.73 -10.64 6.62
C ARG D 381 19.82 -10.16 8.07
N TYR D 382 18.98 -9.20 8.46
CA TYR D 382 19.07 -8.59 9.77
C TYR D 382 18.11 -9.20 10.79
N GLY D 383 17.15 -10.01 10.37
CA GLY D 383 16.16 -10.55 11.28
C GLY D 383 14.93 -11.03 10.54
N ALA D 384 14.00 -11.60 11.32
CA ALA D 384 12.75 -12.15 10.81
C ALA D 384 11.61 -11.71 11.74
N THR D 385 11.35 -10.40 11.77
CA THR D 385 10.40 -9.83 12.72
C THR D 385 9.00 -10.43 12.55
N LEU D 386 8.48 -10.47 11.33
CA LEU D 386 7.12 -10.95 11.12
C LEU D 386 6.99 -12.42 11.51
N ALA D 387 7.95 -13.25 11.10
CA ALA D 387 7.95 -14.64 11.51
C ALA D 387 7.87 -14.76 13.03
N TYR D 388 8.70 -13.99 13.75
CA TYR D 388 8.68 -14.07 15.21
C TYR D 388 7.32 -13.68 15.76
N LYS D 389 6.75 -12.58 15.27
CA LYS D 389 5.45 -12.13 15.77
C LYS D 389 4.39 -13.20 15.57
N ILE D 390 4.39 -13.85 14.40
CA ILE D 390 3.42 -14.90 14.13
C ILE D 390 3.62 -16.07 15.08
N LEU D 391 4.86 -16.51 15.25
CA LEU D 391 5.13 -17.68 16.09
C LEU D 391 4.90 -17.36 17.57
N ALA D 392 5.22 -16.14 18.00
CA ALA D 392 5.05 -15.76 19.40
C ALA D 392 3.61 -15.36 19.73
N GLY D 393 2.70 -15.36 18.76
CA GLY D 393 1.34 -14.96 19.03
C GLY D 393 1.15 -13.48 19.24
N GLU D 394 2.07 -12.66 18.73
CA GLU D 394 1.98 -11.22 18.91
C GLU D 394 1.16 -10.61 17.78
N GLU D 395 0.72 -9.37 18.02
CA GLU D 395 -0.29 -8.75 17.16
C GLU D 395 0.27 -8.49 15.76
N THR D 396 -0.51 -8.84 14.75
CA THR D 396 -0.17 -8.60 13.35
C THR D 396 -1.37 -7.99 12.65
N ASN D 397 -1.11 -7.31 11.53
CA ASN D 397 -2.19 -6.68 10.78
C ASN D 397 -3.04 -7.73 10.07
N TYR D 398 -2.40 -8.76 9.52
CA TYR D 398 -3.08 -9.85 8.84
C TYR D 398 -3.16 -11.07 9.76
N PRO D 399 -4.32 -11.73 9.87
CA PRO D 399 -4.39 -12.94 10.74
C PRO D 399 -3.79 -14.17 10.07
N TRP D 400 -2.46 -14.25 10.12
CA TRP D 400 -1.75 -15.34 9.45
C TRP D 400 -2.19 -16.70 9.99
N MET D 401 -2.26 -16.84 11.32
CA MET D 401 -2.68 -18.09 11.93
C MET D 401 -2.84 -17.86 13.43
N SER D 402 -3.56 -18.76 14.07
CA SER D 402 -3.72 -18.70 15.51
C SER D 402 -2.41 -19.06 16.20
N LYS D 403 -2.37 -18.79 17.51
CA LYS D 403 -1.20 -19.14 18.30
C LYS D 403 -1.01 -20.66 18.37
N GLU D 404 -2.11 -21.42 18.34
CA GLU D 404 -2.00 -22.87 18.38
C GLU D 404 -1.43 -23.43 17.07
N GLU D 405 -1.91 -22.92 15.94
CA GLU D 405 -1.36 -23.35 14.65
C GLU D 405 0.12 -23.04 14.56
N ALA D 406 0.54 -21.91 15.12
CA ALA D 406 1.97 -21.58 15.13
C ALA D 406 2.74 -22.53 16.04
N GLU D 407 2.19 -22.87 17.20
CA GLU D 407 2.83 -23.86 18.06
C GLU D 407 3.03 -25.18 17.32
N GLN D 408 2.03 -25.60 16.53
CA GLN D 408 2.13 -26.87 15.82
C GLN D 408 3.24 -26.81 14.78
N ILE D 409 3.40 -25.67 14.10
CA ILE D 409 4.47 -25.52 13.12
C ILE D 409 5.82 -25.65 13.80
N ILE D 410 5.99 -24.98 14.95
CA ILE D 410 7.25 -25.06 15.69
C ILE D 410 7.56 -26.51 16.04
N ILE D 411 6.56 -27.26 16.50
CA ILE D 411 6.77 -28.65 16.88
C ILE D 411 7.04 -29.51 15.64
N ASN D 412 6.19 -29.40 14.63
CA ASN D 412 6.37 -30.17 13.41
C ASN D 412 7.74 -29.92 12.79
N SER D 413 8.14 -28.65 12.71
CA SER D 413 9.45 -28.33 12.15
C SER D 413 10.57 -28.92 13.00
N ALA D 414 10.42 -28.86 14.32
CA ALA D 414 11.41 -29.47 15.20
C ALA D 414 11.47 -30.98 14.98
N ASP D 415 10.31 -31.64 14.87
CA ASP D 415 10.29 -33.07 14.63
C ASP D 415 10.91 -33.40 13.27
N GLN D 416 10.60 -32.60 12.25
CA GLN D 416 11.14 -32.85 10.92
C GLN D 416 12.65 -32.69 10.90
N ALA D 417 13.17 -31.65 11.57
CA ALA D 417 14.61 -31.44 11.63
C ALA D 417 15.30 -32.57 12.39
N LEU D 418 14.69 -33.03 13.48
CA LEU D 418 15.24 -34.16 14.21
C LEU D 418 15.27 -35.42 13.35
N ALA D 419 14.15 -35.71 12.68
CA ALA D 419 14.09 -36.88 11.81
C ALA D 419 15.22 -36.86 10.79
N GLU D 420 15.42 -35.71 10.14
CA GLU D 420 16.45 -35.61 9.12
C GLU D 420 17.83 -35.88 9.72
N LEU D 421 18.11 -35.30 10.89
CA LEU D 421 19.41 -35.53 11.53
C LEU D 421 19.58 -36.99 11.95
N HIS D 422 18.54 -37.59 12.52
CA HIS D 422 18.63 -39.00 12.90
C HIS D 422 18.89 -39.88 11.68
N GLU D 423 18.23 -39.58 10.56
CA GLU D 423 18.36 -40.41 9.38
C GLU D 423 19.72 -40.23 8.71
N GLU D 424 20.32 -39.05 8.82
CA GLU D 424 21.47 -38.68 8.02
C GLU D 424 22.77 -38.56 8.80
N LYS D 425 22.72 -38.19 10.09
CA LYS D 425 23.93 -37.86 10.83
C LYS D 425 24.11 -38.68 12.10
N GLY D 426 23.08 -38.86 12.89
CA GLY D 426 23.18 -39.64 14.10
C GLY D 426 22.24 -39.11 15.16
N THR D 427 22.33 -39.69 16.36
CA THR D 427 21.46 -39.33 17.46
C THR D 427 22.08 -38.30 18.41
N LYS D 428 23.39 -38.07 18.35
CA LYS D 428 24.08 -37.20 19.28
C LYS D 428 24.47 -35.90 18.58
N ALA D 429 24.48 -34.82 19.37
CA ALA D 429 24.75 -33.50 18.82
C ALA D 429 26.09 -33.45 18.10
N GLU D 430 27.11 -34.12 18.65
CA GLU D 430 28.42 -34.10 18.01
C GLU D 430 28.37 -34.69 16.61
N ASN D 431 27.44 -35.63 16.37
CA ASN D 431 27.27 -36.17 15.02
C ASN D 431 26.74 -35.13 14.05
N TRP D 432 26.04 -34.11 14.54
CA TRP D 432 25.39 -33.13 13.70
C TRP D 432 26.31 -31.99 13.28
N ARG D 433 27.49 -31.87 13.88
CA ARG D 433 28.36 -30.73 13.61
C ARG D 433 28.66 -30.62 12.12
N MET D 434 28.47 -29.42 11.59
CA MET D 434 28.62 -29.18 10.16
C MET D 434 30.00 -28.63 9.84
N PRO D 435 30.59 -29.01 8.71
CA PRO D 435 31.82 -28.35 8.27
C PRO D 435 31.60 -26.86 8.08
N ILE D 436 32.65 -26.08 8.32
CA ILE D 436 32.53 -24.63 8.33
C ILE D 436 32.23 -24.11 6.94
N ASP D 437 31.40 -23.07 6.86
CA ASP D 437 31.29 -22.30 5.65
C ASP D 437 32.55 -21.47 5.47
N THR D 438 32.99 -21.33 4.22
CA THR D 438 34.22 -20.61 3.92
C THR D 438 33.96 -19.53 2.89
N MET D 439 34.90 -18.59 2.82
CA MET D 439 34.84 -17.49 1.87
C MET D 439 36.25 -17.21 1.38
N THR D 440 36.33 -16.58 0.21
CA THR D 440 37.59 -16.13 -0.35
C THR D 440 37.51 -14.65 -0.65
N PHE D 441 38.66 -14.02 -0.79
CA PHE D 441 38.74 -12.65 -1.26
C PHE D 441 38.69 -12.69 -2.79
N GLY D 442 37.52 -12.40 -3.34
CA GLY D 442 37.27 -12.57 -4.75
C GLY D 442 37.74 -11.38 -5.58
N GLU D 443 37.38 -11.43 -6.86
CA GLU D 443 37.89 -10.47 -7.83
C GLU D 443 36.89 -9.39 -8.21
N THR D 444 35.64 -9.47 -7.73
CA THR D 444 34.61 -8.52 -8.10
C THR D 444 33.88 -8.05 -6.85
N SER D 445 33.76 -6.73 -6.70
CA SER D 445 33.18 -6.13 -5.52
C SER D 445 31.74 -5.71 -5.76
N LEU D 446 31.17 -5.05 -4.77
CA LEU D 446 29.80 -4.57 -4.82
C LEU D 446 29.53 -3.65 -6.01
N ILE D 447 30.57 -3.05 -6.62
CA ILE D 447 30.33 -2.19 -7.78
C ILE D 447 30.08 -2.99 -9.04
N GLY D 448 30.14 -4.32 -8.98
CA GLY D 448 29.77 -5.15 -10.12
C GLY D 448 30.74 -5.13 -11.27
N VAL D 449 32.00 -4.80 -11.03
CA VAL D 449 33.02 -4.73 -12.07
C VAL D 449 34.28 -5.43 -11.57
N GLN D 450 34.78 -6.39 -12.34
CA GLN D 450 36.03 -7.04 -11.99
C GLN D 450 37.15 -6.00 -11.93
N HIS D 451 37.85 -5.95 -10.80
CA HIS D 451 38.93 -4.98 -10.58
C HIS D 451 40.27 -5.65 -10.33
N GLY D 452 40.37 -6.96 -10.52
CA GLY D 452 41.59 -7.67 -10.26
C GLY D 452 41.41 -9.15 -10.44
N TYR D 453 42.31 -9.93 -9.87
CA TYR D 453 42.28 -11.38 -9.98
C TYR D 453 41.89 -12.08 -8.69
N GLY D 454 41.57 -11.33 -7.64
CA GLY D 454 41.11 -11.96 -6.42
C GLY D 454 42.18 -12.83 -5.76
N SER D 455 41.70 -13.74 -4.92
CA SER D 455 42.54 -14.65 -4.17
C SER D 455 41.86 -16.00 -4.06
N ASP D 456 42.66 -17.04 -3.91
CA ASP D 456 42.16 -18.41 -3.82
C ASP D 456 42.14 -18.95 -2.40
N THR D 457 42.82 -18.29 -1.47
CA THR D 457 42.96 -18.82 -0.11
C THR D 457 41.63 -18.73 0.62
N PRO D 458 41.03 -19.85 1.02
CA PRO D 458 39.75 -19.78 1.74
C PRO D 458 39.94 -19.70 3.24
N ILE D 459 39.05 -18.92 3.88
CA ILE D 459 39.03 -18.77 5.32
C ILE D 459 37.60 -18.95 5.80
N ILE D 460 37.44 -19.15 7.11
CA ILE D 460 36.12 -19.35 7.68
C ILE D 460 35.26 -18.12 7.42
N GLU D 461 33.99 -18.36 7.10
CA GLU D 461 33.07 -17.25 6.85
C GLU D 461 32.77 -16.51 8.15
N MET D 462 32.70 -15.19 8.05
CA MET D 462 32.45 -14.34 9.22
C MET D 462 31.50 -13.22 8.82
N ASN D 463 30.50 -12.97 9.64
CA ASN D 463 29.56 -11.86 9.43
C ASN D 463 30.18 -10.63 10.07
N ARG D 464 31.14 -10.04 9.36
CA ARG D 464 32.14 -9.19 9.97
C ARG D 464 32.60 -8.13 8.98
N GLY D 465 33.10 -7.02 9.52
CA GLY D 465 33.59 -5.94 8.67
C GLY D 465 34.75 -6.37 7.79
N SER D 466 34.85 -5.71 6.64
CA SER D 466 35.97 -5.93 5.73
C SER D 466 37.28 -5.42 6.31
N GLU D 467 37.21 -4.60 7.35
CA GLU D 467 38.35 -4.24 8.18
C GLU D 467 37.81 -3.98 9.57
N ASN D 468 38.73 -3.95 10.56
CA ASN D 468 38.38 -3.59 11.92
C ASN D 468 39.44 -2.68 12.48
N HIS D 469 39.02 -1.56 13.06
CA HIS D 469 39.85 -0.77 13.96
C HIS D 469 39.30 -0.88 15.37
N TYR D 470 40.20 -1.05 16.33
CA TYR D 470 39.90 -0.94 17.76
C TYR D 470 40.73 0.22 18.28
N LEU D 471 40.07 1.30 18.69
CA LEU D 471 40.77 2.53 19.03
C LEU D 471 40.38 3.01 20.42
N GLU D 472 41.36 3.50 21.16
CA GLU D 472 41.16 4.08 22.48
C GLU D 472 41.81 5.45 22.50
N MET D 473 41.02 6.48 22.80
CA MET D 473 41.50 7.86 22.76
C MET D 473 42.07 8.19 24.13
N THR D 474 43.35 7.87 24.32
CA THR D 474 44.05 8.21 25.54
C THR D 474 44.32 9.71 25.57
N PRO D 475 44.65 10.25 26.75
CA PRO D 475 45.03 11.68 26.81
C PRO D 475 46.16 12.04 25.88
N SER D 476 47.07 11.11 25.59
CA SER D 476 48.22 11.38 24.73
C SER D 476 48.02 10.83 23.32
N GLY D 477 46.78 10.50 22.93
CA GLY D 477 46.47 10.23 21.56
C GLY D 477 45.83 8.88 21.33
N PRO D 478 45.46 8.60 20.08
CA PRO D 478 44.80 7.32 19.76
C PRO D 478 45.78 6.16 19.83
N LYS D 479 45.31 5.05 20.39
CA LYS D 479 46.06 3.81 20.41
C LYS D 479 45.11 2.65 20.13
N GLY D 480 45.68 1.53 19.75
CA GLY D 480 44.90 0.32 19.57
C GLY D 480 45.52 -0.56 18.50
N PHE D 481 44.63 -1.24 17.76
CA PHE D 481 45.05 -2.26 16.81
C PHE D 481 43.96 -2.41 15.77
N ASN D 482 44.35 -2.92 14.59
CA ASN D 482 43.41 -3.03 13.49
C ASN D 482 43.88 -4.13 12.55
N ILE D 483 43.09 -4.34 11.50
CA ILE D 483 43.43 -5.31 10.46
C ILE D 483 42.72 -4.87 9.19
N THR D 484 43.41 -4.98 8.05
CA THR D 484 42.90 -4.48 6.77
C THR D 484 43.19 -5.51 5.69
N PRO D 485 42.52 -6.66 5.75
CA PRO D 485 42.74 -7.71 4.75
C PRO D 485 42.26 -7.25 3.37
N PRO D 486 42.71 -7.92 2.30
CA PRO D 486 43.65 -9.05 2.33
C PRO D 486 45.09 -8.59 2.54
N GLY D 487 45.37 -7.35 2.17
CA GLY D 487 46.73 -6.84 2.21
C GLY D 487 46.76 -5.43 1.64
N GLN D 488 47.92 -4.79 1.80
CA GLN D 488 48.04 -3.39 1.40
C GLN D 488 48.11 -3.23 -0.11
N VAL D 489 48.86 -4.10 -0.79
CA VAL D 489 49.30 -3.86 -2.15
C VAL D 489 48.60 -4.83 -3.09
N GLY D 490 48.10 -4.31 -4.21
CA GLY D 490 47.42 -5.10 -5.20
C GLY D 490 48.25 -5.47 -6.41
N PHE D 491 49.53 -5.08 -6.42
CA PHE D 491 50.36 -5.31 -7.60
C PHE D 491 50.68 -6.79 -7.78
N ILE D 492 50.62 -7.24 -9.02
CA ILE D 492 51.00 -8.60 -9.40
C ILE D 492 52.10 -8.49 -10.44
N HIS D 493 53.23 -9.12 -10.17
CA HIS D 493 54.36 -9.04 -11.08
C HIS D 493 54.03 -9.69 -12.42
N LYS D 494 54.62 -9.14 -13.49
CA LYS D 494 54.45 -9.71 -14.82
C LYS D 494 54.74 -11.21 -14.82
N ASP D 495 55.66 -11.65 -13.96
CA ASP D 495 55.96 -13.07 -13.83
C ASP D 495 54.76 -13.88 -13.34
N GLY D 496 53.81 -13.23 -12.67
CA GLY D 496 52.64 -13.90 -12.16
C GLY D 496 52.61 -14.05 -10.65
N THR D 497 53.67 -13.66 -9.96
CA THR D 497 53.73 -13.74 -8.51
C THR D 497 53.20 -12.45 -7.90
N VAL D 498 52.39 -12.59 -6.85
CA VAL D 498 51.78 -11.43 -6.22
C VAL D 498 52.80 -10.77 -5.28
N SER D 499 52.58 -9.48 -5.02
CA SER D 499 53.35 -8.75 -4.03
C SER D 499 53.38 -9.49 -2.71
N GLU D 500 54.42 -9.25 -1.92
CA GLU D 500 54.50 -9.82 -0.59
C GLU D 500 53.36 -9.34 0.28
N HIS D 501 52.80 -8.16 -0.02
CA HIS D 501 51.71 -7.59 0.76
C HIS D 501 50.37 -7.68 0.03
N TYR D 502 50.19 -8.74 -0.77
CA TYR D 502 48.94 -8.93 -1.49
C TYR D 502 47.89 -9.61 -0.61
N GLU D 503 48.31 -10.59 0.21
CA GLU D 503 47.38 -11.29 1.08
C GLU D 503 48.04 -11.68 2.40
N ASP D 504 49.01 -10.91 2.87
CA ASP D 504 49.73 -11.23 4.10
C ASP D 504 48.96 -10.81 5.36
N GLN D 505 47.70 -10.38 5.22
CA GLN D 505 46.83 -10.15 6.36
C GLN D 505 45.62 -11.08 6.36
N VAL D 506 45.50 -11.99 5.39
CA VAL D 506 44.32 -12.85 5.31
C VAL D 506 44.26 -13.79 6.50
N GLN D 507 45.38 -14.44 6.83
CA GLN D 507 45.36 -15.42 7.91
C GLN D 507 45.16 -14.76 9.27
N MET D 508 45.79 -13.60 9.48
CA MET D 508 45.56 -12.86 10.73
C MET D 508 44.08 -12.54 10.89
N PHE D 509 43.45 -12.03 9.83
CA PHE D 509 42.01 -11.81 9.83
C PHE D 509 41.27 -13.07 10.27
N ALA D 510 41.55 -14.20 9.63
CA ALA D 510 40.86 -15.44 9.93
C ALA D 510 41.12 -15.90 11.36
N ASN D 511 42.27 -15.57 11.92
CA ASN D 511 42.68 -16.08 13.23
C ASN D 511 42.54 -15.05 14.35
N TRP D 512 41.85 -13.95 14.08
CA TRP D 512 41.57 -12.94 15.11
C TRP D 512 42.86 -12.43 15.75
N GLU D 513 43.88 -12.24 14.91
CA GLU D 513 45.10 -11.53 15.27
C GLU D 513 45.07 -10.16 14.61
N PHE D 514 45.73 -9.19 15.24
CA PHE D 514 45.72 -7.82 14.76
C PHE D 514 47.12 -7.24 14.81
N LYS D 515 47.33 -6.23 14.02
CA LYS D 515 48.56 -5.47 14.01
C LYS D 515 48.37 -4.15 14.75
N PRO D 516 49.44 -3.60 15.33
CA PRO D 516 49.27 -2.39 16.15
C PRO D 516 48.86 -1.18 15.32
N PHE D 517 48.03 -0.34 15.93
CA PHE D 517 47.72 0.97 15.35
C PHE D 517 48.92 1.89 15.52
N LEU D 518 49.46 2.39 14.40
CA LEU D 518 50.65 3.22 14.41
C LEU D 518 50.25 4.68 14.22
N PHE D 519 50.77 5.56 15.07
CA PHE D 519 50.36 6.95 15.02
C PHE D 519 51.53 7.91 15.26
N ASP D 520 52.24 7.78 16.38
CA ASP D 520 53.38 8.65 16.64
C ASP D 520 54.51 8.37 15.66
N ARG D 521 55.39 9.36 15.48
CA ARG D 521 56.53 9.15 14.59
C ARG D 521 57.47 8.10 15.16
N LYS D 522 57.63 8.07 16.47
CA LYS D 522 58.53 7.09 17.08
C LYS D 522 58.08 5.67 16.77
N GLU D 523 56.80 5.36 17.00
CA GLU D 523 56.30 4.03 16.73
C GLU D 523 56.13 3.78 15.23
N VAL D 524 56.03 4.83 14.42
CA VAL D 524 56.06 4.66 12.97
C VAL D 524 57.50 4.50 12.49
N ARG D 525 58.47 5.13 13.16
CA ARG D 525 59.87 4.94 12.81
C ARG D 525 60.33 3.53 13.13
N GLU D 526 59.98 3.03 14.31
CA GLU D 526 60.45 1.70 14.72
C GLU D 526 59.87 0.61 13.85
N ALA D 527 58.70 0.84 13.26
CA ALA D 527 58.07 -0.11 12.36
C ALA D 527 58.50 0.06 10.91
N ALA D 528 59.49 0.91 10.64
CA ALA D 528 59.84 1.27 9.28
C ALA D 528 60.66 0.16 8.62
N VAL D 529 60.24 -0.24 7.42
CA VAL D 529 60.98 -1.21 6.62
C VAL D 529 61.76 -0.48 5.54
N SER D 530 61.20 0.62 5.04
CA SER D 530 61.85 1.42 4.01
C SER D 530 61.46 2.87 4.18
N ILE D 531 62.40 3.77 3.91
CA ILE D 531 62.18 5.21 3.95
C ILE D 531 62.54 5.79 2.59
N THR D 532 61.68 6.65 2.06
CA THR D 532 61.80 7.11 0.69
C THR D 532 61.33 8.56 0.59
N ASP D 533 61.90 9.28 -0.36
CA ASP D 533 61.52 10.66 -0.65
C ASP D 533 60.74 10.73 -1.96
N LEU D 534 59.87 11.71 -2.06
CA LEU D 534 59.01 11.90 -3.23
C LEU D 534 58.82 13.39 -3.48
N ASN D 535 58.69 13.76 -4.75
CA ASN D 535 58.65 15.15 -5.16
C ASN D 535 57.45 15.39 -6.07
N VAL D 536 57.26 16.66 -6.47
CA VAL D 536 56.27 17.02 -7.47
C VAL D 536 56.69 16.43 -8.82
CA CA E . -29.15 20.69 13.79
CA CA F . -29.56 13.75 -16.27
CA CA G . -12.79 -24.38 -1.48
CA CA H . -55.25 -15.72 -4.32
CA CA I . -35.50 -25.99 -4.99
CA CA J . -52.79 -18.04 -2.92
C1 GOL K . -26.24 23.56 5.52
O1 GOL K . -26.18 23.04 6.82
C2 GOL K . -26.55 25.07 5.66
O2 GOL K . -26.19 25.55 6.92
C3 GOL K . -25.75 25.75 4.51
O3 GOL K . -26.29 25.27 3.32
H11 GOL K . -26.93 23.14 4.98
H12 GOL K . -25.41 23.44 5.03
HO1 GOL K . -26.02 23.69 7.33
H2 GOL K . -27.50 25.24 5.57
HO2 GOL K . -25.66 26.20 6.81
H31 GOL K . -24.81 25.55 4.62
H32 GOL K . -25.82 26.71 4.61
HO3 GOL K . -25.74 24.69 3.02
CA CA L . 37.45 11.04 -17.22
CA CA M . 11.90 6.38 -0.92
CA CA N . 35.40 -27.16 15.60
CA CA O . 30.67 10.83 34.11
CA CA P . 36.24 -8.97 29.50
CA CA Q . 38.32 10.18 30.76
#